data_2PN6
# 
_entry.id   2PN6 
# 
_audit_conform.dict_name       mmcif_pdbx.dic 
_audit_conform.dict_version    5.380 
_audit_conform.dict_location   http://mmcif.pdb.org/dictionaries/ascii/mmcif_pdbx.dic 
# 
loop_
_database_2.database_id 
_database_2.database_code 
_database_2.pdbx_database_accession 
_database_2.pdbx_DOI 
PDB   2PN6         pdb_00002pn6 10.2210/pdb2pn6/pdb 
RCSB  RCSB042563   ?            ?                   
WWPDB D_1000042563 ?            ?                   
# 
loop_
_pdbx_database_related.db_name 
_pdbx_database_related.db_id 
_pdbx_database_related.details 
_pdbx_database_related.content_type 
PDB      2E7W           'Wild type'                unspecified 
PDB      2E7X           'Complexed with Gln'       unspecified 
PDB      2EFN           'S32A mutant'              unspecified 
PDB      2EFO           'Y77A mutant'              unspecified 
PDB      2EFP           'Y77A complexed with Gln'  unspecified 
PDB      2PMH           'T132A mutant'             unspecified 
PDB      2EFQ           'T134A complexed with Gln' unspecified 
TargetDB sto001001022.9 .                          unspecified 
# 
_pdbx_database_status.status_code                     REL 
_pdbx_database_status.entry_id                        2PN6 
_pdbx_database_status.recvd_initial_deposition_date   2007-04-23 
_pdbx_database_status.deposit_site                    RCSB 
_pdbx_database_status.process_site                    PDBJ 
_pdbx_database_status.status_code_sf                  REL 
_pdbx_database_status.status_code_mr                  ? 
_pdbx_database_status.SG_entry                        Y 
_pdbx_database_status.pdb_format_compatible           Y 
_pdbx_database_status.status_code_cs                  ? 
_pdbx_database_status.methods_development_category    ? 
_pdbx_database_status.status_code_nmr_data            ? 
# 
loop_
_audit_author.name 
_audit_author.pdbx_ordinal 
'Kumarevel, T.S.'                                        1 
'Karthe, P.'                                             2 
'Nakano, N.'                                             3 
'Shinkai, A.'                                            4 
'Yokoyama, S.'                                           5 
'RIKEN Structural Genomics/Proteomics Initiative (RSGI)' 6 
# 
_citation.id                        primary 
_citation.title                     
;Crystal structure of glutamine receptor protein from Sulfolobus tokodaii strain 7 in complex with its effector L-glutamine: implications of effector binding in molecular association and DNA binding
;
_citation.journal_abbrev            'Nucleic Acids Res.' 
_citation.journal_volume            36 
_citation.page_first                4808 
_citation.page_last                 4820 
_citation.year                      2008 
_citation.journal_id_ASTM           NARHAD 
_citation.country                   UK 
_citation.journal_id_ISSN           0305-1048 
_citation.journal_id_CSD            0389 
_citation.book_publisher            ? 
_citation.pdbx_database_id_PubMed   18653535 
_citation.pdbx_database_id_DOI      10.1093/nar/gkn456 
# 
loop_
_citation_author.citation_id 
_citation_author.name 
_citation_author.ordinal 
_citation_author.identifier_ORCID 
primary 'Kumarevel, T.S.' 1 ? 
primary 'Nakano, N.'      2 ? 
primary 'Ponnuraj, K.'    3 ? 
primary 'Gopinath, S.C.'  4 ? 
primary 'Sakamoto, K.'    5 ? 
primary 'Shinkai, A.'     6 ? 
primary 'Kumar, P.K.'     7 ? 
primary 'Yokoyama, S.'    8 ? 
# 
_cell.entry_id           2PN6 
_cell.length_a           103.663 
_cell.length_b           103.663 
_cell.length_c           73.539 
_cell.angle_alpha        90.00 
_cell.angle_beta         90.00 
_cell.angle_gamma        90.00 
_cell.Z_PDB              16 
_cell.pdbx_unique_axis   ? 
_cell.length_a_esd       ? 
_cell.length_b_esd       ? 
_cell.length_c_esd       ? 
_cell.angle_alpha_esd    ? 
_cell.angle_beta_esd     ? 
_cell.angle_gamma_esd    ? 
# 
_symmetry.entry_id                         2PN6 
_symmetry.space_group_name_H-M             'I 4 2 2' 
_symmetry.pdbx_full_space_group_name_H-M   ? 
_symmetry.cell_setting                     ? 
_symmetry.Int_Tables_number                97 
_symmetry.space_group_name_Hall            ? 
# 
loop_
_entity.id 
_entity.type 
_entity.src_method 
_entity.pdbx_description 
_entity.formula_weight 
_entity.pdbx_number_of_molecules 
_entity.pdbx_ec 
_entity.pdbx_mutation 
_entity.pdbx_fragment 
_entity.details 
1 polymer     man '150aa long hypothetical transcriptional regulator' 17482.473 1   ? S32A ? ? 
2 non-polymer syn 'MAGNESIUM ION'                                     24.305    1   ? ?    ? ? 
3 non-polymer syn GLUTAMINE                                           146.144   1   ? ?    ? ? 
4 water       nat water                                               18.015    195 ? ?    ? ? 
# 
_entity_name_com.entity_id   1 
_entity_name_com.name        ST1022 
# 
_entity_poly.entity_id                      1 
_entity_poly.type                           'polypeptide(L)' 
_entity_poly.nstd_linkage                   no 
_entity_poly.nstd_monomer                   no 
_entity_poly.pdbx_seq_one_letter_code       
;MDEIDLRILKILQYNAKYSLDEIAREIRIPKATLSYRIKKLEKDGVIKGYYAYINPASLNLDYIVITSVKAKYGKNYHVE
LGNKLAQIPGVWGVYFVLGDNDFIVMARYKTREEFMEKFLERVMSIPEVERTSTQVVVKIIKESPNIVIF
;
_entity_poly.pdbx_seq_one_letter_code_can   
;MDEIDLRILKILQYNAKYSLDEIAREIRIPKATLSYRIKKLEKDGVIKGYYAYINPASLNLDYIVITSVKAKYGKNYHVE
LGNKLAQIPGVWGVYFVLGDNDFIVMARYKTREEFMEKFLERVMSIPEVERTSTQVVVKIIKESPNIVIF
;
_entity_poly.pdbx_strand_id                 A 
_entity_poly.pdbx_target_identifier         sto001001022.9 
# 
loop_
_entity_poly_seq.entity_id 
_entity_poly_seq.num 
_entity_poly_seq.mon_id 
_entity_poly_seq.hetero 
1 1   MET n 
1 2   ASP n 
1 3   GLU n 
1 4   ILE n 
1 5   ASP n 
1 6   LEU n 
1 7   ARG n 
1 8   ILE n 
1 9   LEU n 
1 10  LYS n 
1 11  ILE n 
1 12  LEU n 
1 13  GLN n 
1 14  TYR n 
1 15  ASN n 
1 16  ALA n 
1 17  LYS n 
1 18  TYR n 
1 19  SER n 
1 20  LEU n 
1 21  ASP n 
1 22  GLU n 
1 23  ILE n 
1 24  ALA n 
1 25  ARG n 
1 26  GLU n 
1 27  ILE n 
1 28  ARG n 
1 29  ILE n 
1 30  PRO n 
1 31  LYS n 
1 32  ALA n 
1 33  THR n 
1 34  LEU n 
1 35  SER n 
1 36  TYR n 
1 37  ARG n 
1 38  ILE n 
1 39  LYS n 
1 40  LYS n 
1 41  LEU n 
1 42  GLU n 
1 43  LYS n 
1 44  ASP n 
1 45  GLY n 
1 46  VAL n 
1 47  ILE n 
1 48  LYS n 
1 49  GLY n 
1 50  TYR n 
1 51  TYR n 
1 52  ALA n 
1 53  TYR n 
1 54  ILE n 
1 55  ASN n 
1 56  PRO n 
1 57  ALA n 
1 58  SER n 
1 59  LEU n 
1 60  ASN n 
1 61  LEU n 
1 62  ASP n 
1 63  TYR n 
1 64  ILE n 
1 65  VAL n 
1 66  ILE n 
1 67  THR n 
1 68  SER n 
1 69  VAL n 
1 70  LYS n 
1 71  ALA n 
1 72  LYS n 
1 73  TYR n 
1 74  GLY n 
1 75  LYS n 
1 76  ASN n 
1 77  TYR n 
1 78  HIS n 
1 79  VAL n 
1 80  GLU n 
1 81  LEU n 
1 82  GLY n 
1 83  ASN n 
1 84  LYS n 
1 85  LEU n 
1 86  ALA n 
1 87  GLN n 
1 88  ILE n 
1 89  PRO n 
1 90  GLY n 
1 91  VAL n 
1 92  TRP n 
1 93  GLY n 
1 94  VAL n 
1 95  TYR n 
1 96  PHE n 
1 97  VAL n 
1 98  LEU n 
1 99  GLY n 
1 100 ASP n 
1 101 ASN n 
1 102 ASP n 
1 103 PHE n 
1 104 ILE n 
1 105 VAL n 
1 106 MET n 
1 107 ALA n 
1 108 ARG n 
1 109 TYR n 
1 110 LYS n 
1 111 THR n 
1 112 ARG n 
1 113 GLU n 
1 114 GLU n 
1 115 PHE n 
1 116 MET n 
1 117 GLU n 
1 118 LYS n 
1 119 PHE n 
1 120 LEU n 
1 121 GLU n 
1 122 ARG n 
1 123 VAL n 
1 124 MET n 
1 125 SER n 
1 126 ILE n 
1 127 PRO n 
1 128 GLU n 
1 129 VAL n 
1 130 GLU n 
1 131 ARG n 
1 132 THR n 
1 133 SER n 
1 134 THR n 
1 135 GLN n 
1 136 VAL n 
1 137 VAL n 
1 138 VAL n 
1 139 LYS n 
1 140 ILE n 
1 141 ILE n 
1 142 LYS n 
1 143 GLU n 
1 144 SER n 
1 145 PRO n 
1 146 ASN n 
1 147 ILE n 
1 148 VAL n 
1 149 ILE n 
1 150 PHE n 
# 
_entity_src_gen.entity_id                          1 
_entity_src_gen.pdbx_src_id                        1 
_entity_src_gen.pdbx_alt_source_flag               sample 
_entity_src_gen.pdbx_seq_type                      ? 
_entity_src_gen.pdbx_beg_seq_num                   ? 
_entity_src_gen.pdbx_end_seq_num                   ? 
_entity_src_gen.gene_src_common_name               ? 
_entity_src_gen.gene_src_genus                     Sulfolobus 
_entity_src_gen.pdbx_gene_src_gene                 ST1022 
_entity_src_gen.gene_src_species                   ? 
_entity_src_gen.gene_src_strain                    ? 
_entity_src_gen.gene_src_tissue                    ? 
_entity_src_gen.gene_src_tissue_fraction           ? 
_entity_src_gen.gene_src_details                   ? 
_entity_src_gen.pdbx_gene_src_fragment             ? 
_entity_src_gen.pdbx_gene_src_scientific_name      'Sulfolobus tokodaii' 
_entity_src_gen.pdbx_gene_src_ncbi_taxonomy_id     111955 
_entity_src_gen.pdbx_gene_src_variant              ? 
_entity_src_gen.pdbx_gene_src_cell_line            ? 
_entity_src_gen.pdbx_gene_src_atcc                 ? 
_entity_src_gen.pdbx_gene_src_organ                ? 
_entity_src_gen.pdbx_gene_src_organelle            ? 
_entity_src_gen.pdbx_gene_src_cell                 ? 
_entity_src_gen.pdbx_gene_src_cellular_location    ? 
_entity_src_gen.host_org_common_name               ? 
_entity_src_gen.pdbx_host_org_scientific_name      'Escherichia coli' 
_entity_src_gen.pdbx_host_org_ncbi_taxonomy_id     562 
_entity_src_gen.host_org_genus                     Escherichia 
_entity_src_gen.pdbx_host_org_gene                 ? 
_entity_src_gen.pdbx_host_org_organ                ? 
_entity_src_gen.host_org_species                   ? 
_entity_src_gen.pdbx_host_org_tissue               ? 
_entity_src_gen.pdbx_host_org_tissue_fraction      ? 
_entity_src_gen.pdbx_host_org_strain               ? 
_entity_src_gen.pdbx_host_org_variant              ? 
_entity_src_gen.pdbx_host_org_cell_line            ? 
_entity_src_gen.pdbx_host_org_atcc                 ? 
_entity_src_gen.pdbx_host_org_culture_collection   ? 
_entity_src_gen.pdbx_host_org_cell                 ? 
_entity_src_gen.pdbx_host_org_organelle            ? 
_entity_src_gen.pdbx_host_org_cellular_location    ? 
_entity_src_gen.pdbx_host_org_vector_type          Plasmid 
_entity_src_gen.pdbx_host_org_vector               ? 
_entity_src_gen.host_org_details                   ? 
_entity_src_gen.expression_system_id               ? 
_entity_src_gen.plasmid_name                       'BL21(DE3)' 
_entity_src_gen.plasmid_details                    ? 
_entity_src_gen.pdbx_description                   ? 
# 
_struct_ref.id                         1 
_struct_ref.db_name                    UNP 
_struct_ref.db_code                    Q972W6_SULTO 
_struct_ref.pdbx_db_accession          Q972W6 
_struct_ref.entity_id                  1 
_struct_ref.pdbx_seq_one_letter_code   
;MDEIDLRILKILQYNAKYSLDEIAREIRIPKSTLSYRIKKLEKDGVIKGYYAYINPASLNLDYIVITSVKAKYGKNYHVE
LGNKLAQIPGVWGVYFVLGDNDFIVMARYKTREEFMEKFLERVMSIPEVERTSTQVVVKIIKESPNIVIF
;
_struct_ref.pdbx_align_begin           1 
_struct_ref.pdbx_db_isoform            ? 
# 
_struct_ref_seq.align_id                      1 
_struct_ref_seq.ref_id                        1 
_struct_ref_seq.pdbx_PDB_id_code              2PN6 
_struct_ref_seq.pdbx_strand_id                A 
_struct_ref_seq.seq_align_beg                 1 
_struct_ref_seq.pdbx_seq_align_beg_ins_code   ? 
_struct_ref_seq.seq_align_end                 150 
_struct_ref_seq.pdbx_seq_align_end_ins_code   ? 
_struct_ref_seq.pdbx_db_accession             Q972W6 
_struct_ref_seq.db_align_beg                  1 
_struct_ref_seq.pdbx_db_align_beg_ins_code    ? 
_struct_ref_seq.db_align_end                  150 
_struct_ref_seq.pdbx_db_align_end_ins_code    ? 
_struct_ref_seq.pdbx_auth_seq_align_beg       1 
_struct_ref_seq.pdbx_auth_seq_align_end       150 
# 
_struct_ref_seq_dif.align_id                     1 
_struct_ref_seq_dif.pdbx_pdb_id_code             2PN6 
_struct_ref_seq_dif.mon_id                       ALA 
_struct_ref_seq_dif.pdbx_pdb_strand_id           A 
_struct_ref_seq_dif.seq_num                      32 
_struct_ref_seq_dif.pdbx_pdb_ins_code            ? 
_struct_ref_seq_dif.pdbx_seq_db_name             UNP 
_struct_ref_seq_dif.pdbx_seq_db_accession_code   Q972W6 
_struct_ref_seq_dif.db_mon_id                    SER 
_struct_ref_seq_dif.pdbx_seq_db_seq_num          32 
_struct_ref_seq_dif.details                      'engineered mutation' 
_struct_ref_seq_dif.pdbx_auth_seq_num            32 
_struct_ref_seq_dif.pdbx_ordinal                 1 
# 
loop_
_chem_comp.id 
_chem_comp.type 
_chem_comp.mon_nstd_flag 
_chem_comp.name 
_chem_comp.pdbx_synonyms 
_chem_comp.formula 
_chem_comp.formula_weight 
ALA 'L-peptide linking' y ALANINE         ? 'C3 H7 N O2'     89.093  
ARG 'L-peptide linking' y ARGININE        ? 'C6 H15 N4 O2 1' 175.209 
ASN 'L-peptide linking' y ASPARAGINE      ? 'C4 H8 N2 O3'    132.118 
ASP 'L-peptide linking' y 'ASPARTIC ACID' ? 'C4 H7 N O4'     133.103 
GLN 'L-peptide linking' y GLUTAMINE       ? 'C5 H10 N2 O3'   146.144 
GLU 'L-peptide linking' y 'GLUTAMIC ACID' ? 'C5 H9 N O4'     147.129 
GLY 'peptide linking'   y GLYCINE         ? 'C2 H5 N O2'     75.067  
HIS 'L-peptide linking' y HISTIDINE       ? 'C6 H10 N3 O2 1' 156.162 
HOH non-polymer         . WATER           ? 'H2 O'           18.015  
ILE 'L-peptide linking' y ISOLEUCINE      ? 'C6 H13 N O2'    131.173 
LEU 'L-peptide linking' y LEUCINE         ? 'C6 H13 N O2'    131.173 
LYS 'L-peptide linking' y LYSINE          ? 'C6 H15 N2 O2 1' 147.195 
MET 'L-peptide linking' y METHIONINE      ? 'C5 H11 N O2 S'  149.211 
MG  non-polymer         . 'MAGNESIUM ION' ? 'Mg 2'           24.305  
PHE 'L-peptide linking' y PHENYLALANINE   ? 'C9 H11 N O2'    165.189 
PRO 'L-peptide linking' y PROLINE         ? 'C5 H9 N O2'     115.130 
SER 'L-peptide linking' y SERINE          ? 'C3 H7 N O3'     105.093 
THR 'L-peptide linking' y THREONINE       ? 'C4 H9 N O3'     119.119 
TRP 'L-peptide linking' y TRYPTOPHAN      ? 'C11 H12 N2 O2'  204.225 
TYR 'L-peptide linking' y TYROSINE        ? 'C9 H11 N O3'    181.189 
VAL 'L-peptide linking' y VALINE          ? 'C5 H11 N O2'    117.146 
# 
_exptl.entry_id          2PN6 
_exptl.method            'X-RAY DIFFRACTION' 
_exptl.crystals_number   1 
# 
_exptl_crystal.id                    1 
_exptl_crystal.density_meas          ? 
_exptl_crystal.density_Matthews      2.82 
_exptl_crystal.density_percent_sol   56.45 
_exptl_crystal.description           ? 
_exptl_crystal.F_000                 ? 
_exptl_crystal.preparation           ? 
# 
_exptl_crystal_grow.crystal_id      1 
_exptl_crystal_grow.method          'VAPOR DIFFUSION, SITTING DROP' 
_exptl_crystal_grow.temp            293 
_exptl_crystal_grow.temp_details    ? 
_exptl_crystal_grow.pH              6.2 
_exptl_crystal_grow.pdbx_details    
'20% PPG P400, 30% i-PrOH, 70mM Na3 Citrate, Cymal-7, pH 6.2, VAPOR DIFFUSION, SITTING DROP, temperature 293K' 
_exptl_crystal_grow.pdbx_pH_range   . 
# 
_diffrn.id                     1 
_diffrn.ambient_temp           180 
_diffrn.ambient_temp_details   ? 
_diffrn.crystal_id             1 
# 
_diffrn_detector.diffrn_id              1 
_diffrn_detector.detector               CCD 
_diffrn_detector.type                   'RIGAKU JUPITER 210' 
_diffrn_detector.pdbx_collection_date   2007-03-07 
_diffrn_detector.details                ? 
# 
_diffrn_radiation.diffrn_id                        1 
_diffrn_radiation.wavelength_id                    1 
_diffrn_radiation.pdbx_monochromatic_or_laue_m_l   M 
_diffrn_radiation.monochromator                    Si 
_diffrn_radiation.pdbx_diffrn_protocol             'SINGLE WAVELENGTH' 
_diffrn_radiation.pdbx_scattering_type             x-ray 
# 
_diffrn_radiation_wavelength.id           1 
_diffrn_radiation_wavelength.wavelength   1 
_diffrn_radiation_wavelength.wt           1.0 
# 
_diffrn_source.diffrn_id                   1 
_diffrn_source.source                      SYNCHROTRON 
_diffrn_source.type                        'SPRING-8 BEAMLINE BL26B2' 
_diffrn_source.pdbx_synchrotron_site       SPring-8 
_diffrn_source.pdbx_synchrotron_beamline   BL26B2 
_diffrn_source.pdbx_wavelength             ? 
_diffrn_source.pdbx_wavelength_list        1 
# 
_reflns.entry_id                     2PN6 
_reflns.observed_criterion_sigma_I   2 
_reflns.observed_criterion_sigma_F   2 
_reflns.d_resolution_low             50 
_reflns.d_resolution_high            1.44 
_reflns.number_obs                   35897 
_reflns.number_all                   35897 
_reflns.percent_possible_obs         98.3 
_reflns.pdbx_Rmerge_I_obs            0.059 
_reflns.pdbx_Rsym_value              ? 
_reflns.pdbx_netI_over_sigmaI        ? 
_reflns.B_iso_Wilson_estimate        17.8 
_reflns.pdbx_redundancy              11.5 
_reflns.R_free_details               ? 
_reflns.limit_h_max                  ? 
_reflns.limit_h_min                  ? 
_reflns.limit_k_max                  ? 
_reflns.limit_k_min                  ? 
_reflns.limit_l_max                  ? 
_reflns.limit_l_min                  ? 
_reflns.observed_criterion_F_max     ? 
_reflns.observed_criterion_F_min     ? 
_reflns.pdbx_chi_squared             ? 
_reflns.pdbx_scaling_rejects         ? 
_reflns.pdbx_diffrn_id               1 
_reflns.pdbx_ordinal                 1 
# 
_reflns_shell.d_res_high             1.44 
_reflns_shell.d_res_low              1.49 
_reflns_shell.percent_possible_all   84.5 
_reflns_shell.Rmerge_I_obs           0.490 
_reflns_shell.pdbx_Rsym_value        ? 
_reflns_shell.meanI_over_sigI_obs    ? 
_reflns_shell.pdbx_redundancy        3.5 
_reflns_shell.percent_possible_obs   ? 
_reflns_shell.number_unique_all      3013 
_reflns_shell.number_measured_all    ? 
_reflns_shell.number_measured_obs    ? 
_reflns_shell.number_unique_obs      ? 
_reflns_shell.pdbx_chi_squared       ? 
_reflns_shell.pdbx_diffrn_id         ? 
_reflns_shell.pdbx_ordinal           1 
# 
_refine.entry_id                                 2PN6 
_refine.ls_number_reflns_obs                     35802 
_refine.ls_number_reflns_all                     35897 
_refine.pdbx_ls_sigma_I                          ? 
_refine.pdbx_ls_sigma_F                          0.0 
_refine.pdbx_data_cutoff_high_absF               1949192.02 
_refine.pdbx_data_cutoff_low_absF                0.000000 
_refine.pdbx_data_cutoff_high_rms_absF           ? 
_refine.ls_d_res_low                             19.99 
_refine.ls_d_res_high                            1.44 
_refine.ls_percent_reflns_obs                    98.4 
_refine.ls_R_factor_obs                          0.207 
_refine.ls_R_factor_all                          ? 
_refine.ls_R_factor_R_work                       0.207 
_refine.ls_R_factor_R_free                       0.223 
_refine.ls_R_factor_R_free_error                 0.005 
_refine.ls_R_factor_R_free_error_details         ? 
_refine.ls_percent_reflns_R_free                 5.0 
_refine.ls_number_reflns_R_free                  1782 
_refine.ls_number_parameters                     ? 
_refine.ls_number_restraints                     ? 
_refine.occupancy_min                            ? 
_refine.occupancy_max                            ? 
_refine.correlation_coeff_Fo_to_Fc               ? 
_refine.correlation_coeff_Fo_to_Fc_free          ? 
_refine.B_iso_mean                               21.7 
_refine.aniso_B[1][1]                            -2.73 
_refine.aniso_B[2][2]                            -2.73 
_refine.aniso_B[3][3]                            5.46 
_refine.aniso_B[1][2]                            0.00 
_refine.aniso_B[1][3]                            0.00 
_refine.aniso_B[2][3]                            0.00 
_refine.solvent_model_details                    'FLAT MODEL' 
_refine.solvent_model_param_ksol                 0.368202 
_refine.solvent_model_param_bsol                 49.1207 
_refine.pdbx_solvent_vdw_probe_radii             ? 
_refine.pdbx_solvent_ion_probe_radii             ? 
_refine.pdbx_solvent_shrinkage_radii             ? 
_refine.pdbx_ls_cross_valid_method               THROUGHOUT 
_refine.details                                  ? 
_refine.pdbx_starting_model                      2E7W 
_refine.pdbx_method_to_determine_struct          'MOLECULAR REPLACEMENT' 
_refine.pdbx_isotropic_thermal_model             RESTRAINED 
_refine.pdbx_stereochemistry_target_values       'Engh & Huber' 
_refine.pdbx_stereochem_target_val_spec_case     ? 
_refine.pdbx_R_Free_selection_details            RANDOM 
_refine.pdbx_overall_ESU_R                       ? 
_refine.pdbx_overall_ESU_R_Free                  ? 
_refine.overall_SU_ML                            ? 
_refine.overall_SU_B                             ? 
_refine.ls_redundancy_reflns_obs                 ? 
_refine.B_iso_min                                ? 
_refine.B_iso_max                                ? 
_refine.overall_SU_R_Cruickshank_DPI             ? 
_refine.overall_SU_R_free                        ? 
_refine.ls_wR_factor_R_free                      ? 
_refine.ls_wR_factor_R_work                      ? 
_refine.overall_FOM_free_R_set                   ? 
_refine.overall_FOM_work_R_set                   ? 
_refine.pdbx_overall_phase_error                 ? 
_refine.pdbx_refine_id                           'X-RAY DIFFRACTION' 
_refine.pdbx_diffrn_id                           1 
_refine.pdbx_TLS_residual_ADP_flag               ? 
_refine.pdbx_overall_SU_R_free_Cruickshank_DPI   ? 
_refine.pdbx_overall_SU_R_Blow_DPI               ? 
_refine.pdbx_overall_SU_R_free_Blow_DPI          ? 
# 
_refine_analyze.entry_id                        2PN6 
_refine_analyze.Luzzati_coordinate_error_obs    0.17 
_refine_analyze.Luzzati_sigma_a_obs             0.15 
_refine_analyze.Luzzati_d_res_low_obs           5.00 
_refine_analyze.Luzzati_coordinate_error_free   0.19 
_refine_analyze.Luzzati_sigma_a_free            0.14 
_refine_analyze.Luzzati_d_res_low_free          ? 
_refine_analyze.number_disordered_residues      ? 
_refine_analyze.occupancy_sum_hydrogen          ? 
_refine_analyze.occupancy_sum_non_hydrogen      ? 
_refine_analyze.pdbx_Luzzati_d_res_high_obs     ? 
_refine_analyze.pdbx_refine_id                  'X-RAY DIFFRACTION' 
# 
_refine_hist.pdbx_refine_id                   'X-RAY DIFFRACTION' 
_refine_hist.cycle_id                         LAST 
_refine_hist.pdbx_number_atoms_protein        1264 
_refine_hist.pdbx_number_atoms_nucleic_acid   0 
_refine_hist.pdbx_number_atoms_ligand         11 
_refine_hist.number_atoms_solvent             195 
_refine_hist.number_atoms_total               1470 
_refine_hist.d_res_high                       1.44 
_refine_hist.d_res_low                        19.99 
# 
loop_
_refine_ls_restr.type 
_refine_ls_restr.dev_ideal 
_refine_ls_restr.dev_ideal_target 
_refine_ls_restr.weight 
_refine_ls_restr.number 
_refine_ls_restr.pdbx_refine_id 
_refine_ls_restr.pdbx_restraint_function 
c_bond_d           0.005 ?    ? ? 'X-RAY DIFFRACTION' ? 
c_angle_deg        1.2   ?    ? ? 'X-RAY DIFFRACTION' ? 
c_dihedral_angle_d 22.7  ?    ? ? 'X-RAY DIFFRACTION' ? 
c_improper_angle_d 0.76  ?    ? ? 'X-RAY DIFFRACTION' ? 
c_mcbond_it        1.08  1.50 ? ? 'X-RAY DIFFRACTION' ? 
c_mcangle_it       1.70  2.00 ? ? 'X-RAY DIFFRACTION' ? 
c_scbond_it        2.05  2.00 ? ? 'X-RAY DIFFRACTION' ? 
c_scangle_it       3.09  2.50 ? ? 'X-RAY DIFFRACTION' ? 
# 
_refine_ls_shell.pdbx_total_number_of_bins_used   6 
_refine_ls_shell.d_res_high                       1.44 
_refine_ls_shell.d_res_low                        1.53 
_refine_ls_shell.number_reflns_R_work             5130 
_refine_ls_shell.R_factor_R_work                  0.292 
_refine_ls_shell.percent_reflns_obs               90.6 
_refine_ls_shell.R_factor_R_free                  0.306 
_refine_ls_shell.R_factor_R_free_error            0.019 
_refine_ls_shell.percent_reflns_R_free            4.8 
_refine_ls_shell.number_reflns_R_free             260 
_refine_ls_shell.number_reflns_all                ? 
_refine_ls_shell.R_factor_all                     ? 
_refine_ls_shell.number_reflns_obs                ? 
_refine_ls_shell.redundancy_reflns_obs            ? 
_refine_ls_shell.pdbx_refine_id                   'X-RAY DIFFRACTION' 
# 
loop_
_pdbx_xplor_file.serial_no 
_pdbx_xplor_file.param_file 
_pdbx_xplor_file.topol_file 
_pdbx_xplor_file.pdbx_refine_id 
1 protein_rep.param protein.top     'X-RAY DIFFRACTION' 
2 water_rep.param   water.top       'X-RAY DIFFRACTION' 
3 dna-rna_rep.param dna-rna_rep.top 'X-RAY DIFFRACTION' 
4 ion.param         ion.top         'X-RAY DIFFRACTION' 
# 
_struct.entry_id                  2PN6 
_struct.title                     'Crystal Structure of S32A of ST1022-Gln complex from Sulfolobus tokodaii' 
_struct.pdbx_model_details        ? 
_struct.pdbx_CASP_flag            ? 
_struct.pdbx_model_type_details   ? 
# 
_struct_keywords.entry_id        2PN6 
_struct_keywords.pdbx_keywords   TRANSCRIPTION 
_struct_keywords.text            
;Transcriptional regulator, Lrp/AsnC family Gln binding, ST1022, Structural Genomics, NPPSFA, National Project on Protein Structural and Functional Analyses, RIKEN Structural Genomics/Proteomics Initiative, RSGI, TRANSCRIPTION
;
# 
loop_
_struct_asym.id 
_struct_asym.pdbx_blank_PDB_chainid_flag 
_struct_asym.pdbx_modified 
_struct_asym.entity_id 
_struct_asym.details 
A N N 1 ? 
B N N 2 ? 
C N N 3 ? 
D N N 4 ? 
# 
_struct_biol.id        1 
_struct_biol.details   ? 
# 
loop_
_struct_conf.conf_type_id 
_struct_conf.id 
_struct_conf.pdbx_PDB_helix_id 
_struct_conf.beg_label_comp_id 
_struct_conf.beg_label_asym_id 
_struct_conf.beg_label_seq_id 
_struct_conf.pdbx_beg_PDB_ins_code 
_struct_conf.end_label_comp_id 
_struct_conf.end_label_asym_id 
_struct_conf.end_label_seq_id 
_struct_conf.pdbx_end_PDB_ins_code 
_struct_conf.beg_auth_comp_id 
_struct_conf.beg_auth_asym_id 
_struct_conf.beg_auth_seq_id 
_struct_conf.end_auth_comp_id 
_struct_conf.end_auth_asym_id 
_struct_conf.end_auth_seq_id 
_struct_conf.pdbx_PDB_helix_class 
_struct_conf.details 
_struct_conf.pdbx_PDB_helix_length 
HELX_P HELX_P1 1 ASP A 2   ? GLN A 13  ? ASP A 2   GLN A 13  1 ? 12 
HELX_P HELX_P2 2 SER A 19  ? ARG A 28  ? SER A 19  ARG A 28  1 ? 10 
HELX_P HELX_P3 3 PRO A 30  ? ASP A 44  ? PRO A 30  ASP A 44  1 ? 15 
HELX_P HELX_P4 4 ASN A 55  ? ASN A 60  ? ASN A 55  ASN A 60  5 ? 6  
HELX_P HELX_P5 5 ASN A 76  ? GLN A 87  ? ASN A 76  GLN A 87  1 ? 12 
HELX_P HELX_P6 6 THR A 111 ? PHE A 119 ? THR A 111 PHE A 119 1 ? 9  
HELX_P HELX_P7 7 PHE A 119 ? MET A 124 ? PHE A 119 MET A 124 1 ? 6  
# 
_struct_conf_type.id          HELX_P 
_struct_conf_type.criteria    ? 
_struct_conf_type.reference   ? 
# 
_struct_sheet.id               A 
_struct_sheet.type             ? 
_struct_sheet.number_strands   4 
_struct_sheet.details          ? 
# 
loop_
_struct_sheet_order.sheet_id 
_struct_sheet_order.range_id_1 
_struct_sheet_order.range_id_2 
_struct_sheet_order.offset 
_struct_sheet_order.sense 
A 1 2 ? anti-parallel 
A 2 3 ? anti-parallel 
A 3 4 ? anti-parallel 
# 
loop_
_struct_sheet_range.sheet_id 
_struct_sheet_range.id 
_struct_sheet_range.beg_label_comp_id 
_struct_sheet_range.beg_label_asym_id 
_struct_sheet_range.beg_label_seq_id 
_struct_sheet_range.pdbx_beg_PDB_ins_code 
_struct_sheet_range.end_label_comp_id 
_struct_sheet_range.end_label_asym_id 
_struct_sheet_range.end_label_seq_id 
_struct_sheet_range.pdbx_end_PDB_ins_code 
_struct_sheet_range.beg_auth_comp_id 
_struct_sheet_range.beg_auth_asym_id 
_struct_sheet_range.beg_auth_seq_id 
_struct_sheet_range.end_auth_comp_id 
_struct_sheet_range.end_auth_asym_id 
_struct_sheet_range.end_auth_seq_id 
A 1 VAL A 91  ? PHE A 96  ? VAL A 91  PHE A 96  
A 2 PHE A 103 ? TYR A 109 ? PHE A 103 TYR A 109 
A 3 TYR A 63  ? ALA A 71  ? TYR A 63  ALA A 71  
A 4 VAL A 129 ? VAL A 136 ? VAL A 129 VAL A 136 
# 
loop_
_pdbx_struct_sheet_hbond.sheet_id 
_pdbx_struct_sheet_hbond.range_id_1 
_pdbx_struct_sheet_hbond.range_id_2 
_pdbx_struct_sheet_hbond.range_1_label_atom_id 
_pdbx_struct_sheet_hbond.range_1_label_comp_id 
_pdbx_struct_sheet_hbond.range_1_label_asym_id 
_pdbx_struct_sheet_hbond.range_1_label_seq_id 
_pdbx_struct_sheet_hbond.range_1_PDB_ins_code 
_pdbx_struct_sheet_hbond.range_1_auth_atom_id 
_pdbx_struct_sheet_hbond.range_1_auth_comp_id 
_pdbx_struct_sheet_hbond.range_1_auth_asym_id 
_pdbx_struct_sheet_hbond.range_1_auth_seq_id 
_pdbx_struct_sheet_hbond.range_2_label_atom_id 
_pdbx_struct_sheet_hbond.range_2_label_comp_id 
_pdbx_struct_sheet_hbond.range_2_label_asym_id 
_pdbx_struct_sheet_hbond.range_2_label_seq_id 
_pdbx_struct_sheet_hbond.range_2_PDB_ins_code 
_pdbx_struct_sheet_hbond.range_2_auth_atom_id 
_pdbx_struct_sheet_hbond.range_2_auth_comp_id 
_pdbx_struct_sheet_hbond.range_2_auth_asym_id 
_pdbx_struct_sheet_hbond.range_2_auth_seq_id 
A 1 2 N GLY A 93  ? N GLY A 93  O MET A 106 ? O MET A 106 
A 2 3 O VAL A 105 ? O VAL A 105 N THR A 67  ? N THR A 67  
A 3 4 N LYS A 70  ? N LYS A 70  O ARG A 131 ? O ARG A 131 
# 
loop_
_struct_site.id 
_struct_site.pdbx_evidence_code 
_struct_site.pdbx_auth_asym_id 
_struct_site.pdbx_auth_comp_id 
_struct_site.pdbx_auth_seq_id 
_struct_site.pdbx_auth_ins_code 
_struct_site.pdbx_num_residues 
_struct_site.details 
AC1 Software A MG  1001 ? 2  'BINDING SITE FOR RESIDUE MG A 1001'  
AC2 Software A GLN 1002 ? 13 'BINDING SITE FOR RESIDUE GLN A 1002' 
# 
loop_
_struct_site_gen.id 
_struct_site_gen.site_id 
_struct_site_gen.pdbx_num_res 
_struct_site_gen.label_comp_id 
_struct_site_gen.label_asym_id 
_struct_site_gen.label_seq_id 
_struct_site_gen.pdbx_auth_ins_code 
_struct_site_gen.auth_comp_id 
_struct_site_gen.auth_asym_id 
_struct_site_gen.auth_seq_id 
_struct_site_gen.label_atom_id 
_struct_site_gen.label_alt_id 
_struct_site_gen.symmetry 
_struct_site_gen.details 
1  AC1 2  TYR A 51  ? TYR A 51   . ? 7_555 ? 
2  AC1 2  ASN A 146 ? ASN A 146  . ? 1_555 ? 
3  AC2 13 TYR A 73  ? TYR A 73   . ? 1_555 ? 
4  AC2 13 TYR A 77  ? TYR A 77   . ? 1_555 ? 
5  AC2 13 PHE A 96  ? PHE A 96   . ? 1_555 ? 
6  AC2 13 LEU A 98  ? LEU A 98   . ? 1_555 ? 
7  AC2 13 GLY A 99  ? GLY A 99   . ? 1_555 ? 
8  AC2 13 ASN A 101 ? ASN A 101  . ? 1_555 ? 
9  AC2 13 ASP A 102 ? ASP A 102  . ? 1_555 ? 
10 AC2 13 LEU A 120 ? LEU A 120  . ? 4_555 ? 
11 AC2 13 MET A 124 ? MET A 124  . ? 4_555 ? 
12 AC2 13 THR A 132 ? THR A 132  . ? 4_555 ? 
13 AC2 13 SER A 133 ? SER A 133  . ? 4_555 ? 
14 AC2 13 THR A 134 ? THR A 134  . ? 4_555 ? 
15 AC2 13 HOH D .   ? HOH A 1007 . ? 4_555 ? 
# 
_atom_sites.entry_id                    2PN6 
_atom_sites.fract_transf_matrix[1][1]   0.00753891 
_atom_sites.fract_transf_matrix[1][2]   -0.00381258 
_atom_sites.fract_transf_matrix[1][3]   0.00465765 
_atom_sites.fract_transf_matrix[2][1]   0.00556604 
_atom_sites.fract_transf_matrix[2][2]   0.00725715 
_atom_sites.fract_transf_matrix[2][3]   -0.00306880 
_atom_sites.fract_transf_matrix[3][1]   -0.00322929 
_atom_sites.fract_transf_matrix[3][2]   0.00716834 
_atom_sites.fract_transf_matrix[3][3]   0.01109469 
_atom_sites.fract_transf_vector[1]      0.203525 
_atom_sites.fract_transf_vector[2]      0.189637 
_atom_sites.fract_transf_vector[3]      -0.042127 
# 
loop_
_atom_type.symbol 
C  
MG 
N  
O  
S  
# 
loop_
_atom_site.group_PDB 
_atom_site.id 
_atom_site.type_symbol 
_atom_site.label_atom_id 
_atom_site.label_alt_id 
_atom_site.label_comp_id 
_atom_site.label_asym_id 
_atom_site.label_entity_id 
_atom_site.label_seq_id 
_atom_site.pdbx_PDB_ins_code 
_atom_site.Cartn_x 
_atom_site.Cartn_y 
_atom_site.Cartn_z 
_atom_site.occupancy 
_atom_site.B_iso_or_equiv 
_atom_site.pdbx_formal_charge 
_atom_site.auth_seq_id 
_atom_site.auth_comp_id 
_atom_site.auth_asym_id 
_atom_site.auth_atom_id 
_atom_site.pdbx_PDB_model_num 
ATOM   1    N  N   . MET A 1 1   ? 13.243  -11.306 16.493  1.00 36.64 ? 1    MET A N   1 
ATOM   2    C  CA  . MET A 1 1   ? 13.375  -9.907  16.993  1.00 36.41 ? 1    MET A CA  1 
ATOM   3    C  C   . MET A 1 1   ? 13.068  -9.837  18.480  1.00 35.49 ? 1    MET A C   1 
ATOM   4    O  O   . MET A 1 1   ? 12.472  -10.753 19.046  1.00 36.88 ? 1    MET A O   1 
ATOM   5    C  CB  . MET A 1 1   ? 12.399  -8.980  16.266  1.00 37.00 ? 1    MET A CB  1 
ATOM   6    C  CG  . MET A 1 1   ? 12.425  -9.058  14.755  1.00 38.24 ? 1    MET A CG  1 
ATOM   7    S  SD  . MET A 1 1   ? 11.376  -7.774  14.036  1.00 39.58 ? 1    MET A SD  1 
ATOM   8    C  CE  . MET A 1 1   ? 9.994   -7.765  15.182  1.00 39.24 ? 1    MET A CE  1 
ATOM   9    N  N   . ASP A 1 2   ? 13.476  -8.738  19.109  1.00 34.00 ? 2    ASP A N   1 
ATOM   10   C  CA  . ASP A 1 2   ? 13.219  -8.528  20.526  1.00 31.89 ? 2    ASP A CA  1 
ATOM   11   C  C   . ASP A 1 2   ? 12.601  -7.154  20.761  1.00 30.67 ? 2    ASP A C   1 
ATOM   12   O  O   . ASP A 1 2   ? 12.239  -6.453  19.815  1.00 29.33 ? 2    ASP A O   1 
ATOM   13   C  CB  . ASP A 1 2   ? 14.507  -8.671  21.347  1.00 32.17 ? 2    ASP A CB  1 
ATOM   14   C  CG  . ASP A 1 2   ? 15.643  -7.827  20.811  1.00 32.95 ? 2    ASP A CG  1 
ATOM   15   O  OD1 . ASP A 1 2   ? 15.382  -6.702  20.338  1.00 32.46 ? 2    ASP A OD1 1 
ATOM   16   O  OD2 . ASP A 1 2   ? 16.804  -8.284  20.877  1.00 33.28 ? 2    ASP A OD2 1 
ATOM   17   N  N   . GLU A 1 3   ? 12.485  -6.780  22.029  1.00 30.06 ? 3    GLU A N   1 
ATOM   18   C  CA  . GLU A 1 3   ? 11.900  -5.505  22.433  1.00 29.68 ? 3    GLU A CA  1 
ATOM   19   C  C   . GLU A 1 3   ? 12.641  -4.315  21.823  1.00 27.91 ? 3    GLU A C   1 
ATOM   20   O  O   . GLU A 1 3   ? 12.024  -3.327  21.419  1.00 27.12 ? 3    GLU A O   1 
ATOM   21   C  CB  . GLU A 1 3   ? 11.910  -5.421  23.964  1.00 32.30 ? 3    GLU A CB  1 
ATOM   22   C  CG  . GLU A 1 3   ? 11.092  -4.298  24.585  1.00 36.13 ? 3    GLU A CG  1 
ATOM   23   C  CD  . GLU A 1 3   ? 11.860  -2.996  24.700  1.00 38.01 ? 3    GLU A CD  1 
ATOM   24   O  OE1 . GLU A 1 3   ? 13.093  -3.043  24.899  1.00 39.16 ? 3    GLU A OE1 1 
ATOM   25   O  OE2 . GLU A 1 3   ? 11.223  -1.926  24.615  1.00 39.80 ? 3    GLU A OE2 1 
ATOM   26   N  N   . ILE A 1 4   ? 13.963  -4.416  21.753  1.00 25.70 ? 4    ILE A N   1 
ATOM   27   C  CA  . ILE A 1 4   ? 14.781  -3.346  21.196  1.00 24.57 ? 4    ILE A CA  1 
ATOM   28   C  C   . ILE A 1 4   ? 14.560  -3.185  19.694  1.00 22.91 ? 4    ILE A C   1 
ATOM   29   O  O   . ILE A 1 4   ? 14.535  -2.063  19.185  1.00 21.91 ? 4    ILE A O   1 
ATOM   30   C  CB  . ILE A 1 4   ? 16.279  -3.591  21.479  1.00 25.48 ? 4    ILE A CB  1 
ATOM   31   C  CG1 . ILE A 1 4   ? 16.537  -3.474  22.984  1.00 26.50 ? 4    ILE A CG1 1 
ATOM   32   C  CG2 . ILE A 1 4   ? 17.131  -2.584  20.718  1.00 25.33 ? 4    ILE A CG2 1 
ATOM   33   C  CD1 . ILE A 1 4   ? 17.976  -3.737  23.386  1.00 28.70 ? 4    ILE A CD1 1 
ATOM   34   N  N   . ASP A 1 5   ? 14.402  -4.298  18.985  1.00 22.60 ? 5    ASP A N   1 
ATOM   35   C  CA  . ASP A 1 5   ? 14.170  -4.233  17.547  1.00 21.69 ? 5    ASP A CA  1 
ATOM   36   C  C   . ASP A 1 5   ? 12.869  -3.498  17.261  1.00 21.32 ? 5    ASP A C   1 
ATOM   37   O  O   . ASP A 1 5   ? 12.786  -2.710  16.318  1.00 20.34 ? 5    ASP A O   1 
ATOM   38   C  CB  . ASP A 1 5   ? 14.108  -5.636  16.934  1.00 21.87 ? 5    ASP A CB  1 
ATOM   39   C  CG  . ASP A 1 5   ? 15.465  -6.313  16.885  1.00 23.70 ? 5    ASP A CG  1 
ATOM   40   O  OD1 . ASP A 1 5   ? 16.440  -5.658  16.466  1.00 23.74 ? 5    ASP A OD1 1 
ATOM   41   O  OD2 . ASP A 1 5   ? 15.553  -7.503  17.255  1.00 25.86 ? 5    ASP A OD2 1 
ATOM   42   N  N   . LEU A 1 6   ? 11.852  -3.754  18.078  1.00 21.50 ? 6    LEU A N   1 
ATOM   43   C  CA  . LEU A 1 6   ? 10.561  -3.104  17.896  1.00 21.60 ? 6    LEU A CA  1 
ATOM   44   C  C   . LEU A 1 6   ? 10.654  -1.597  18.102  1.00 20.99 ? 6    LEU A C   1 
ATOM   45   O  O   . LEU A 1 6   ? 10.029  -0.827  17.375  1.00 20.33 ? 6    LEU A O   1 
ATOM   46   C  CB  . LEU A 1 6   ? 9.523   -3.697  18.853  1.00 24.08 ? 6    LEU A CB  1 
ATOM   47   C  CG  . LEU A 1 6   ? 9.103   -5.138  18.561  1.00 26.41 ? 6    LEU A CG  1 
ATOM   48   C  CD1 . LEU A 1 6   ? 8.018   -5.557  19.541  1.00 28.98 ? 6    LEU A CD1 1 
ATOM   49   C  CD2 . LEU A 1 6   ? 8.591   -5.245  17.131  1.00 27.39 ? 6    LEU A CD2 1 
ATOM   50   N  N   . ARG A 1 7   ? 11.440  -1.177  19.087  1.00 20.82 ? 7    ARG A N   1 
ATOM   51   C  CA  . ARG A 1 7   ? 11.601  0.247   19.354  1.00 21.29 ? 7    ARG A CA  1 
ATOM   52   C  C   . ARG A 1 7   ? 12.327  0.920   18.196  1.00 19.15 ? 7    ARG A C   1 
ATOM   53   O  O   . ARG A 1 7   ? 12.034  2.065   17.854  1.00 18.15 ? 7    ARG A O   1 
ATOM   54   C  CB  . ARG A 1 7   ? 12.372  0.453   20.656  1.00 23.42 ? 7    ARG A CB  1 
ATOM   55   C  CG  . ARG A 1 7   ? 11.605  -0.002  21.885  1.00 27.20 ? 7    ARG A CG  1 
ATOM   56   C  CD  . ARG A 1 7   ? 12.539  -0.162  23.060  1.00 31.12 ? 7    ARG A CD  1 
ATOM   57   N  NE  . ARG A 1 7   ? 13.185  1.089   23.428  1.00 33.86 ? 7    ARG A NE  1 
ATOM   58   C  CZ  . ARG A 1 7   ? 14.294  1.163   24.154  1.00 34.83 ? 7    ARG A CZ  1 
ATOM   59   N  NH1 . ARG A 1 7   ? 14.878  0.052   24.585  1.00 35.18 ? 7    ARG A NH1 1 
ATOM   60   N  NH2 . ARG A 1 7   ? 14.817  2.343   24.451  1.00 36.19 ? 7    ARG A NH2 1 
ATOM   61   N  N   . ILE A 1 8   ? 13.278  0.211   17.596  1.00 18.46 ? 8    ILE A N   1 
ATOM   62   C  CA  . ILE A 1 8   ? 14.017  0.745   16.459  1.00 16.38 ? 8    ILE A CA  1 
ATOM   63   C  C   . ILE A 1 8   ? 13.052  0.888   15.283  1.00 15.36 ? 8    ILE A C   1 
ATOM   64   O  O   . ILE A 1 8   ? 13.008  1.924   14.622  1.00 15.57 ? 8    ILE A O   1 
ATOM   65   C  CB  . ILE A 1 8   ? 15.170  -0.195  16.047  1.00 16.83 ? 8    ILE A CB  1 
ATOM   66   C  CG1 . ILE A 1 8   ? 16.219  -0.241  17.160  1.00 17.87 ? 8    ILE A CG1 1 
ATOM   67   C  CG2 . ILE A 1 8   ? 15.796  0.283   14.743  1.00 16.95 ? 8    ILE A CG2 1 
ATOM   68   C  CD1 . ILE A 1 8   ? 17.279  -1.303  16.958  1.00 19.17 ? 8    ILE A CD1 1 
ATOM   69   N  N   . LEU A 1 9   ? 12.277  -0.163  15.036  1.00 16.12 ? 9    LEU A N   1 
ATOM   70   C  CA  . LEU A 1 9   ? 11.307  -0.159  13.949  1.00 16.32 ? 9    LEU A CA  1 
ATOM   71   C  C   . LEU A 1 9   ? 10.246  0.920   14.139  1.00 16.06 ? 9    LEU A C   1 
ATOM   72   O  O   . LEU A 1 9   ? 9.793   1.530   13.171  1.00 15.87 ? 9    LEU A O   1 
ATOM   73   C  CB  . LEU A 1 9   ? 10.626  -1.526  13.841  1.00 16.49 ? 9    LEU A CB  1 
ATOM   74   C  CG  . LEU A 1 9   ? 11.501  -2.700  13.396  1.00 17.85 ? 9    LEU A CG  1 
ATOM   75   C  CD1 . LEU A 1 9   ? 10.691  -3.985  13.452  1.00 19.73 ? 9    LEU A CD1 1 
ATOM   76   C  CD2 . LEU A 1 9   ? 12.020  -2.452  11.983  1.00 19.44 ? 9    LEU A CD2 1 
ATOM   77   N  N   . LYS A 1 10  ? 9.845   1.152   15.384  1.00 16.47 ? 10   LYS A N   1 
ATOM   78   C  CA  . LYS A 1 10  ? 8.822   2.153   15.663  1.00 17.11 ? 10   LYS A CA  1 
ATOM   79   C  C   . LYS A 1 10  ? 9.302   3.538   15.252  1.00 17.14 ? 10   LYS A C   1 
ATOM   80   O  O   . LYS A 1 10  ? 8.503   4.413   14.921  1.00 17.65 ? 10   LYS A O   1 
ATOM   81   C  CB  . LYS A 1 10  ? 8.458   2.139   17.147  1.00 18.55 ? 10   LYS A CB  1 
ATOM   82   C  CG  . LYS A 1 10  ? 7.181   2.891   17.466  1.00 22.62 ? 10   LYS A CG  1 
ATOM   83   C  CD  . LYS A 1 10  ? 6.759   2.675   18.910  1.00 24.50 ? 10   LYS A CD  1 
ATOM   84   C  CE  . LYS A 1 10  ? 5.481   3.435   19.224  1.00 28.13 ? 10   LYS A CE  1 
ATOM   85   N  NZ  . LYS A 1 10  ? 5.051   3.239   20.635  1.00 28.83 ? 10   LYS A NZ  1 
ATOM   86   N  N   . ILE A 1 11  ? 10.616  3.737   15.275  1.00 17.33 ? 11   ILE A N   1 
ATOM   87   C  CA  . ILE A 1 11  ? 11.189  5.016   14.877  1.00 16.75 ? 11   ILE A CA  1 
ATOM   88   C  C   . ILE A 1 11  ? 11.346  5.068   13.362  1.00 16.14 ? 11   ILE A C   1 
ATOM   89   O  O   . ILE A 1 11  ? 10.939  6.033   12.720  1.00 16.74 ? 11   ILE A O   1 
ATOM   90   C  CB  . ILE A 1 11  ? 12.576  5.234   15.518  1.00 17.24 ? 11   ILE A CB  1 
ATOM   91   C  CG1 . ILE A 1 11  ? 12.422  5.417   17.029  1.00 18.54 ? 11   ILE A CG1 1 
ATOM   92   C  CG2 . ILE A 1 11  ? 13.260  6.447   14.892  1.00 18.05 ? 11   ILE A CG2 1 
ATOM   93   C  CD1 . ILE A 1 11  ? 13.748  5.503   17.767  1.00 18.84 ? 11   ILE A CD1 1 
ATOM   94   N  N   . LEU A 1 12  ? 11.923  4.019   12.787  1.00 14.78 ? 12   LEU A N   1 
ATOM   95   C  CA  . LEU A 1 12  ? 12.147  3.980   11.347  1.00 15.37 ? 12   LEU A CA  1 
ATOM   96   C  C   . LEU A 1 12  ? 10.871  3.997   10.509  1.00 15.89 ? 12   LEU A C   1 
ATOM   97   O  O   . LEU A 1 12  ? 10.891  4.453   9.366   1.00 17.09 ? 12   LEU A O   1 
ATOM   98   C  CB  . LEU A 1 12  ? 12.989  2.754   10.976  1.00 15.62 ? 12   LEU A CB  1 
ATOM   99   C  CG  . LEU A 1 12  ? 14.406  2.702   11.560  1.00 16.02 ? 12   LEU A CG  1 
ATOM   100  C  CD1 . LEU A 1 12  ? 15.089  1.422   11.116  1.00 17.66 ? 12   LEU A CD1 1 
ATOM   101  C  CD2 . LEU A 1 12  ? 15.202  3.921   11.108  1.00 17.49 ? 12   LEU A CD2 1 
ATOM   102  N  N   . GLN A 1 13  ? 9.765   3.518   11.072  1.00 15.76 ? 13   GLN A N   1 
ATOM   103  C  CA  . GLN A 1 13  ? 8.512   3.487   10.325  1.00 17.02 ? 13   GLN A CA  1 
ATOM   104  C  C   . GLN A 1 13  ? 7.992   4.885   10.001  1.00 19.13 ? 13   GLN A C   1 
ATOM   105  O  O   . GLN A 1 13  ? 7.216   5.053   9.063   1.00 19.36 ? 13   GLN A O   1 
ATOM   106  C  CB  . GLN A 1 13  ? 7.440   2.691   11.085  1.00 15.33 ? 13   GLN A CB  1 
ATOM   107  C  CG  . GLN A 1 13  ? 6.860   3.409   12.287  1.00 15.11 ? 13   GLN A CG  1 
ATOM   108  C  CD  . GLN A 1 13  ? 5.854   2.564   13.039  1.00 17.54 ? 13   GLN A CD  1 
ATOM   109  O  OE1 . GLN A 1 13  ? 5.415   1.523   12.553  1.00 18.97 ? 13   GLN A OE1 1 
ATOM   110  N  NE2 . GLN A 1 13  ? 5.480   3.010   14.229  1.00 17.71 ? 13   GLN A NE2 1 
ATOM   111  N  N   . TYR A 1 14  ? 8.411   5.894   10.760  1.00 20.90 ? 14   TYR A N   1 
ATOM   112  C  CA  . TYR A 1 14  ? 7.944   7.244   10.458  1.00 24.04 ? 14   TYR A CA  1 
ATOM   113  C  C   . TYR A 1 14  ? 9.057   8.240   10.144  1.00 24.22 ? 14   TYR A C   1 
ATOM   114  O  O   . TYR A 1 14  ? 8.794   9.314   9.607   1.00 24.61 ? 14   TYR A O   1 
ATOM   115  C  CB  . TYR A 1 14  ? 7.047   7.786   11.577  1.00 27.49 ? 14   TYR A CB  1 
ATOM   116  C  CG  . TYR A 1 14  ? 7.756   8.188   12.844  1.00 30.27 ? 14   TYR A CG  1 
ATOM   117  C  CD1 . TYR A 1 14  ? 8.198   7.231   13.755  1.00 32.15 ? 14   TYR A CD1 1 
ATOM   118  C  CD2 . TYR A 1 14  ? 7.973   9.534   13.142  1.00 31.64 ? 14   TYR A CD2 1 
ATOM   119  C  CE1 . TYR A 1 14  ? 8.837   7.604   14.936  1.00 33.85 ? 14   TYR A CE1 1 
ATOM   120  C  CE2 . TYR A 1 14  ? 8.611   9.918   14.319  1.00 33.46 ? 14   TYR A CE2 1 
ATOM   121  C  CZ  . TYR A 1 14  ? 9.040   8.947   15.211  1.00 34.39 ? 14   TYR A CZ  1 
ATOM   122  O  OH  . TYR A 1 14  ? 9.668   9.316   16.378  1.00 36.37 ? 14   TYR A OH  1 
ATOM   123  N  N   . ASN A 1 15  ? 10.297  7.892   10.472  1.00 23.55 ? 15   ASN A N   1 
ATOM   124  C  CA  . ASN A 1 15  ? 11.419  8.776   10.164  1.00 24.24 ? 15   ASN A CA  1 
ATOM   125  C  C   . ASN A 1 15  ? 12.683  7.951   9.959   1.00 23.57 ? 15   ASN A C   1 
ATOM   126  O  O   . ASN A 1 15  ? 13.462  7.741   10.890  1.00 24.96 ? 15   ASN A O   1 
ATOM   127  C  CB  . ASN A 1 15  ? 11.644  9.796   11.280  1.00 26.30 ? 15   ASN A CB  1 
ATOM   128  C  CG  . ASN A 1 15  ? 12.484  10.972  10.818  1.00 27.35 ? 15   ASN A CG  1 
ATOM   129  O  OD1 . ASN A 1 15  ? 13.202  10.880  9.822   1.00 29.40 ? 15   ASN A OD1 1 
ATOM   130  N  ND2 . ASN A 1 15  ? 12.402  12.083  11.540  1.00 29.70 ? 15   ASN A ND2 1 
ATOM   131  N  N   . ALA A 1 16  ? 12.883  7.497   8.727   1.00 23.04 ? 16   ALA A N   1 
ATOM   132  C  CA  . ALA A 1 16  ? 14.030  6.666   8.381   1.00 23.98 ? 16   ALA A CA  1 
ATOM   133  C  C   . ALA A 1 16  ? 15.347  7.414   8.200   1.00 25.95 ? 16   ALA A C   1 
ATOM   134  O  O   . ALA A 1 16  ? 16.407  6.788   8.127   1.00 27.40 ? 16   ALA A O   1 
ATOM   135  C  CB  . ALA A 1 16  ? 13.718  5.871   7.126   1.00 23.79 ? 16   ALA A CB  1 
ATOM   136  N  N   . LYS A 1 17  ? 15.298  8.738   8.118   1.00 27.21 ? 17   LYS A N   1 
ATOM   137  C  CA  . LYS A 1 17  ? 16.537  9.488   7.949   1.00 28.77 ? 17   LYS A CA  1 
ATOM   138  C  C   . LYS A 1 17  ? 17.033  10.128  9.236   1.00 28.92 ? 17   LYS A C   1 
ATOM   139  O  O   . LYS A 1 17  ? 17.909  10.992  9.221   1.00 28.99 ? 17   LYS A O   1 
ATOM   140  C  CB  . LYS A 1 17  ? 16.393  10.530  6.836   1.00 30.75 ? 17   LYS A CB  1 
ATOM   141  C  CG  . LYS A 1 17  ? 16.429  9.898   5.447   1.00 32.82 ? 17   LYS A CG  1 
ATOM   142  C  CD  . LYS A 1 17  ? 16.833  10.888  4.368   1.00 34.44 ? 17   LYS A CD  1 
ATOM   143  C  CE  . LYS A 1 17  ? 17.061  10.173  3.042   1.00 34.30 ? 17   LYS A CE  1 
ATOM   144  N  NZ  . LYS A 1 17  ? 17.582  11.088  1.987   1.00 35.37 ? 17   LYS A NZ  1 
ATOM   145  N  N   . TYR A 1 18  ? 16.465  9.689   10.353  1.00 28.21 ? 18   TYR A N   1 
ATOM   146  C  CA  . TYR A 1 18  ? 16.878  10.169  11.664  1.00 27.56 ? 18   TYR A CA  1 
ATOM   147  C  C   . TYR A 1 18  ? 18.276  9.557   11.782  1.00 26.59 ? 18   TYR A C   1 
ATOM   148  O  O   . TYR A 1 18  ? 18.450  8.365   11.532  1.00 26.36 ? 18   TYR A O   1 
ATOM   149  C  CB  . TYR A 1 18  ? 15.930  9.603   12.727  1.00 28.90 ? 18   TYR A CB  1 
ATOM   150  C  CG  . TYR A 1 18  ? 15.860  10.388  14.017  1.00 30.14 ? 18   TYR A CG  1 
ATOM   151  C  CD1 . TYR A 1 18  ? 15.802  11.781  14.009  1.00 30.67 ? 18   TYR A CD1 1 
ATOM   152  C  CD2 . TYR A 1 18  ? 15.802  9.733   15.248  1.00 30.71 ? 18   TYR A CD2 1 
ATOM   153  C  CE1 . TYR A 1 18  ? 15.685  12.504  15.195  1.00 31.99 ? 18   TYR A CE1 1 
ATOM   154  C  CE2 . TYR A 1 18  ? 15.683  10.445  16.439  1.00 31.73 ? 18   TYR A CE2 1 
ATOM   155  C  CZ  . TYR A 1 18  ? 15.625  11.829  16.405  1.00 32.05 ? 18   TYR A CZ  1 
ATOM   156  O  OH  . TYR A 1 18  ? 15.507  12.537  17.579  1.00 34.14 ? 18   TYR A OH  1 
ATOM   157  N  N   . SER A 1 19  ? 19.271  10.364  12.139  1.00 25.21 ? 19   SER A N   1 
ATOM   158  C  CA  . SER A 1 19  ? 20.646  9.870   12.233  1.00 23.15 ? 19   SER A CA  1 
ATOM   159  C  C   . SER A 1 19  ? 20.846  8.730   13.227  1.00 22.03 ? 19   SER A C   1 
ATOM   160  O  O   . SER A 1 19  ? 20.090  8.583   14.186  1.00 21.28 ? 19   SER A O   1 
ATOM   161  C  CB  . SER A 1 19  ? 21.602  11.014  12.591  1.00 23.91 ? 19   SER A CB  1 
ATOM   162  O  OG  . SER A 1 19  ? 21.497  11.364  13.961  1.00 24.79 ? 19   SER A OG  1 
ATOM   163  N  N   . LEU A 1 20  ? 21.878  7.926   12.989  1.00 21.46 ? 20   LEU A N   1 
ATOM   164  C  CA  . LEU A 1 20  ? 22.193  6.812   13.872  1.00 21.28 ? 20   LEU A CA  1 
ATOM   165  C  C   . LEU A 1 20  ? 22.491  7.315   15.282  1.00 20.93 ? 20   LEU A C   1 
ATOM   166  O  O   . LEU A 1 20  ? 22.096  6.690   16.264  1.00 20.11 ? 20   LEU A O   1 
ATOM   167  C  CB  . LEU A 1 20  ? 23.397  6.027   13.341  1.00 23.67 ? 20   LEU A CB  1 
ATOM   168  C  CG  . LEU A 1 20  ? 23.163  5.122   12.128  1.00 24.67 ? 20   LEU A CG  1 
ATOM   169  C  CD1 . LEU A 1 20  ? 24.491  4.543   11.661  1.00 26.23 ? 20   LEU A CD1 1 
ATOM   170  C  CD2 . LEU A 1 20  ? 22.193  4.007   12.495  1.00 26.57 ? 20   LEU A CD2 1 
ATOM   171  N  N   . ASP A 1 21  ? 23.191  8.443   15.383  1.00 20.86 ? 21   ASP A N   1 
ATOM   172  C  CA  . ASP A 1 21  ? 23.516  8.995   16.693  1.00 20.87 ? 21   ASP A CA  1 
ATOM   173  C  C   . ASP A 1 21  ? 22.252  9.395   17.436  1.00 19.54 ? 21   ASP A C   1 
ATOM   174  O  O   . ASP A 1 21  ? 22.140  9.195   18.646  1.00 19.77 ? 21   ASP A O   1 
ATOM   175  C  CB  . ASP A 1 21  ? 24.425  10.219  16.569  1.00 22.35 ? 21   ASP A CB  1 
ATOM   176  C  CG  . ASP A 1 21  ? 25.833  9.862   16.154  1.00 25.32 ? 21   ASP A CG  1 
ATOM   177  O  OD1 . ASP A 1 21  ? 26.319  8.790   16.564  1.00 27.29 ? 21   ASP A OD1 1 
ATOM   178  O  OD2 . ASP A 1 21  ? 26.461  10.666  15.433  1.00 30.21 ? 21   ASP A OD2 1 
ATOM   179  N  N   . GLU A 1 22  ? 21.299  9.966   16.710  1.00 19.42 ? 22   GLU A N   1 
ATOM   180  C  CA  . GLU A 1 22  ? 20.052  10.387  17.327  1.00 19.80 ? 22   GLU A CA  1 
ATOM   181  C  C   . GLU A 1 22  ? 19.217  9.190   17.752  1.00 19.27 ? 22   GLU A C   1 
ATOM   182  O  O   . GLU A 1 22  ? 18.630  9.189   18.832  1.00 19.43 ? 22   GLU A O   1 
ATOM   183  C  CB  . GLU A 1 22  ? 19.272  11.287  16.369  1.00 21.67 ? 22   GLU A CB  1 
ATOM   184  C  CG  . GLU A 1 22  ? 19.874  12.684  16.266  1.00 24.81 ? 22   GLU A CG  1 
ATOM   185  C  CD  . GLU A 1 22  ? 19.317  13.487  15.114  1.00 28.51 ? 22   GLU A CD  1 
ATOM   186  O  OE1 . GLU A 1 22  ? 19.543  13.088  13.953  1.00 31.21 ? 22   GLU A OE1 1 
ATOM   187  O  OE2 . GLU A 1 22  ? 18.655  14.516  15.368  1.00 30.85 ? 22   GLU A OE2 1 
ATOM   188  N  N   . ILE A 1 23  ? 19.175  8.160   16.914  1.00 18.69 ? 23   ILE A N   1 
ATOM   189  C  CA  . ILE A 1 23  ? 18.410  6.966   17.251  1.00 18.73 ? 23   ILE A CA  1 
ATOM   190  C  C   . ILE A 1 23  ? 19.029  6.260   18.457  1.00 17.90 ? 23   ILE A C   1 
ATOM   191  O  O   . ILE A 1 23  ? 18.320  5.830   19.368  1.00 18.69 ? 23   ILE A O   1 
ATOM   192  C  CB  . ILE A 1 23  ? 18.352  5.985   16.059  1.00 19.20 ? 23   ILE A CB  1 
ATOM   193  C  CG1 . ILE A 1 23  ? 17.635  6.645   14.879  1.00 20.37 ? 23   ILE A CG1 1 
ATOM   194  C  CG2 . ILE A 1 23  ? 17.635  4.706   16.475  1.00 19.06 ? 23   ILE A CG2 1 
ATOM   195  C  CD1 . ILE A 1 23  ? 17.622  5.805   13.612  1.00 22.74 ? 23   ILE A CD1 1 
ATOM   196  N  N   . ALA A 1 24  ? 20.353  6.152   18.464  1.00 18.17 ? 24   ALA A N   1 
ATOM   197  C  CA  . ALA A 1 24  ? 21.057  5.504   19.564  1.00 18.69 ? 24   ALA A CA  1 
ATOM   198  C  C   . ALA A 1 24  ? 20.805  6.240   20.876  1.00 18.43 ? 24   ALA A C   1 
ATOM   199  O  O   . ALA A 1 24  ? 20.641  5.618   21.924  1.00 18.66 ? 24   ALA A O   1 
ATOM   200  C  CB  . ALA A 1 24  ? 22.550  5.455   19.270  1.00 19.10 ? 24   ALA A CB  1 
ATOM   201  N  N   . ARG A 1 25  ? 20.772  7.567   20.810  1.00 18.95 ? 25   ARG A N   1 
ATOM   202  C  CA  . ARG A 1 25  ? 20.539  8.382   21.997  1.00 19.91 ? 25   ARG A CA  1 
ATOM   203  C  C   . ARG A 1 25  ? 19.114  8.191   22.516  1.00 19.56 ? 25   ARG A C   1 
ATOM   204  O  O   . ARG A 1 25  ? 18.886  8.141   23.724  1.00 20.33 ? 25   ARG A O   1 
ATOM   205  C  CB  . ARG A 1 25  ? 20.789  9.858   21.666  1.00 20.41 ? 25   ARG A CB  1 
ATOM   206  C  CG  . ARG A 1 25  ? 20.708  10.809  22.851  1.00 22.43 ? 25   ARG A CG  1 
ATOM   207  C  CD  . ARG A 1 25  ? 21.074  12.225  22.418  1.00 22.06 ? 25   ARG A CD  1 
ATOM   208  N  NE  . ARG A 1 25  ? 22.369  12.258  21.739  1.00 24.88 ? 25   ARG A NE  1 
ATOM   209  C  CZ  . ARG A 1 25  ? 22.553  12.668  20.487  1.00 24.02 ? 25   ARG A CZ  1 
ATOM   210  N  NH1 . ARG A 1 25  ? 21.528  13.089  19.759  1.00 25.35 ? 25   ARG A NH1 1 
ATOM   211  N  NH2 . ARG A 1 25  ? 23.769  12.649  19.959  1.00 25.85 ? 25   ARG A NH2 1 
ATOM   212  N  N   . GLU A 1 26  ? 18.154  8.073   21.603  1.00 19.12 ? 26   GLU A N   1 
ATOM   213  C  CA  . GLU A 1 26  ? 16.760  7.898   21.993  1.00 21.19 ? 26   GLU A CA  1 
ATOM   214  C  C   . GLU A 1 26  ? 16.481  6.533   22.620  1.00 22.61 ? 26   GLU A C   1 
ATOM   215  O  O   . GLU A 1 26  ? 15.826  6.447   23.656  1.00 22.27 ? 26   GLU A O   1 
ATOM   216  C  CB  . GLU A 1 26  ? 15.837  8.097   20.788  1.00 21.85 ? 26   GLU A CB  1 
ATOM   217  C  CG  . GLU A 1 26  ? 14.359  8.115   21.161  1.00 25.16 ? 26   GLU A CG  1 
ATOM   218  C  CD  . GLU A 1 26  ? 13.441  8.306   19.970  1.00 28.19 ? 26   GLU A CD  1 
ATOM   219  O  OE1 . GLU A 1 26  ? 13.792  9.085   19.058  1.00 30.64 ? 26   GLU A OE1 1 
ATOM   220  O  OE2 . GLU A 1 26  ? 12.355  7.687   19.955  1.00 30.65 ? 26   GLU A OE2 1 
ATOM   221  N  N   . ILE A 1 27  ? 16.974  5.471   21.988  1.00 24.63 ? 27   ILE A N   1 
ATOM   222  C  CA  . ILE A 1 27  ? 16.754  4.113   22.484  1.00 26.86 ? 27   ILE A CA  1 
ATOM   223  C  C   . ILE A 1 27  ? 17.706  3.689   23.599  1.00 27.35 ? 27   ILE A C   1 
ATOM   224  O  O   . ILE A 1 27  ? 17.370  2.829   24.414  1.00 28.15 ? 27   ILE A O   1 
ATOM   225  C  CB  . ILE A 1 27  ? 16.841  3.082   21.328  1.00 28.21 ? 27   ILE A CB  1 
ATOM   226  C  CG1 . ILE A 1 27  ? 15.593  3.191   20.451  1.00 30.13 ? 27   ILE A CG1 1 
ATOM   227  C  CG2 . ILE A 1 27  ? 16.988  1.669   21.883  1.00 29.87 ? 27   ILE A CG2 1 
ATOM   228  C  CD1 . ILE A 1 27  ? 15.479  2.108   19.404  1.00 31.25 ? 27   ILE A CD1 1 
ATOM   229  N  N   . ARG A 1 28  ? 18.890  4.290   23.626  1.00 27.42 ? 28   ARG A N   1 
ATOM   230  C  CA  . ARG A 1 28  ? 19.902  3.985   24.634  1.00 29.06 ? 28   ARG A CA  1 
ATOM   231  C  C   . ARG A 1 28  ? 20.643  2.669   24.379  1.00 29.31 ? 28   ARG A C   1 
ATOM   232  O  O   . ARG A 1 28  ? 20.528  1.714   25.150  1.00 31.03 ? 28   ARG A O   1 
ATOM   233  C  CB  . ARG A 1 28  ? 19.283  3.961   26.038  1.00 29.84 ? 28   ARG A CB  1 
ATOM   234  C  CG  . ARG A 1 28  ? 20.301  3.754   27.154  1.00 31.79 ? 28   ARG A CG  1 
ATOM   235  C  CD  . ARG A 1 28  ? 19.636  3.603   28.512  1.00 32.36 ? 28   ARG A CD  1 
ATOM   236  N  NE  . ARG A 1 28  ? 20.613  3.330   29.563  1.00 33.75 ? 28   ARG A NE  1 
ATOM   237  C  CZ  . ARG A 1 28  ? 21.506  4.209   30.007  1.00 34.34 ? 28   ARG A CZ  1 
ATOM   238  N  NH1 . ARG A 1 28  ? 21.552  5.433   29.495  1.00 34.41 ? 28   ARG A NH1 1 
ATOM   239  N  NH2 . ARG A 1 28  ? 22.365  3.859   30.956  1.00 35.11 ? 28   ARG A NH2 1 
ATOM   240  N  N   . ILE A 1 29  ? 21.392  2.628   23.283  1.00 29.26 ? 29   ILE A N   1 
ATOM   241  C  CA  . ILE A 1 29  ? 22.197  1.464   22.922  1.00 28.53 ? 29   ILE A CA  1 
ATOM   242  C  C   . ILE A 1 29  ? 23.354  1.970   22.072  1.00 27.72 ? 29   ILE A C   1 
ATOM   243  O  O   . ILE A 1 29  ? 23.265  3.040   21.470  1.00 26.63 ? 29   ILE A O   1 
ATOM   244  C  CB  . ILE A 1 29  ? 21.405  0.410   22.100  1.00 30.10 ? 29   ILE A CB  1 
ATOM   245  C  CG1 . ILE A 1 29  ? 20.942  1.011   20.773  1.00 30.01 ? 29   ILE A CG1 1 
ATOM   246  C  CG2 . ILE A 1 29  ? 20.224  -0.108  22.904  1.00 29.76 ? 29   ILE A CG2 1 
ATOM   247  C  CD1 . ILE A 1 29  ? 20.362  -0.013  19.815  1.00 32.19 ? 29   ILE A CD1 1 
ATOM   248  N  N   . PRO A 1 30  ? 24.463  1.215   22.022  1.00 26.94 ? 30   PRO A N   1 
ATOM   249  C  CA  . PRO A 1 30  ? 25.630  1.619   21.229  1.00 27.09 ? 30   PRO A CA  1 
ATOM   250  C  C   . PRO A 1 30  ? 25.293  1.738   19.743  1.00 26.36 ? 30   PRO A C   1 
ATOM   251  O  O   . PRO A 1 30  ? 24.533  0.928   19.208  1.00 26.56 ? 30   PRO A O   1 
ATOM   252  C  CB  . PRO A 1 30  ? 26.633  0.500   21.502  1.00 27.19 ? 30   PRO A CB  1 
ATOM   253  C  CG  . PRO A 1 30  ? 26.271  0.056   22.884  1.00 27.41 ? 30   PRO A CG  1 
ATOM   254  C  CD  . PRO A 1 30  ? 24.766  0.018   22.824  1.00 28.11 ? 30   PRO A CD  1 
ATOM   255  N  N   . LYS A 1 31  ? 25.860  2.741   19.080  1.00 26.00 ? 31   LYS A N   1 
ATOM   256  C  CA  . LYS A 1 31  ? 25.611  2.955   17.657  1.00 25.36 ? 31   LYS A CA  1 
ATOM   257  C  C   . LYS A 1 31  ? 25.984  1.723   16.838  1.00 24.65 ? 31   LYS A C   1 
ATOM   258  O  O   . LYS A 1 31  ? 25.265  1.340   15.919  1.00 23.83 ? 31   LYS A O   1 
ATOM   259  C  CB  . LYS A 1 31  ? 26.408  4.154   17.135  1.00 27.92 ? 31   LYS A CB  1 
ATOM   260  C  CG  . LYS A 1 31  ? 25.995  4.576   15.730  1.00 31.07 ? 31   LYS A CG  1 
ATOM   261  C  CD  . LYS A 1 31  ? 27.120  5.253   14.960  1.00 35.05 ? 31   LYS A CD  1 
ATOM   262  C  CE  . LYS A 1 31  ? 27.647  6.482   15.671  1.00 36.26 ? 31   LYS A CE  1 
ATOM   263  N  NZ  . LYS A 1 31  ? 28.608  7.236   14.817  1.00 38.04 ? 31   LYS A NZ  1 
ATOM   264  N  N   . ALA A 1 32  ? 27.115  1.110   17.171  1.00 23.84 ? 32   ALA A N   1 
ATOM   265  C  CA  . ALA A 1 32  ? 27.574  -0.077  16.455  1.00 23.24 ? 32   ALA A CA  1 
ATOM   266  C  C   . ALA A 1 32  ? 26.543  -1.199  16.554  1.00 22.17 ? 32   ALA A C   1 
ATOM   267  O  O   . ALA A 1 32  ? 26.324  -1.942  15.594  1.00 22.82 ? 32   ALA A O   1 
ATOM   268  C  CB  . ALA A 1 32  ? 28.913  -0.543  17.020  1.00 24.38 ? 32   ALA A CB  1 
ATOM   269  N  N   . THR A 1 33  ? 25.913  -1.316  17.718  1.00 22.46 ? 33   THR A N   1 
ATOM   270  C  CA  . THR A 1 33  ? 24.900  -2.342  17.937  1.00 22.47 ? 33   THR A CA  1 
ATOM   271  C  C   . THR A 1 33  ? 23.644  -1.988  17.148  1.00 21.62 ? 33   THR A C   1 
ATOM   272  O  O   . THR A 1 33  ? 22.995  -2.859  16.571  1.00 20.95 ? 33   THR A O   1 
ATOM   273  C  CB  . THR A 1 33  ? 24.549  -2.468  19.430  1.00 23.74 ? 33   THR A CB  1 
ATOM   274  O  OG1 . THR A 1 33  ? 25.717  -2.865  20.160  1.00 26.02 ? 33   THR A OG1 1 
ATOM   275  C  CG2 . THR A 1 33  ? 23.457  -3.507  19.640  1.00 24.55 ? 33   THR A CG2 1 
ATOM   276  N  N   . LEU A 1 34  ? 23.306  -0.703  17.128  1.00 21.09 ? 34   LEU A N   1 
ATOM   277  C  CA  . LEU A 1 34  ? 22.141  -0.238  16.390  1.00 19.68 ? 34   LEU A CA  1 
ATOM   278  C  C   . LEU A 1 34  ? 22.319  -0.558  14.907  1.00 20.23 ? 34   LEU A C   1 
ATOM   279  O  O   . LEU A 1 34  ? 21.406  -1.068  14.257  1.00 20.09 ? 34   LEU A O   1 
ATOM   280  C  CB  . LEU A 1 34  ? 21.965  1.270   16.579  1.00 19.00 ? 34   LEU A CB  1 
ATOM   281  C  CG  . LEU A 1 34  ? 20.881  1.936   15.729  1.00 20.16 ? 34   LEU A CG  1 
ATOM   282  C  CD1 . LEU A 1 34  ? 19.514  1.366   16.078  1.00 19.92 ? 34   LEU A CD1 1 
ATOM   283  C  CD2 . LEU A 1 34  ? 20.912  3.432   15.969  1.00 19.80 ? 34   LEU A CD2 1 
ATOM   284  N  N   . SER A 1 35  ? 23.501  -0.259  14.374  1.00 20.36 ? 35   SER A N   1 
ATOM   285  C  CA  . SER A 1 35  ? 23.790  -0.527  12.968  1.00 20.60 ? 35   SER A CA  1 
ATOM   286  C  C   . SER A 1 35  ? 23.678  -2.019  12.676  1.00 21.23 ? 35   SER A C   1 
ATOM   287  O  O   . SER A 1 35  ? 23.116  -2.426  11.657  1.00 20.99 ? 35   SER A O   1 
ATOM   288  C  CB  . SER A 1 35  ? 25.195  -0.037  12.605  1.00 22.59 ? 35   SER A CB  1 
ATOM   289  O  OG  . SER A 1 35  ? 25.272  1.379   12.663  1.00 24.84 ? 35   SER A OG  1 
ATOM   290  N  N   . TYR A 1 36  ? 24.219  -2.834  13.573  1.00 21.48 ? 36   TYR A N   1 
ATOM   291  C  CA  . TYR A 1 36  ? 24.164  -4.277  13.404  1.00 22.61 ? 36   TYR A CA  1 
ATOM   292  C  C   . TYR A 1 36  ? 22.718  -4.760  13.382  1.00 21.47 ? 36   TYR A C   1 
ATOM   293  O  O   . TYR A 1 36  ? 22.331  -5.552  12.523  1.00 22.24 ? 36   TYR A O   1 
ATOM   294  C  CB  . TYR A 1 36  ? 24.913  -4.977  14.538  1.00 24.01 ? 36   TYR A CB  1 
ATOM   295  C  CG  . TYR A 1 36  ? 24.768  -6.475  14.486  1.00 25.80 ? 36   TYR A CG  1 
ATOM   296  C  CD1 . TYR A 1 36  ? 25.411  -7.221  13.500  1.00 27.47 ? 36   TYR A CD1 1 
ATOM   297  C  CD2 . TYR A 1 36  ? 23.940  -7.144  15.385  1.00 27.05 ? 36   TYR A CD2 1 
ATOM   298  C  CE1 . TYR A 1 36  ? 25.228  -8.597  13.407  1.00 29.40 ? 36   TYR A CE1 1 
ATOM   299  C  CE2 . TYR A 1 36  ? 23.748  -8.519  15.300  1.00 29.27 ? 36   TYR A CE2 1 
ATOM   300  C  CZ  . TYR A 1 36  ? 24.394  -9.237  14.309  1.00 29.63 ? 36   TYR A CZ  1 
ATOM   301  O  OH  . TYR A 1 36  ? 24.198  -10.596 14.213  1.00 33.34 ? 36   TYR A OH  1 
ATOM   302  N  N   . ARG A 1 37  ? 21.922  -4.280  14.334  1.00 20.76 ? 37   ARG A N   1 
ATOM   303  C  CA  . ARG A 1 37  ? 20.520  -4.669  14.427  1.00 20.31 ? 37   ARG A CA  1 
ATOM   304  C  C   . ARG A 1 37  ? 19.716  -4.284  13.189  1.00 20.12 ? 37   ARG A C   1 
ATOM   305  O  O   . ARG A 1 37  ? 18.890  -5.063  12.715  1.00 19.81 ? 37   ARG A O   1 
ATOM   306  C  CB  . ARG A 1 37  ? 19.883  -4.050  15.676  1.00 21.56 ? 37   ARG A CB  1 
ATOM   307  C  CG  . ARG A 1 37  ? 20.221  -4.780  16.972  1.00 22.07 ? 37   ARG A CG  1 
ATOM   308  C  CD  . ARG A 1 37  ? 19.730  -4.004  18.183  1.00 22.28 ? 37   ARG A CD  1 
ATOM   309  N  NE  . ARG A 1 37  ? 19.793  -4.780  19.420  1.00 25.50 ? 37   ARG A NE  1 
ATOM   310  C  CZ  . ARG A 1 37  ? 18.914  -5.718  19.761  1.00 25.37 ? 37   ARG A CZ  1 
ATOM   311  N  NH1 . ARG A 1 37  ? 17.898  -6.005  18.957  1.00 25.48 ? 37   ARG A NH1 1 
ATOM   312  N  NH2 . ARG A 1 37  ? 19.048  -6.368  20.910  1.00 26.27 ? 37   ARG A NH2 1 
ATOM   313  N  N   . ILE A 1 38  ? 19.961  -3.088  12.662  1.00 19.82 ? 38   ILE A N   1 
ATOM   314  C  CA  . ILE A 1 38  ? 19.250  -2.629  11.475  1.00 18.58 ? 38   ILE A CA  1 
ATOM   315  C  C   . ILE A 1 38  ? 19.628  -3.474  10.264  1.00 20.35 ? 38   ILE A C   1 
ATOM   316  O  O   . ILE A 1 38  ? 18.763  -3.863  9.480   1.00 20.26 ? 38   ILE A O   1 
ATOM   317  C  CB  . ILE A 1 38  ? 19.547  -1.140  11.194  1.00 18.00 ? 38   ILE A CB  1 
ATOM   318  C  CG1 . ILE A 1 38  ? 18.918  -0.289  12.299  1.00 17.71 ? 38   ILE A CG1 1 
ATOM   319  C  CG2 . ILE A 1 38  ? 19.013  -0.736  9.826   1.00 18.04 ? 38   ILE A CG2 1 
ATOM   320  C  CD1 . ILE A 1 38  ? 19.278  1.180   12.233  1.00 17.49 ? 38   ILE A CD1 1 
ATOM   321  N  N   . LYS A 1 39  ? 20.917  -3.761  10.116  1.00 21.81 ? 39   LYS A N   1 
ATOM   322  C  CA  . LYS A 1 39  ? 21.381  -4.571  8.995   1.00 23.86 ? 39   LYS A CA  1 
ATOM   323  C  C   . LYS A 1 39  ? 20.766  -5.965  9.050   1.00 24.33 ? 39   LYS A C   1 
ATOM   324  O  O   . LYS A 1 39  ? 20.419  -6.539  8.017   1.00 24.96 ? 39   LYS A O   1 
ATOM   325  C  CB  . LYS A 1 39  ? 22.906  -4.682  9.007   1.00 25.51 ? 39   LYS A CB  1 
ATOM   326  C  CG  . LYS A 1 39  ? 23.624  -3.393  8.652   1.00 29.76 ? 39   LYS A CG  1 
ATOM   327  C  CD  . LYS A 1 39  ? 25.125  -3.613  8.560   1.00 33.50 ? 39   LYS A CD  1 
ATOM   328  C  CE  . LYS A 1 39  ? 25.851  -2.340  8.162   1.00 35.19 ? 39   LYS A CE  1 
ATOM   329  N  NZ  . LYS A 1 39  ? 27.325  -2.552  8.084   1.00 37.02 ? 39   LYS A NZ  1 
ATOM   330  N  N   . LYS A 1 40  ? 20.633  -6.503  10.258  1.00 24.99 ? 40   LYS A N   1 
ATOM   331  C  CA  . LYS A 1 40  ? 20.053  -7.830  10.437  1.00 25.52 ? 40   LYS A CA  1 
ATOM   332  C  C   . LYS A 1 40  ? 18.573  -7.820  10.072  1.00 24.69 ? 40   LYS A C   1 
ATOM   333  O  O   . LYS A 1 40  ? 18.071  -8.763  9.462   1.00 24.86 ? 40   LYS A O   1 
ATOM   334  C  CB  . LYS A 1 40  ? 20.235  -8.298  11.885  1.00 27.47 ? 40   LYS A CB  1 
ATOM   335  C  CG  . LYS A 1 40  ? 19.686  -9.693  12.168  1.00 31.02 ? 40   LYS A CG  1 
ATOM   336  C  CD  . LYS A 1 40  ? 20.083  -10.165 13.561  1.00 33.27 ? 40   LYS A CD  1 
ATOM   337  C  CE  . LYS A 1 40  ? 19.549  -11.558 13.864  1.00 34.78 ? 40   LYS A CE  1 
ATOM   338  N  NZ  . LYS A 1 40  ? 18.064  -11.588 13.975  1.00 37.24 ? 40   LYS A NZ  1 
ATOM   339  N  N   . LEU A 1 41  ? 17.876  -6.750  10.443  1.00 22.99 ? 41   LEU A N   1 
ATOM   340  C  CA  . LEU A 1 41  ? 16.455  -6.626  10.138  1.00 21.76 ? 41   LEU A CA  1 
ATOM   341  C  C   . LEU A 1 41  ? 16.242  -6.545  8.632   1.00 21.78 ? 41   LEU A C   1 
ATOM   342  O  O   . LEU A 1 41  ? 15.239  -7.039  8.111   1.00 22.44 ? 41   LEU A O   1 
ATOM   343  C  CB  . LEU A 1 41  ? 15.873  -5.385  10.819  1.00 20.91 ? 41   LEU A CB  1 
ATOM   344  C  CG  . LEU A 1 41  ? 15.770  -5.473  12.345  1.00 18.96 ? 41   LEU A CG  1 
ATOM   345  C  CD1 . LEU A 1 41  ? 15.502  -4.099  12.924  1.00 21.09 ? 41   LEU A CD1 1 
ATOM   346  C  CD2 . LEU A 1 41  ? 14.666  -6.444  12.731  1.00 20.59 ? 41   LEU A CD2 1 
ATOM   347  N  N   . GLU A 1 42  ? 17.187  -5.921  7.934   1.00 21.76 ? 42   GLU A N   1 
ATOM   348  C  CA  . GLU A 1 42  ? 17.102  -5.796  6.484   1.00 23.01 ? 42   GLU A CA  1 
ATOM   349  C  C   . GLU A 1 42  ? 17.426  -7.157  5.872   1.00 24.82 ? 42   GLU A C   1 
ATOM   350  O  O   . GLU A 1 42  ? 16.749  -7.614  4.952   1.00 24.32 ? 42   GLU A O   1 
ATOM   351  C  CB  . GLU A 1 42  ? 18.096  -4.745  5.977   1.00 23.42 ? 42   GLU A CB  1 
ATOM   352  C  CG  . GLU A 1 42  ? 17.964  -3.391  6.669   1.00 23.39 ? 42   GLU A CG  1 
ATOM   353  C  CD  . GLU A 1 42  ? 19.023  -2.397  6.224   1.00 24.94 ? 42   GLU A CD  1 
ATOM   354  O  OE1 . GLU A 1 42  ? 20.175  -2.817  5.998   1.00 27.07 ? 42   GLU A OE1 1 
ATOM   355  O  OE2 . GLU A 1 42  ? 18.710  -1.194  6.119   1.00 23.23 ? 42   GLU A OE2 1 
ATOM   356  N  N   . LYS A 1 43  ? 18.460  -7.803  6.399   1.00 26.60 ? 43   LYS A N   1 
ATOM   357  C  CA  . LYS A 1 43  ? 18.870  -9.114  5.909   1.00 29.01 ? 43   LYS A CA  1 
ATOM   358  C  C   . LYS A 1 43  ? 17.781  -10.162 6.112   1.00 29.33 ? 43   LYS A C   1 
ATOM   359  O  O   . LYS A 1 43  ? 17.583  -11.032 5.263   1.00 30.25 ? 43   LYS A O   1 
ATOM   360  C  CB  . LYS A 1 43  ? 20.147  -9.577  6.616   1.00 30.25 ? 43   LYS A CB  1 
ATOM   361  C  CG  . LYS A 1 43  ? 21.402  -8.820  6.217   1.00 34.31 ? 43   LYS A CG  1 
ATOM   362  C  CD  . LYS A 1 43  ? 22.625  -9.377  6.934   1.00 36.11 ? 43   LYS A CD  1 
ATOM   363  C  CE  . LYS A 1 43  ? 23.899  -8.682  6.481   1.00 37.88 ? 43   LYS A CE  1 
ATOM   364  N  NZ  . LYS A 1 43  ? 25.106  -9.222  7.166   1.00 38.33 ? 43   LYS A NZ  1 
ATOM   365  N  N   . ASP A 1 44  ? 17.072  -10.074 7.234   1.00 29.02 ? 44   ASP A N   1 
ATOM   366  C  CA  . ASP A 1 44  ? 16.015  -11.033 7.542   1.00 28.75 ? 44   ASP A CA  1 
ATOM   367  C  C   . ASP A 1 44  ? 14.687  -10.737 6.855   1.00 27.81 ? 44   ASP A C   1 
ATOM   368  O  O   . ASP A 1 44  ? 13.728  -11.493 7.004   1.00 29.10 ? 44   ASP A O   1 
ATOM   369  C  CB  . ASP A 1 44  ? 15.799  -11.124 9.055   1.00 29.64 ? 44   ASP A CB  1 
ATOM   370  C  CG  . ASP A 1 44  ? 16.995  -11.715 9.778   1.00 31.45 ? 44   ASP A CG  1 
ATOM   371  O  OD1 . ASP A 1 44  ? 17.890  -12.260 9.099   1.00 32.50 ? 44   ASP A OD1 1 
ATOM   372  O  OD2 . ASP A 1 44  ? 17.037  -11.643 11.024  1.00 31.91 ? 44   ASP A OD2 1 
ATOM   373  N  N   . GLY A 1 45  ? 14.629  -9.639  6.110   1.00 26.97 ? 45   GLY A N   1 
ATOM   374  C  CA  . GLY A 1 45  ? 13.406  -9.298  5.405   1.00 26.01 ? 45   GLY A CA  1 
ATOM   375  C  C   . GLY A 1 45  ? 12.355  -8.543  6.200   1.00 24.95 ? 45   GLY A C   1 
ATOM   376  O  O   . GLY A 1 45  ? 11.233  -8.369  5.727   1.00 26.02 ? 45   GLY A O   1 
ATOM   377  N  N   . VAL A 1 46  ? 12.696  -8.102  7.407   1.00 22.80 ? 46   VAL A N   1 
ATOM   378  C  CA  . VAL A 1 46  ? 11.744  -7.350  8.220   1.00 21.90 ? 46   VAL A CA  1 
ATOM   379  C  C   . VAL A 1 46  ? 11.619  -5.954  7.619   1.00 21.00 ? 46   VAL A C   1 
ATOM   380  O  O   . VAL A 1 46  ? 10.520  -5.426  7.457   1.00 20.35 ? 46   VAL A O   1 
ATOM   381  C  CB  . VAL A 1 46  ? 12.210  -7.250  9.682   1.00 20.93 ? 46   VAL A CB  1 
ATOM   382  C  CG1 . VAL A 1 46  ? 11.259  -6.365  10.472  1.00 20.96 ? 46   VAL A CG1 1 
ATOM   383  C  CG2 . VAL A 1 46  ? 12.266  -8.643  10.298  1.00 22.86 ? 46   VAL A CG2 1 
ATOM   384  N  N   . ILE A 1 47  ? 12.763  -5.353  7.304   1.00 19.67 ? 47   ILE A N   1 
ATOM   385  C  CA  . ILE A 1 47  ? 12.782  -4.046  6.663   1.00 20.64 ? 47   ILE A CA  1 
ATOM   386  C  C   . ILE A 1 47  ? 13.007  -4.396  5.197   1.00 21.91 ? 47   ILE A C   1 
ATOM   387  O  O   . ILE A 1 47  ? 14.082  -4.867  4.825   1.00 23.22 ? 47   ILE A O   1 
ATOM   388  C  CB  . ILE A 1 47  ? 13.947  -3.170  7.176   1.00 18.35 ? 47   ILE A CB  1 
ATOM   389  C  CG1 . ILE A 1 47  ? 13.718  -2.810  8.647   1.00 19.12 ? 47   ILE A CG1 1 
ATOM   390  C  CG2 . ILE A 1 47  ? 14.060  -1.907  6.333   1.00 18.29 ? 47   ILE A CG2 1 
ATOM   391  C  CD1 . ILE A 1 47  ? 14.871  -2.036  9.283   1.00 18.96 ? 47   ILE A CD1 1 
ATOM   392  N  N   . LYS A 1 48  ? 11.988  -4.188  4.372   1.00 23.80 ? 48   LYS A N   1 
ATOM   393  C  CA  . LYS A 1 48  ? 12.078  -4.516  2.954   1.00 25.54 ? 48   LYS A CA  1 
ATOM   394  C  C   . LYS A 1 48  ? 12.584  -3.369  2.089   1.00 25.72 ? 48   LYS A C   1 
ATOM   395  O  O   . LYS A 1 48  ? 12.887  -3.558  0.909   1.00 27.00 ? 48   LYS A O   1 
ATOM   396  C  CB  . LYS A 1 48  ? 10.712  -4.988  2.449   1.00 27.66 ? 48   LYS A CB  1 
ATOM   397  C  CG  . LYS A 1 48  ? 10.203  -6.242  3.153   1.00 30.76 ? 48   LYS A CG  1 
ATOM   398  C  CD  . LYS A 1 48  ? 8.808   -6.640  2.684   1.00 34.28 ? 48   LYS A CD  1 
ATOM   399  C  CE  . LYS A 1 48  ? 8.791   -7.003  1.208   1.00 35.39 ? 48   LYS A CE  1 
ATOM   400  N  NZ  . LYS A 1 48  ? 7.431   -7.419  0.762   1.00 38.07 ? 48   LYS A NZ  1 
ATOM   401  N  N   . GLY A 1 49  ? 12.677  -2.180  2.675   1.00 24.65 ? 49   GLY A N   1 
ATOM   402  C  CA  . GLY A 1 49  ? 13.154  -1.034  1.925   1.00 23.70 ? 49   GLY A CA  1 
ATOM   403  C  C   . GLY A 1 49  ? 12.910  0.281   2.636   1.00 21.75 ? 49   GLY A C   1 
ATOM   404  O  O   . GLY A 1 49  ? 12.433  0.311   3.771   1.00 21.30 ? 49   GLY A O   1 
ATOM   405  N  N   . TYR A 1 50  ? 13.251  1.372   1.958   1.00 19.87 ? 50   TYR A N   1 
ATOM   406  C  CA  . TYR A 1 50  ? 13.079  2.716   2.490   1.00 19.45 ? 50   TYR A CA  1 
ATOM   407  C  C   . TYR A 1 50  ? 12.497  3.561   1.367   1.00 20.08 ? 50   TYR A C   1 
ATOM   408  O  O   . TYR A 1 50  ? 13.020  3.565   0.254   1.00 20.95 ? 50   TYR A O   1 
ATOM   409  C  CB  . TYR A 1 50  ? 14.430  3.282   2.928   1.00 19.50 ? 50   TYR A CB  1 
ATOM   410  C  CG  . TYR A 1 50  ? 15.073  2.509   4.053   1.00 20.13 ? 50   TYR A CG  1 
ATOM   411  C  CD1 . TYR A 1 50  ? 14.707  2.733   5.380   1.00 19.91 ? 50   TYR A CD1 1 
ATOM   412  C  CD2 . TYR A 1 50  ? 16.031  1.531   3.788   1.00 21.18 ? 50   TYR A CD2 1 
ATOM   413  C  CE1 . TYR A 1 50  ? 15.287  2.001   6.421   1.00 19.53 ? 50   TYR A CE1 1 
ATOM   414  C  CE2 . TYR A 1 50  ? 16.611  0.794   4.816   1.00 20.47 ? 50   TYR A CE2 1 
ATOM   415  C  CZ  . TYR A 1 50  ? 16.237  1.035   6.128   1.00 19.88 ? 50   TYR A CZ  1 
ATOM   416  O  OH  . TYR A 1 50  ? 16.820  0.309   7.140   1.00 20.70 ? 50   TYR A OH  1 
ATOM   417  N  N   . TYR A 1 51  ? 11.410  4.268   1.651   1.00 20.03 ? 51   TYR A N   1 
ATOM   418  C  CA  . TYR A 1 51  ? 10.769  5.084   0.630   1.00 21.42 ? 51   TYR A CA  1 
ATOM   419  C  C   . TYR A 1 51  ? 10.563  6.523   1.069   1.00 20.42 ? 51   TYR A C   1 
ATOM   420  O  O   . TYR A 1 51  ? 10.502  6.829   2.259   1.00 20.06 ? 51   TYR A O   1 
ATOM   421  C  CB  . TYR A 1 51  ? 9.389   4.518   0.261   1.00 23.58 ? 51   TYR A CB  1 
ATOM   422  C  CG  . TYR A 1 51  ? 9.310   3.024   0.015   1.00 27.38 ? 51   TYR A CG  1 
ATOM   423  C  CD1 . TYR A 1 51  ? 10.238  2.373   -0.797  1.00 27.81 ? 51   TYR A CD1 1 
ATOM   424  C  CD2 . TYR A 1 51  ? 8.264   2.269   0.550   1.00 27.00 ? 51   TYR A CD2 1 
ATOM   425  C  CE1 . TYR A 1 51  ? 10.124  1.005   -1.072  1.00 29.81 ? 51   TYR A CE1 1 
ATOM   426  C  CE2 . TYR A 1 51  ? 8.141   0.906   0.279   1.00 29.47 ? 51   TYR A CE2 1 
ATOM   427  C  CZ  . TYR A 1 51  ? 9.074   0.282   -0.532  0.50 29.31 ? 51   TYR A CZ  1 
ATOM   428  O  OH  . TYR A 1 51  ? 8.955   -1.063  -0.803  1.00 31.44 ? 51   TYR A OH  1 
ATOM   429  N  N   . ALA A 1 52  ? 10.447  7.408   0.090   1.00 20.12 ? 52   ALA A N   1 
ATOM   430  C  CA  . ALA A 1 52  ? 10.177  8.801   0.378   1.00 20.45 ? 52   ALA A CA  1 
ATOM   431  C  C   . ALA A 1 52  ? 8.658   8.902   0.342   1.00 21.05 ? 52   ALA A C   1 
ATOM   432  O  O   . ALA A 1 52  ? 8.020   8.379   -0.573  1.00 22.44 ? 52   ALA A O   1 
ATOM   433  C  CB  . ALA A 1 52  ? 10.787  9.691   -0.692  1.00 20.96 ? 52   ALA A CB  1 
ATOM   434  N  N   . TYR A 1 53  ? 8.074   9.537   1.349   1.00 21.41 ? 53   TYR A N   1 
ATOM   435  C  CA  . TYR A 1 53  ? 6.628   9.712   1.379   1.00 23.19 ? 53   TYR A CA  1 
ATOM   436  C  C   . TYR A 1 53  ? 6.337   10.970  0.575   1.00 22.53 ? 53   TYR A C   1 
ATOM   437  O  O   . TYR A 1 53  ? 6.645   12.079  1.007   1.00 21.03 ? 53   TYR A O   1 
ATOM   438  C  CB  . TYR A 1 53  ? 6.135   9.867   2.821   1.00 27.19 ? 53   TYR A CB  1 
ATOM   439  C  CG  . TYR A 1 53  ? 4.697   10.333  2.953   1.00 31.07 ? 53   TYR A CG  1 
ATOM   440  C  CD1 . TYR A 1 53  ? 3.669   9.720   2.235   1.00 33.12 ? 53   TYR A CD1 1 
ATOM   441  C  CD2 . TYR A 1 53  ? 4.366   11.383  3.808   1.00 33.25 ? 53   TYR A CD2 1 
ATOM   442  C  CE1 . TYR A 1 53  ? 2.344   10.146  2.367   1.00 34.65 ? 53   TYR A CE1 1 
ATOM   443  C  CE2 . TYR A 1 53  ? 3.048   11.814  3.949   1.00 35.21 ? 53   TYR A CE2 1 
ATOM   444  C  CZ  . TYR A 1 53  ? 2.044   11.193  3.227   1.00 35.82 ? 53   TYR A CZ  1 
ATOM   445  O  OH  . TYR A 1 53  ? 0.743   11.625  3.367   1.00 37.70 ? 53   TYR A OH  1 
ATOM   446  N  N   . ILE A 1 54  ? 5.763   10.785  -0.608  1.00 22.91 ? 54   ILE A N   1 
ATOM   447  C  CA  . ILE A 1 54  ? 5.444   11.906  -1.479  1.00 22.46 ? 54   ILE A CA  1 
ATOM   448  C  C   . ILE A 1 54  ? 3.977   12.275  -1.357  1.00 23.65 ? 54   ILE A C   1 
ATOM   449  O  O   . ILE A 1 54  ? 3.104   11.406  -1.405  1.00 24.31 ? 54   ILE A O   1 
ATOM   450  C  CB  . ILE A 1 54  ? 5.753   11.564  -2.947  1.00 21.40 ? 54   ILE A CB  1 
ATOM   451  C  CG1 . ILE A 1 54  ? 7.242   11.240  -3.094  1.00 20.98 ? 54   ILE A CG1 1 
ATOM   452  C  CG2 . ILE A 1 54  ? 5.358   12.726  -3.854  1.00 19.60 ? 54   ILE A CG2 1 
ATOM   453  C  CD1 . ILE A 1 54  ? 7.606   10.619  -4.415  1.00 20.73 ? 54   ILE A CD1 1 
ATOM   454  N  N   . ASN A 1 55  ? 3.717   13.565  -1.190  1.00 24.24 ? 55   ASN A N   1 
ATOM   455  C  CA  . ASN A 1 55  ? 2.352   14.056  -1.065  1.00 25.85 ? 55   ASN A CA  1 
ATOM   456  C  C   . ASN A 1 55  ? 1.652   13.936  -2.416  1.00 24.10 ? 55   ASN A C   1 
ATOM   457  O  O   . ASN A 1 55  ? 1.974   14.662  -3.358  1.00 23.08 ? 55   ASN A O   1 
ATOM   458  C  CB  . ASN A 1 55  ? 2.361   15.514  -0.605  1.00 28.10 ? 55   ASN A CB  1 
ATOM   459  C  CG  . ASN A 1 55  ? 0.967   16.078  -0.439  1.00 31.31 ? 55   ASN A CG  1 
ATOM   460  O  OD1 . ASN A 1 55  ? 0.138   15.510  0.269   1.00 34.35 ? 55   ASN A OD1 1 
ATOM   461  N  ND2 . ASN A 1 55  ? 0.702   17.203  -1.090  1.00 31.93 ? 55   ASN A ND2 1 
ATOM   462  N  N   . PRO A 1 56  ? 0.684   13.011  -2.529  1.00 25.05 ? 56   PRO A N   1 
ATOM   463  C  CA  . PRO A 1 56  ? -0.045  12.816  -3.785  1.00 24.65 ? 56   PRO A CA  1 
ATOM   464  C  C   . PRO A 1 56  ? -0.676  14.099  -4.314  1.00 24.71 ? 56   PRO A C   1 
ATOM   465  O  O   . PRO A 1 56  ? -0.790  14.287  -5.521  1.00 21.96 ? 56   PRO A O   1 
ATOM   466  C  CB  . PRO A 1 56  ? -1.085  11.763  -3.414  1.00 25.38 ? 56   PRO A CB  1 
ATOM   467  C  CG  . PRO A 1 56  ? -0.365  10.949  -2.387  1.00 25.79 ? 56   PRO A CG  1 
ATOM   468  C  CD  . PRO A 1 56  ? 0.253   12.025  -1.523  1.00 25.35 ? 56   PRO A CD  1 
ATOM   469  N  N   . ALA A 1 57  ? -1.084  14.979  -3.407  1.00 26.69 ? 57   ALA A N   1 
ATOM   470  C  CA  . ALA A 1 57  ? -1.695  16.238  -3.807  1.00 27.53 ? 57   ALA A CA  1 
ATOM   471  C  C   . ALA A 1 57  ? -0.714  17.079  -4.619  1.00 27.63 ? 57   ALA A C   1 
ATOM   472  O  O   . ALA A 1 57  ? -1.113  17.815  -5.523  1.00 28.31 ? 57   ALA A O   1 
ATOM   473  C  CB  . ALA A 1 57  ? -2.160  17.008  -2.576  1.00 29.72 ? 57   ALA A CB  1 
ATOM   474  N  N   . SER A 1 58  ? 0.574   16.960  -4.300  1.00 27.88 ? 58   SER A N   1 
ATOM   475  C  CA  . SER A 1 58  ? 1.610   17.710  -5.003  1.00 27.34 ? 58   SER A CA  1 
ATOM   476  C  C   . SER A 1 58  ? 1.722   17.261  -6.454  1.00 26.48 ? 58   SER A C   1 
ATOM   477  O  O   . SER A 1 58  ? 2.248   17.985  -7.300  1.00 27.83 ? 58   SER A O   1 
ATOM   478  C  CB  . SER A 1 58  ? 2.961   17.530  -4.305  1.00 28.85 ? 58   SER A CB  1 
ATOM   479  O  OG  . SER A 1 58  ? 2.900   17.972  -2.960  1.00 30.78 ? 58   SER A OG  1 
ATOM   480  N  N   . LEU A 1 59  ? 1.230   16.058  -6.734  1.00 23.31 ? 59   LEU A N   1 
ATOM   481  C  CA  . LEU A 1 59  ? 1.257   15.504  -8.081  1.00 21.20 ? 59   LEU A CA  1 
ATOM   482  C  C   . LEU A 1 59  ? -0.129  15.605  -8.713  1.00 19.66 ? 59   LEU A C   1 
ATOM   483  O  O   . LEU A 1 59  ? -0.412  14.969  -9.729  1.00 20.74 ? 59   LEU A O   1 
ATOM   484  C  CB  . LEU A 1 59  ? 1.705   14.041  -8.041  1.00 21.24 ? 59   LEU A CB  1 
ATOM   485  C  CG  . LEU A 1 59  ? 3.137   13.794  -7.565  1.00 22.96 ? 59   LEU A CG  1 
ATOM   486  C  CD1 . LEU A 1 59  ? 3.367   12.303  -7.387  1.00 25.99 ? 59   LEU A CD1 1 
ATOM   487  C  CD2 . LEU A 1 59  ? 4.118   14.376  -8.569  1.00 25.18 ? 59   LEU A CD2 1 
ATOM   488  N  N   . ASN A 1 60  ? -0.992  16.405  -8.094  1.00 19.77 ? 60   ASN A N   1 
ATOM   489  C  CA  . ASN A 1 60  ? -2.351  16.613  -8.588  1.00 20.05 ? 60   ASN A CA  1 
ATOM   490  C  C   . ASN A 1 60  ? -3.204  15.345  -8.609  1.00 18.63 ? 60   ASN A C   1 
ATOM   491  O  O   . ASN A 1 60  ? -4.156  15.253  -9.380  1.00 16.17 ? 60   ASN A O   1 
ATOM   492  C  CB  . ASN A 1 60  ? -2.304  17.216  -9.995  1.00 23.29 ? 60   ASN A CB  1 
ATOM   493  C  CG  . ASN A 1 60  ? -1.664  18.593  -10.018 1.00 26.26 ? 60   ASN A CG  1 
ATOM   494  O  OD1 . ASN A 1 60  ? -0.950  18.941  -10.959 1.00 30.97 ? 60   ASN A OD1 1 
ATOM   495  N  ND2 . ASN A 1 60  ? -1.929  19.387  -8.988  1.00 28.02 ? 60   ASN A ND2 1 
ATOM   496  N  N   . LEU A 1 61  ? -2.857  14.368  -7.775  1.00 17.24 ? 61   LEU A N   1 
ATOM   497  C  CA  . LEU A 1 61  ? -3.619  13.120  -7.703  1.00 16.99 ? 61   LEU A CA  1 
ATOM   498  C  C   . LEU A 1 61  ? -4.840  13.393  -6.833  1.00 17.92 ? 61   LEU A C   1 
ATOM   499  O  O   . LEU A 1 61  ? -4.866  13.069  -5.644  1.00 20.20 ? 61   LEU A O   1 
ATOM   500  C  CB  . LEU A 1 61  ? -2.754  12.012  -7.103  1.00 17.20 ? 61   LEU A CB  1 
ATOM   501  C  CG  . LEU A 1 61  ? -1.586  11.590  -7.999  1.00 17.31 ? 61   LEU A CG  1 
ATOM   502  C  CD1 . LEU A 1 61  ? -0.597  10.743  -7.212  1.00 19.02 ? 61   LEU A CD1 1 
ATOM   503  C  CD2 . LEU A 1 61  ? -2.120  10.831  -9.204  1.00 16.76 ? 61   LEU A CD2 1 
ATOM   504  N  N   . ASP A 1 62  ? -5.848  13.996  -7.454  1.00 17.42 ? 62   ASP A N   1 
ATOM   505  C  CA  . ASP A 1 62  ? -7.075  14.395  -6.777  1.00 18.64 ? 62   ASP A CA  1 
ATOM   506  C  C   . ASP A 1 62  ? -8.249  13.441  -6.988  1.00 16.22 ? 62   ASP A C   1 
ATOM   507  O  O   . ASP A 1 62  ? -9.275  13.556  -6.309  1.00 17.20 ? 62   ASP A O   1 
ATOM   508  C  CB  . ASP A 1 62  ? -7.450  15.806  -7.248  1.00 23.04 ? 62   ASP A CB  1 
ATOM   509  C  CG  . ASP A 1 62  ? -8.391  16.514  -6.295  1.00 28.79 ? 62   ASP A CG  1 
ATOM   510  O  OD1 . ASP A 1 62  ? -9.610  16.248  -6.341  1.00 32.06 ? 62   ASP A OD1 1 
ATOM   511  O  OD2 . ASP A 1 62  ? -7.904  17.339  -5.493  1.00 32.66 ? 62   ASP A OD2 1 
ATOM   512  N  N   . TYR A 1 63  ? -8.107  12.508  -7.924  1.00 13.57 ? 63   TYR A N   1 
ATOM   513  C  CA  . TYR A 1 63  ? -9.174  11.551  -8.193  1.00 11.97 ? 63   TYR A CA  1 
ATOM   514  C  C   . TYR A 1 63  ? -8.792  10.236  -7.534  1.00 12.96 ? 63   TYR A C   1 
ATOM   515  O  O   . TYR A 1 63  ? -8.099  9.398   -8.118  1.00 12.72 ? 63   TYR A O   1 
ATOM   516  C  CB  . TYR A 1 63  ? -9.374  11.368  -9.697  1.00 13.80 ? 63   TYR A CB  1 
ATOM   517  C  CG  . TYR A 1 63  ? -10.835 11.268  -10.060 1.00 13.78 ? 63   TYR A CG  1 
ATOM   518  C  CD1 . TYR A 1 63  ? -11.615 12.416  -10.196 1.00 14.07 ? 63   TYR A CD1 1 
ATOM   519  C  CD2 . TYR A 1 63  ? -11.453 10.029  -10.207 1.00 14.13 ? 63   TYR A CD2 1 
ATOM   520  C  CE1 . TYR A 1 63  ? -12.975 12.333  -10.468 1.00 15.07 ? 63   TYR A CE1 1 
ATOM   521  C  CE2 . TYR A 1 63  ? -12.814 9.935   -10.478 1.00 14.93 ? 63   TYR A CE2 1 
ATOM   522  C  CZ  . TYR A 1 63  ? -13.565 11.091  -10.605 1.00 15.97 ? 63   TYR A CZ  1 
ATOM   523  O  OH  . TYR A 1 63  ? -14.910 11.000  -10.872 1.00 16.79 ? 63   TYR A OH  1 
ATOM   524  N  N   . ILE A 1 64  ? -9.262  10.078  -6.302  1.00 11.53 ? 64   ILE A N   1 
ATOM   525  C  CA  . ILE A 1 64  ? -8.956  8.926   -5.470  1.00 11.54 ? 64   ILE A CA  1 
ATOM   526  C  C   . ILE A 1 64  ? -10.149 7.987   -5.391  1.00 11.04 ? 64   ILE A C   1 
ATOM   527  O  O   . ILE A 1 64  ? -11.255 8.403   -5.043  1.00 12.61 ? 64   ILE A O   1 
ATOM   528  C  CB  . ILE A 1 64  ? -8.577  9.416   -4.068  1.00 11.25 ? 64   ILE A CB  1 
ATOM   529  C  CG1 . ILE A 1 64  ? -7.460  10.461  -4.182  1.00 13.71 ? 64   ILE A CG1 1 
ATOM   530  C  CG2 . ILE A 1 64  ? -8.155  8.251   -3.192  1.00 11.22 ? 64   ILE A CG2 1 
ATOM   531  C  CD1 . ILE A 1 64  ? -6.201  9.958   -4.861  1.00 16.78 ? 64   ILE A CD1 1 
ATOM   532  N  N   . VAL A 1 65  ? -9.917  6.714   -5.690  1.00 10.38 ? 65   VAL A N   1 
ATOM   533  C  CA  . VAL A 1 65  ? -11.005 5.750   -5.711  1.00 9.86  ? 65   VAL A CA  1 
ATOM   534  C  C   . VAL A 1 65  ? -10.731 4.445   -4.978  1.00 9.80  ? 65   VAL A C   1 
ATOM   535  O  O   . VAL A 1 65  ? -9.586  4.031   -4.814  1.00 10.68 ? 65   VAL A O   1 
ATOM   536  C  CB  . VAL A 1 65  ? -11.388 5.402   -7.176  1.00 11.05 ? 65   VAL A CB  1 
ATOM   537  C  CG1 . VAL A 1 65  ? -11.809 6.659   -7.924  1.00 12.42 ? 65   VAL A CG1 1 
ATOM   538  C  CG2 . VAL A 1 65  ? -10.210 4.744   -7.884  1.00 14.11 ? 65   VAL A CG2 1 
ATOM   539  N  N   . ILE A 1 66  ? -11.812 3.815   -4.531  1.00 10.07 ? 66   ILE A N   1 
ATOM   540  C  CA  . ILE A 1 66  ? -11.778 2.527   -3.849  1.00 9.73  ? 66   ILE A CA  1 
ATOM   541  C  C   . ILE A 1 66  ? -12.837 1.740   -4.615  1.00 10.04 ? 66   ILE A C   1 
ATOM   542  O  O   . ILE A 1 66  ? -14.032 2.014   -4.508  1.00 11.14 ? 66   ILE A O   1 
ATOM   543  C  CB  . ILE A 1 66  ? -12.160 2.665   -2.358  1.00 10.20 ? 66   ILE A CB  1 
ATOM   544  C  CG1 . ILE A 1 66  ? -11.157 3.587   -1.657  1.00 10.74 ? 66   ILE A CG1 1 
ATOM   545  C  CG2 . ILE A 1 66  ? -12.156 1.300   -1.692  1.00 10.34 ? 66   ILE A CG2 1 
ATOM   546  C  CD1 . ILE A 1 66  ? -11.439 3.836   -0.178  1.00 11.89 ? 66   ILE A CD1 1 
ATOM   547  N  N   . THR A 1 67  ? -12.391 0.779   -5.416  1.00 9.41  ? 67   THR A N   1 
ATOM   548  C  CA  . THR A 1 67  ? -13.303 0.017   -6.252  1.00 10.17 ? 67   THR A CA  1 
ATOM   549  C  C   . THR A 1 67  ? -13.510 -1.416  -5.794  1.00 10.50 ? 67   THR A C   1 
ATOM   550  O  O   . THR A 1 67  ? -12.551 -2.150  -5.567  1.00 10.67 ? 67   THR A O   1 
ATOM   551  C  CB  . THR A 1 67  ? -12.797 0.012   -7.720  1.00 10.67 ? 67   THR A CB  1 
ATOM   552  O  OG1 . THR A 1 67  ? -12.755 1.358   -8.212  1.00 10.84 ? 67   THR A OG1 1 
ATOM   553  C  CG2 . THR A 1 67  ? -13.704 -0.820  -8.617  1.00 11.29 ? 67   THR A CG2 1 
ATOM   554  N  N   . SER A 1 68  ? -14.775 -1.801  -5.664  1.00 10.31 ? 68   SER A N   1 
ATOM   555  C  CA  . SER A 1 68  ? -15.137 -3.155  -5.270  1.00 10.40 ? 68   SER A CA  1 
ATOM   556  C  C   . SER A 1 68  ? -15.365 -3.919  -6.563  1.00 11.79 ? 68   SER A C   1 
ATOM   557  O  O   . SER A 1 68  ? -15.985 -3.410  -7.500  1.00 12.95 ? 68   SER A O   1 
ATOM   558  C  CB  . SER A 1 68  ? -16.416 -3.148  -4.433  1.00 13.12 ? 68   SER A CB  1 
ATOM   559  O  OG  . SER A 1 68  ? -16.221 -2.422  -3.229  1.00 18.16 ? 68   SER A OG  1 
ATOM   560  N  N   . VAL A 1 69  ? -14.864 -5.144  -6.612  1.00 10.58 ? 69   VAL A N   1 
ATOM   561  C  CA  . VAL A 1 69  ? -14.980 -5.965  -7.805  1.00 11.01 ? 69   VAL A CA  1 
ATOM   562  C  C   . VAL A 1 69  ? -15.688 -7.294  -7.557  1.00 10.18 ? 69   VAL A C   1 
ATOM   563  O  O   . VAL A 1 69  ? -15.341 -8.015  -6.620  1.00 11.43 ? 69   VAL A O   1 
ATOM   564  C  CB  . VAL A 1 69  ? -13.572 -6.296  -8.370  1.00 10.79 ? 69   VAL A CB  1 
ATOM   565  C  CG1 . VAL A 1 69  ? -13.697 -7.113  -9.645  1.00 12.53 ? 69   VAL A CG1 1 
ATOM   566  C  CG2 . VAL A 1 69  ? -12.777 -5.013  -8.606  1.00 11.27 ? 69   VAL A CG2 1 
ATOM   567  N  N   . LYS A 1 70  ? -16.686 -7.601  -8.385  1.00 10.29 ? 70   LYS A N   1 
ATOM   568  C  CA  . LYS A 1 70  ? -17.390 -8.884  -8.324  1.00 10.16 ? 70   LYS A CA  1 
ATOM   569  C  C   . LYS A 1 70  ? -16.804 -9.666  -9.494  1.00 11.11 ? 70   LYS A C   1 
ATOM   570  O  O   . LYS A 1 70  ? -16.792 -9.188  -10.629 1.00 11.54 ? 70   LYS A O   1 
ATOM   571  C  CB  . LYS A 1 70  ? -18.902 -8.724  -8.522  1.00 12.23 ? 70   LYS A CB  1 
ATOM   572  C  CG  . LYS A 1 70  ? -19.624 -8.106  -7.337  1.00 13.94 ? 70   LYS A CG  1 
ATOM   573  C  CD  . LYS A 1 70  ? -21.129 -8.089  -7.561  1.00 15.41 ? 70   LYS A CD  1 
ATOM   574  C  CE  . LYS A 1 70  ? -21.826 -7.098  -6.636  1.00 22.36 ? 70   LYS A CE  1 
ATOM   575  N  NZ  . LYS A 1 70  ? -21.539 -7.331  -5.202  1.00 22.07 ? 70   LYS A NZ  1 
ATOM   576  N  N   . ALA A 1 71  ? -16.311 -10.863 -9.222  1.00 11.00 ? 71   ALA A N   1 
ATOM   577  C  CA  . ALA A 1 71  ? -15.699 -11.673 -10.265 1.00 10.13 ? 71   ALA A CA  1 
ATOM   578  C  C   . ALA A 1 71  ? -16.614 -12.715 -10.879 1.00 10.88 ? 71   ALA A C   1 
ATOM   579  O  O   . ALA A 1 71  ? -17.682 -13.032 -10.353 1.00 12.03 ? 71   ALA A O   1 
ATOM   580  C  CB  . ALA A 1 71  ? -14.474 -12.374 -9.695  1.00 13.85 ? 71   ALA A CB  1 
ATOM   581  N  N   . LYS A 1 72  ? -16.189 -13.215 -12.035 1.00 11.67 ? 72   LYS A N   1 
ATOM   582  C  CA  . LYS A 1 72  ? -16.872 -14.320 -12.685 1.00 12.17 ? 72   LYS A CA  1 
ATOM   583  C  C   . LYS A 1 72  ? -16.030 -15.461 -12.131 1.00 13.20 ? 72   LYS A C   1 
ATOM   584  O  O   . LYS A 1 72  ? -14.825 -15.542 -12.388 1.00 13.34 ? 72   LYS A O   1 
ATOM   585  C  CB  . LYS A 1 72  ? -16.746 -14.241 -14.206 1.00 11.91 ? 72   LYS A CB  1 
ATOM   586  C  CG  . LYS A 1 72  ? -17.613 -13.153 -14.808 1.00 13.54 ? 72   LYS A CG  1 
ATOM   587  C  CD  . LYS A 1 72  ? -17.749 -13.297 -16.312 1.00 14.03 ? 72   LYS A CD  1 
ATOM   588  C  CE  . LYS A 1 72  ? -18.679 -12.225 -16.859 1.00 15.84 ? 72   LYS A CE  1 
ATOM   589  N  NZ  . LYS A 1 72  ? -18.902 -12.363 -18.324 1.00 18.24 ? 72   LYS A NZ  1 
ATOM   590  N  N   . TYR A 1 73  ? -16.654 -16.320 -11.337 1.00 12.16 ? 73   TYR A N   1 
ATOM   591  C  CA  . TYR A 1 73  ? -15.943 -17.418 -10.698 1.00 12.84 ? 73   TYR A CA  1 
ATOM   592  C  C   . TYR A 1 73  ? -15.439 -18.486 -11.652 1.00 13.50 ? 73   TYR A C   1 
ATOM   593  O  O   . TYR A 1 73  ? -16.058 -18.779 -12.674 1.00 14.83 ? 73   TYR A O   1 
ATOM   594  C  CB  . TYR A 1 73  ? -16.824 -18.058 -9.620  1.00 13.58 ? 73   TYR A CB  1 
ATOM   595  C  CG  . TYR A 1 73  ? -16.924 -17.262 -8.327  1.00 11.68 ? 73   TYR A CG  1 
ATOM   596  C  CD1 . TYR A 1 73  ? -16.897 -15.864 -8.332  1.00 13.80 ? 73   TYR A CD1 1 
ATOM   597  C  CD2 . TYR A 1 73  ? -17.096 -17.910 -7.102  1.00 11.22 ? 73   TYR A CD2 1 
ATOM   598  C  CE1 . TYR A 1 73  ? -17.044 -15.136 -7.144  1.00 11.01 ? 73   TYR A CE1 1 
ATOM   599  C  CE2 . TYR A 1 73  ? -17.245 -17.194 -5.919  1.00 11.10 ? 73   TYR A CE2 1 
ATOM   600  C  CZ  . TYR A 1 73  ? -17.221 -15.810 -5.947  1.00 11.32 ? 73   TYR A CZ  1 
ATOM   601  O  OH  . TYR A 1 73  ? -17.397 -15.108 -4.774  1.00 10.28 ? 73   TYR A OH  1 
ATOM   602  N  N   . GLY A 1 74  ? -14.298 -19.054 -11.283 1.00 15.46 ? 74   GLY A N   1 
ATOM   603  C  CA  . GLY A 1 74  ? -13.671 -20.103 -12.065 1.00 15.83 ? 74   GLY A CA  1 
ATOM   604  C  C   . GLY A 1 74  ? -12.409 -20.525 -11.343 1.00 16.90 ? 74   GLY A C   1 
ATOM   605  O  O   . GLY A 1 74  ? -11.984 -19.865 -10.395 1.00 15.84 ? 74   GLY A O   1 
ATOM   606  N  N   . LYS A 1 75  ? -11.798 -21.619 -11.782 1.00 17.94 ? 75   LYS A N   1 
ATOM   607  C  CA  . LYS A 1 75  ? -10.584 -22.100 -11.140 1.00 19.51 ? 75   LYS A CA  1 
ATOM   608  C  C   . LYS A 1 75  ? -9.517  -21.014 -11.039 1.00 19.36 ? 75   LYS A C   1 
ATOM   609  O  O   . LYS A 1 75  ? -9.172  -20.369 -12.033 1.00 19.58 ? 75   LYS A O   1 
ATOM   610  C  CB  . LYS A 1 75  ? -10.025 -23.309 -11.902 1.00 22.20 ? 75   LYS A CB  1 
ATOM   611  C  CG  . LYS A 1 75  ? -10.960 -24.507 -11.919 1.00 26.95 ? 75   LYS A CG  1 
ATOM   612  C  CD  . LYS A 1 75  ? -10.293 -25.752 -12.495 1.00 30.37 ? 75   LYS A CD  1 
ATOM   613  C  CE  . LYS A 1 75  ? -9.934  -25.580 -13.965 1.00 31.21 ? 75   LYS A CE  1 
ATOM   614  N  NZ  . LYS A 1 75  ? -9.304  -26.814 -14.523 1.00 33.63 ? 75   LYS A NZ  1 
ATOM   615  N  N   . ASN A 1 76  ? -9.012  -20.811 -9.825  1.00 19.13 ? 76   ASN A N   1 
ATOM   616  C  CA  . ASN A 1 76  ? -7.966  -19.828 -9.558  1.00 19.71 ? 76   ASN A CA  1 
ATOM   617  C  C   . ASN A 1 76  ? -8.243  -18.436 -10.114 1.00 19.16 ? 76   ASN A C   1 
ATOM   618  O  O   . ASN A 1 76  ? -7.317  -17.732 -10.510 1.00 19.60 ? 76   ASN A O   1 
ATOM   619  C  CB  . ASN A 1 76  ? -6.633  -20.340 -10.114 1.00 23.38 ? 76   ASN A CB  1 
ATOM   620  C  CG  . ASN A 1 76  ? -6.069  -21.491 -9.304  1.00 27.57 ? 76   ASN A CG  1 
ATOM   621  O  OD1 . ASN A 1 76  ? -5.327  -22.325 -9.825  1.00 32.05 ? 76   ASN A OD1 1 
ATOM   622  N  ND2 . ASN A 1 76  ? -6.404  -21.532 -8.020  1.00 29.84 ? 76   ASN A ND2 1 
ATOM   623  N  N   . TYR A 1 77  ? -9.506  -18.026 -10.132 1.00 18.01 ? 77   TYR A N   1 
ATOM   624  C  CA  . TYR A 1 77  ? -9.830  -16.705 -10.661 1.00 18.21 ? 77   TYR A CA  1 
ATOM   625  C  C   . TYR A 1 77  ? -9.183  -15.605 -9.823  1.00 19.60 ? 77   TYR A C   1 
ATOM   626  O  O   . TYR A 1 77  ? -8.857  -14.536 -10.342 1.00 20.23 ? 77   TYR A O   1 
ATOM   627  C  CB  . TYR A 1 77  ? -11.352 -16.500 -10.711 1.00 16.46 ? 77   TYR A CB  1 
ATOM   628  C  CG  . TYR A 1 77  ? -11.966 -16.024 -9.410  1.00 14.47 ? 77   TYR A CG  1 
ATOM   629  C  CD1 . TYR A 1 77  ? -11.900 -14.680 -9.035  1.00 14.20 ? 77   TYR A CD1 1 
ATOM   630  C  CD2 . TYR A 1 77  ? -12.579 -16.918 -8.536  1.00 12.80 ? 77   TYR A CD2 1 
ATOM   631  C  CE1 . TYR A 1 77  ? -12.425 -14.244 -7.824  1.00 12.83 ? 77   TYR A CE1 1 
ATOM   632  C  CE2 . TYR A 1 77  ? -13.111 -16.489 -7.316  1.00 13.67 ? 77   TYR A CE2 1 
ATOM   633  C  CZ  . TYR A 1 77  ? -13.028 -15.151 -6.970  1.00 12.03 ? 77   TYR A CZ  1 
ATOM   634  O  OH  . TYR A 1 77  ? -13.542 -14.714 -5.770  1.00 12.45 ? 77   TYR A OH  1 
ATOM   635  N  N   . HIS A 1 78  ? -8.998  -15.858 -8.531  1.00 18.82 ? 78   HIS A N   1 
ATOM   636  C  CA  . HIS A 1 78  ? -8.404  -14.854 -7.657  1.00 19.10 ? 78   HIS A CA  1 
ATOM   637  C  C   . HIS A 1 78  ? -6.984  -14.506 -8.084  1.00 19.53 ? 78   HIS A C   1 
ATOM   638  O  O   . HIS A 1 78  ? -6.569  -13.350 -8.000  1.00 19.90 ? 78   HIS A O   1 
ATOM   639  C  CB  . HIS A 1 78  ? -8.444  -15.315 -6.191  1.00 19.87 ? 78   HIS A CB  1 
ATOM   640  C  CG  . HIS A 1 78  ? -7.713  -16.599 -5.923  1.00 20.32 ? 78   HIS A CG  1 
ATOM   641  N  ND1 . HIS A 1 78  ? -7.792  -17.685 -6.766  1.00 20.77 ? 78   HIS A ND1 1 
ATOM   642  C  CD2 . HIS A 1 78  ? -6.944  -16.976 -4.881  1.00 22.43 ? 78   HIS A CD2 1 
ATOM   643  C  CE1 . HIS A 1 78  ? -7.095  -18.684 -6.247  1.00 22.03 ? 78   HIS A CE1 1 
ATOM   644  N  NE2 . HIS A 1 78  ? -6.572  -18.286 -5.108  1.00 21.85 ? 78   HIS A NE2 1 
ATOM   645  N  N   . VAL A 1 79  ? -6.245  -15.502 -8.559  1.00 21.10 ? 79   VAL A N   1 
ATOM   646  C  CA  . VAL A 1 79  ? -4.880  -15.266 -9.012  1.00 21.89 ? 79   VAL A CA  1 
ATOM   647  C  C   . VAL A 1 79  ? -4.889  -14.460 -10.308 1.00 19.82 ? 79   VAL A C   1 
ATOM   648  O  O   . VAL A 1 79  ? -4.266  -13.399 -10.401 1.00 17.98 ? 79   VAL A O   1 
ATOM   649  C  CB  . VAL A 1 79  ? -4.132  -16.597 -9.272  1.00 23.01 ? 79   VAL A CB  1 
ATOM   650  C  CG1 . VAL A 1 79  ? -2.742  -16.313 -9.834  1.00 24.61 ? 79   VAL A CG1 1 
ATOM   651  C  CG2 . VAL A 1 79  ? -4.024  -17.394 -7.985  1.00 25.80 ? 79   VAL A CG2 1 
ATOM   652  N  N   . GLU A 1 80  ? -5.616  -14.967 -11.300 1.00 20.69 ? 80   GLU A N   1 
ATOM   653  C  CA  . GLU A 1 80  ? -5.713  -14.338 -12.610 1.00 21.27 ? 80   GLU A CA  1 
ATOM   654  C  C   . GLU A 1 80  ? -6.259  -12.911 -12.553 1.00 19.25 ? 80   GLU A C   1 
ATOM   655  O  O   . GLU A 1 80  ? -5.650  -11.980 -13.081 1.00 19.93 ? 80   GLU A O   1 
ATOM   656  C  CB  . GLU A 1 80  ? -6.599  -15.191 -13.520 1.00 25.40 ? 80   GLU A CB  1 
ATOM   657  C  CG  . GLU A 1 80  ? -6.256  -15.111 -14.996 1.00 31.74 ? 80   GLU A CG  1 
ATOM   658  C  CD  . GLU A 1 80  ? -4.874  -15.664 -15.302 1.00 33.95 ? 80   GLU A CD  1 
ATOM   659  O  OE1 . GLU A 1 80  ? -4.568  -16.787 -14.849 1.00 37.31 ? 80   GLU A OE1 1 
ATOM   660  O  OE2 . GLU A 1 80  ? -4.096  -14.980 -16.001 1.00 37.25 ? 80   GLU A OE2 1 
ATOM   661  N  N   . LEU A 1 81  ? -7.412  -12.742 -11.913 1.00 15.94 ? 81   LEU A N   1 
ATOM   662  C  CA  . LEU A 1 81  ? -8.022  -11.423 -11.807 1.00 14.19 ? 81   LEU A CA  1 
ATOM   663  C  C   . LEU A 1 81  ? -7.188  -10.485 -10.941 1.00 13.33 ? 81   LEU A C   1 
ATOM   664  O  O   . LEU A 1 81  ? -6.984  -9.323  -11.290 1.00 14.72 ? 81   LEU A O   1 
ATOM   665  C  CB  . LEU A 1 81  ? -9.438  -11.544 -11.240 1.00 14.90 ? 81   LEU A CB  1 
ATOM   666  C  CG  . LEU A 1 81  ? -10.198 -10.241 -10.981 1.00 16.20 ? 81   LEU A CG  1 
ATOM   667  C  CD1 . LEU A 1 81  ? -10.280 -9.413  -12.255 1.00 18.63 ? 81   LEU A CD1 1 
ATOM   668  C  CD2 . LEU A 1 81  ? -11.591 -10.573 -10.458 1.00 18.51 ? 81   LEU A CD2 1 
ATOM   669  N  N   . GLY A 1 82  ? -6.705  -10.991 -9.810  1.00 12.82 ? 82   GLY A N   1 
ATOM   670  C  CA  . GLY A 1 82  ? -5.889  -10.169 -8.935  1.00 13.11 ? 82   GLY A CA  1 
ATOM   671  C  C   . GLY A 1 82  ? -4.678  -9.588  -9.648  1.00 12.78 ? 82   GLY A C   1 
ATOM   672  O  O   . GLY A 1 82  ? -4.390  -8.396  -9.532  1.00 13.43 ? 82   GLY A O   1 
ATOM   673  N  N   . ASN A 1 83  ? -3.966  -10.426 -10.396 1.00 14.26 ? 83   ASN A N   1 
ATOM   674  C  CA  . ASN A 1 83  ? -2.786  -9.957  -11.108 1.00 14.73 ? 83   ASN A CA  1 
ATOM   675  C  C   . ASN A 1 83  ? -3.101  -8.967  -12.221 1.00 13.99 ? 83   ASN A C   1 
ATOM   676  O  O   . ASN A 1 83  ? -2.338  -8.034  -12.452 1.00 14.77 ? 83   ASN A O   1 
ATOM   677  C  CB  . ASN A 1 83  ? -1.992  -11.140 -11.663 1.00 16.68 ? 83   ASN A CB  1 
ATOM   678  C  CG  . ASN A 1 83  ? -1.391  -11.989 -10.567 1.00 19.94 ? 83   ASN A CG  1 
ATOM   679  O  OD1 . ASN A 1 83  ? -1.137  -11.500 -9.463  1.00 21.70 ? 83   ASN A OD1 1 
ATOM   680  N  ND2 . ASN A 1 83  ? -1.144  -13.259 -10.863 1.00 23.25 ? 83   ASN A ND2 1 
ATOM   681  N  N   . LYS A 1 84  ? -4.220  -9.157  -12.912 1.00 13.00 ? 84   LYS A N   1 
ATOM   682  C  CA  . LYS A 1 84  ? -4.584  -8.230  -13.976 1.00 13.99 ? 84   LYS A CA  1 
ATOM   683  C  C   . LYS A 1 84  ? -4.921  -6.862  -13.393 1.00 13.80 ? 84   LYS A C   1 
ATOM   684  O  O   . LYS A 1 84  ? -4.588  -5.831  -13.978 1.00 15.79 ? 84   LYS A O   1 
ATOM   685  C  CB  . LYS A 1 84  ? -5.758  -8.776  -14.791 1.00 14.69 ? 84   LYS A CB  1 
ATOM   686  C  CG  . LYS A 1 84  ? -5.380  -10.005 -15.610 1.00 14.86 ? 84   LYS A CG  1 
ATOM   687  C  CD  . LYS A 1 84  ? -6.555  -10.566 -16.386 1.00 16.95 ? 84   LYS A CD  1 
ATOM   688  C  CE  . LYS A 1 84  ? -6.165  -11.867 -17.075 1.00 18.04 ? 84   LYS A CE  1 
ATOM   689  N  NZ  . LYS A 1 84  ? -7.305  -12.491 -17.799 1.00 20.49 ? 84   LYS A NZ  1 
ATOM   690  N  N   . LEU A 1 85  ? -5.574  -6.848  -12.235 1.00 14.07 ? 85   LEU A N   1 
ATOM   691  C  CA  . LEU A 1 85  ? -5.920  -5.588  -11.589 1.00 12.09 ? 85   LEU A CA  1 
ATOM   692  C  C   . LEU A 1 85  ? -4.654  -4.881  -11.101 1.00 12.38 ? 85   LEU A C   1 
ATOM   693  O  O   . LEU A 1 85  ? -4.522  -3.660  -11.226 1.00 13.39 ? 85   LEU A O   1 
ATOM   694  C  CB  . LEU A 1 85  ? -6.865  -5.843  -10.405 1.00 12.50 ? 85   LEU A CB  1 
ATOM   695  C  CG  . LEU A 1 85  ? -8.277  -6.327  -10.761 1.00 11.05 ? 85   LEU A CG  1 
ATOM   696  C  CD1 . LEU A 1 85  ? -8.992  -6.808  -9.502  1.00 13.17 ? 85   LEU A CD1 1 
ATOM   697  C  CD2 . LEU A 1 85  ? -9.058  -5.198  -11.434 1.00 13.31 ? 85   LEU A CD2 1 
ATOM   698  N  N   . ALA A 1 86  ? -3.720  -5.657  -10.558 1.00 12.98 ? 86   ALA A N   1 
ATOM   699  C  CA  . ALA A 1 86  ? -2.468  -5.116  -10.030 1.00 13.93 ? 86   ALA A CA  1 
ATOM   700  C  C   . ALA A 1 86  ? -1.581  -4.463  -11.088 1.00 14.27 ? 86   ALA A C   1 
ATOM   701  O  O   . ALA A 1 86  ? -0.763  -3.598  -10.768 1.00 15.51 ? 86   ALA A O   1 
ATOM   702  C  CB  . ALA A 1 86  ? -1.690  -6.220  -9.316  1.00 13.54 ? 86   ALA A CB  1 
ATOM   703  N  N   . GLN A 1 87  ? -1.750  -4.872  -12.341 1.00 15.04 ? 87   GLN A N   1 
ATOM   704  C  CA  . GLN A 1 87  ? -0.948  -4.335  -13.441 1.00 17.41 ? 87   GLN A CA  1 
ATOM   705  C  C   . GLN A 1 87  ? -1.411  -2.987  -13.972 1.00 17.25 ? 87   GLN A C   1 
ATOM   706  O  O   . GLN A 1 87  ? -0.702  -2.347  -14.750 1.00 17.87 ? 87   GLN A O   1 
ATOM   707  C  CB  . GLN A 1 87  ? -0.928  -5.323  -14.610 1.00 21.62 ? 87   GLN A CB  1 
ATOM   708  C  CG  . GLN A 1 87  ? -0.203  -6.621  -14.338 1.00 28.93 ? 87   GLN A CG  1 
ATOM   709  C  CD  . GLN A 1 87  ? -0.180  -7.518  -15.556 1.00 32.08 ? 87   GLN A CD  1 
ATOM   710  O  OE1 . GLN A 1 87  ? -1.228  -7.912  -16.069 1.00 36.12 ? 87   GLN A OE1 1 
ATOM   711  N  NE2 . GLN A 1 87  ? 1.016   -7.844  -16.032 1.00 35.37 ? 87   GLN A NE2 1 
ATOM   712  N  N   . ILE A 1 88  ? -2.595  -2.547  -13.562 1.00 14.45 ? 88   ILE A N   1 
ATOM   713  C  CA  . ILE A 1 88  ? -3.123  -1.284  -14.055 1.00 14.11 ? 88   ILE A CA  1 
ATOM   714  C  C   . ILE A 1 88  ? -2.413  -0.066  -13.471 1.00 13.74 ? 88   ILE A C   1 
ATOM   715  O  O   . ILE A 1 88  ? -2.291  0.073   -12.257 1.00 12.76 ? 88   ILE A O   1 
ATOM   716  C  CB  . ILE A 1 88  ? -4.637  -1.184  -13.766 1.00 13.33 ? 88   ILE A CB  1 
ATOM   717  C  CG1 . ILE A 1 88  ? -5.361  -2.356  -14.438 1.00 15.51 ? 88   ILE A CG1 1 
ATOM   718  C  CG2 . ILE A 1 88  ? -5.182  0.145   -14.275 1.00 14.27 ? 88   ILE A CG2 1 
ATOM   719  C  CD1 . ILE A 1 88  ? -6.854  -2.410  -14.166 1.00 15.16 ? 88   ILE A CD1 1 
ATOM   720  N  N   . PRO A 1 89  ? -1.914  0.830   -14.337 1.00 14.51 ? 89   PRO A N   1 
ATOM   721  C  CA  . PRO A 1 89  ? -1.226  2.023   -13.835 1.00 14.69 ? 89   PRO A CA  1 
ATOM   722  C  C   . PRO A 1 89  ? -2.170  2.815   -12.933 1.00 12.31 ? 89   PRO A C   1 
ATOM   723  O  O   . PRO A 1 89  ? -3.339  3.006   -13.270 1.00 14.28 ? 89   PRO A O   1 
ATOM   724  C  CB  . PRO A 1 89  ? -0.881  2.785   -15.112 1.00 16.79 ? 89   PRO A CB  1 
ATOM   725  C  CG  . PRO A 1 89  ? -0.715  1.693   -16.122 1.00 18.91 ? 89   PRO A CG  1 
ATOM   726  C  CD  . PRO A 1 89  ? -1.872  0.775   -15.810 1.00 16.51 ? 89   PRO A CD  1 
ATOM   727  N  N   . GLY A 1 90  ? -1.667  3.260   -11.788 1.00 11.28 ? 90   GLY A N   1 
ATOM   728  C  CA  . GLY A 1 90  ? -2.493  4.022   -10.868 1.00 11.54 ? 90   GLY A CA  1 
ATOM   729  C  C   . GLY A 1 90  ? -3.049  3.189   -9.728  1.00 11.80 ? 90   GLY A C   1 
ATOM   730  O  O   . GLY A 1 90  ? -3.460  3.732   -8.706  1.00 11.61 ? 90   GLY A O   1 
ATOM   731  N  N   . VAL A 1 91  ? -3.071  1.871   -9.906  1.00 11.92 ? 91   VAL A N   1 
ATOM   732  C  CA  . VAL A 1 91  ? -3.568  0.963   -8.872  1.00 11.91 ? 91   VAL A CA  1 
ATOM   733  C  C   . VAL A 1 91  ? -2.430  0.616   -7.916  1.00 12.52 ? 91   VAL A C   1 
ATOM   734  O  O   . VAL A 1 91  ? -1.414  0.066   -8.341  1.00 13.37 ? 91   VAL A O   1 
ATOM   735  C  CB  . VAL A 1 91  ? -4.114  -0.344  -9.499  1.00 10.53 ? 91   VAL A CB  1 
ATOM   736  C  CG1 . VAL A 1 91  ? -4.347  -1.397  -8.413  1.00 12.96 ? 91   VAL A CG1 1 
ATOM   737  C  CG2 . VAL A 1 91  ? -5.407  -0.057  -10.239 1.00 12.07 ? 91   VAL A CG2 1 
ATOM   738  N  N   . TRP A 1 92  ? -2.592  0.942   -6.633  1.00 11.26 ? 92   TRP A N   1 
ATOM   739  C  CA  . TRP A 1 92  ? -1.558  0.638   -5.646  1.00 11.64 ? 92   TRP A CA  1 
ATOM   740  C  C   . TRP A 1 92  ? -1.950  -0.452  -4.659  1.00 10.98 ? 92   TRP A C   1 
ATOM   741  O  O   . TRP A 1 92  ? -1.092  -1.024  -3.984  1.00 12.25 ? 92   TRP A O   1 
ATOM   742  C  CB  . TRP A 1 92  ? -1.128  1.895   -4.867  1.00 12.19 ? 92   TRP A CB  1 
ATOM   743  C  CG  . TRP A 1 92  ? -2.187  2.599   -4.045  1.00 11.30 ? 92   TRP A CG  1 
ATOM   744  C  CD1 . TRP A 1 92  ? -2.853  3.743   -4.385  1.00 11.88 ? 92   TRP A CD1 1 
ATOM   745  C  CD2 . TRP A 1 92  ? -2.612  2.273   -2.711  1.00 12.38 ? 92   TRP A CD2 1 
ATOM   746  N  NE1 . TRP A 1 92  ? -3.653  4.157   -3.347  1.00 12.27 ? 92   TRP A NE1 1 
ATOM   747  C  CE2 . TRP A 1 92  ? -3.528  3.272   -2.308  1.00 11.90 ? 92   TRP A CE2 1 
ATOM   748  C  CE3 . TRP A 1 92  ? -2.306  1.237   -1.819  1.00 13.54 ? 92   TRP A CE3 1 
ATOM   749  C  CZ2 . TRP A 1 92  ? -4.140  3.270   -1.049  1.00 13.70 ? 92   TRP A CZ2 1 
ATOM   750  C  CZ3 . TRP A 1 92  ? -2.920  1.233   -0.562  1.00 15.15 ? 92   TRP A CZ3 1 
ATOM   751  C  CH2 . TRP A 1 92  ? -3.825  2.245   -0.192  1.00 14.66 ? 92   TRP A CH2 1 
ATOM   752  N  N   . GLY A 1 93  ? -3.242  -0.743  -4.577  1.00 10.25 ? 93   GLY A N   1 
ATOM   753  C  CA  . GLY A 1 93  ? -3.692  -1.767  -3.658  1.00 10.34 ? 93   GLY A CA  1 
ATOM   754  C  C   . GLY A 1 93  ? -4.709  -2.696  -4.279  1.00 9.87  ? 93   GLY A C   1 
ATOM   755  O  O   . GLY A 1 93  ? -5.655  -2.256  -4.929  1.00 11.23 ? 93   GLY A O   1 
ATOM   756  N  N   . VAL A 1 94  ? -4.493  -3.993  -4.094  1.00 10.04 ? 94   VAL A N   1 
ATOM   757  C  CA  . VAL A 1 94  ? -5.408  -5.006  -4.607  1.00 9.58  ? 94   VAL A CA  1 
ATOM   758  C  C   . VAL A 1 94  ? -5.540  -6.051  -3.510  1.00 10.56 ? 94   VAL A C   1 
ATOM   759  O  O   . VAL A 1 94  ? -4.560  -6.687  -3.115  1.00 10.98 ? 94   VAL A O   1 
ATOM   760  C  CB  . VAL A 1 94  ? -4.882  -5.651  -5.901  1.00 10.56 ? 94   VAL A CB  1 
ATOM   761  C  CG1 . VAL A 1 94  ? -5.847  -6.723  -6.369  1.00 11.28 ? 94   VAL A CG1 1 
ATOM   762  C  CG2 . VAL A 1 94  ? -4.717  -4.580  -6.982  1.00 12.15 ? 94   VAL A CG2 1 
ATOM   763  N  N   . TYR A 1 95  ? -6.763  -6.220  -3.020  1.00 9.15  ? 95   TYR A N   1 
ATOM   764  C  CA  . TYR A 1 95  ? -7.038  -7.136  -1.925  1.00 9.13  ? 95   TYR A CA  1 
ATOM   765  C  C   . TYR A 1 95  ? -8.112  -8.152  -2.274  1.00 9.73  ? 95   TYR A C   1 
ATOM   766  O  O   . TYR A 1 95  ? -9.185  -7.781  -2.753  1.00 9.99  ? 95   TYR A O   1 
ATOM   767  C  CB  . TYR A 1 95  ? -7.516  -6.334  -0.714  1.00 10.47 ? 95   TYR A CB  1 
ATOM   768  C  CG  . TYR A 1 95  ? -6.581  -5.229  -0.288  1.00 10.60 ? 95   TYR A CG  1 
ATOM   769  C  CD1 . TYR A 1 95  ? -5.549  -5.478  0.611   1.00 12.13 ? 95   TYR A CD1 1 
ATOM   770  C  CD2 . TYR A 1 95  ? -6.733  -3.930  -0.781  1.00 10.18 ? 95   TYR A CD2 1 
ATOM   771  C  CE1 . TYR A 1 95  ? -4.693  -4.462  1.020   1.00 11.08 ? 95   TYR A CE1 1 
ATOM   772  C  CE2 . TYR A 1 95  ? -5.882  -2.906  -0.384  1.00 11.20 ? 95   TYR A CE2 1 
ATOM   773  C  CZ  . TYR A 1 95  ? -4.867  -3.178  0.522   1.00 11.08 ? 95   TYR A CZ  1 
ATOM   774  O  OH  . TYR A 1 95  ? -4.040  -2.165  0.945   1.00 12.56 ? 95   TYR A OH  1 
ATOM   775  N  N   . PHE A 1 96  ? -7.825  -9.426  -2.029  1.00 9.71  ? 96   PHE A N   1 
ATOM   776  C  CA  . PHE A 1 96  ? -8.789  -10.502 -2.260  1.00 10.24 ? 96   PHE A CA  1 
ATOM   777  C  C   . PHE A 1 96  ? -9.554  -10.574 -0.938  1.00 10.38 ? 96   PHE A C   1 
ATOM   778  O  O   . PHE A 1 96  ? -8.969  -10.837 0.118   1.00 10.59 ? 96   PHE A O   1 
ATOM   779  C  CB  . PHE A 1 96  ? -8.044  -11.806 -2.564  1.00 10.58 ? 96   PHE A CB  1 
ATOM   780  C  CG  . PHE A 1 96  ? -8.938  -12.998 -2.743  1.00 10.69 ? 96   PHE A CG  1 
ATOM   781  C  CD1 . PHE A 1 96  ? -10.084 -12.928 -3.536  1.00 12.08 ? 96   PHE A CD1 1 
ATOM   782  C  CD2 . PHE A 1 96  ? -8.627  -14.205 -2.124  1.00 12.88 ? 96   PHE A CD2 1 
ATOM   783  C  CE1 . PHE A 1 96  ? -10.903 -14.049 -3.712  1.00 13.19 ? 96   PHE A CE1 1 
ATOM   784  C  CE2 . PHE A 1 96  ? -9.437  -15.331 -2.293  1.00 13.96 ? 96   PHE A CE2 1 
ATOM   785  C  CZ  . PHE A 1 96  ? -10.577 -15.252 -3.085  1.00 13.36 ? 96   PHE A CZ  1 
ATOM   786  N  N   . VAL A 1 97  ? -10.865 -10.342 -0.997  1.00 10.48 ? 97   VAL A N   1 
ATOM   787  C  CA  . VAL A 1 97  ? -11.675 -10.269 0.215   1.00 10.08 ? 97   VAL A CA  1 
ATOM   788  C  C   . VAL A 1 97  ? -12.885 -11.179 0.368   1.00 9.86  ? 97   VAL A C   1 
ATOM   789  O  O   . VAL A 1 97  ? -13.402 -11.743 -0.601  1.00 10.64 ? 97   VAL A O   1 
ATOM   790  C  CB  . VAL A 1 97  ? -12.189 -8.817  0.419   1.00 9.97  ? 97   VAL A CB  1 
ATOM   791  C  CG1 . VAL A 1 97  ? -11.011 -7.865  0.628   1.00 10.71 ? 97   VAL A CG1 1 
ATOM   792  C  CG2 . VAL A 1 97  ? -13.016 -8.375  -0.790  1.00 12.86 ? 97   VAL A CG2 1 
ATOM   793  N  N   . LEU A 1 98  ? -13.327 -11.295 1.616   1.00 10.97 ? 98   LEU A N   1 
ATOM   794  C  CA  . LEU A 1 98  ? -14.513 -12.071 1.954   1.00 11.35 ? 98   LEU A CA  1 
ATOM   795  C  C   . LEU A 1 98  ? -15.654 -11.071 2.038   1.00 13.09 ? 98   LEU A C   1 
ATOM   796  O  O   . LEU A 1 98  ? -15.471 -9.960  2.536   1.00 16.94 ? 98   LEU A O   1 
ATOM   797  C  CB  . LEU A 1 98  ? -14.336 -12.769 3.304   1.00 11.46 ? 98   LEU A CB  1 
ATOM   798  C  CG  . LEU A 1 98  ? -13.197 -13.785 3.383   1.00 11.01 ? 98   LEU A CG  1 
ATOM   799  C  CD1 . LEU A 1 98  ? -13.209 -14.477 4.744   1.00 14.07 ? 98   LEU A CD1 1 
ATOM   800  C  CD2 . LEU A 1 98  ? -13.352 -14.811 2.265   1.00 12.33 ? 98   LEU A CD2 1 
ATOM   801  N  N   . GLY A 1 99  ? -16.823 -11.464 1.548   1.00 11.07 ? 99   GLY A N   1 
ATOM   802  C  CA  . GLY A 1 99  ? -17.980 -10.590 1.566   1.00 11.43 ? 99   GLY A CA  1 
ATOM   803  C  C   . GLY A 1 99  ? -18.694 -10.588 0.228   1.00 10.62 ? 99   GLY A C   1 
ATOM   804  O  O   . GLY A 1 99  ? -18.433 -11.449 -0.615  1.00 10.41 ? 99   GLY A O   1 
ATOM   805  N  N   . ASP A 1 100 ? -19.582 -9.615  0.032   1.00 12.29 ? 100  ASP A N   1 
ATOM   806  C  CA  . ASP A 1 100 ? -20.366 -9.499  -1.196  1.00 13.40 ? 100  ASP A CA  1 
ATOM   807  C  C   . ASP A 1 100 ? -19.569 -9.122  -2.437  1.00 12.61 ? 100  ASP A C   1 
ATOM   808  O  O   . ASP A 1 100 ? -20.119 -9.048  -3.533  1.00 15.35 ? 100  ASP A O   1 
ATOM   809  C  CB  . ASP A 1 100 ? -21.503 -8.490  -1.010  1.00 16.46 ? 100  ASP A CB  1 
ATOM   810  C  CG  . ASP A 1 100 ? -22.630 -9.031  -0.152  1.00 20.03 ? 100  ASP A CG  1 
ATOM   811  O  OD1 . ASP A 1 100 ? -22.520 -10.175 0.339   1.00 22.43 ? 100  ASP A OD1 1 
ATOM   812  O  OD2 . ASP A 1 100 ? -23.632 -8.310  0.029   1.00 22.58 ? 100  ASP A OD2 1 
ATOM   813  N  N   . ASN A 1 101 ? -18.286 -8.837  -2.257  1.00 11.38 ? 101  ASN A N   1 
ATOM   814  C  CA  . ASN A 1 101 ? -17.418 -8.521  -3.377  1.00 10.47 ? 101  ASN A CA  1 
ATOM   815  C  C   . ASN A 1 101 ? -16.188 -9.397  -3.217  1.00 8.65  ? 101  ASN A C   1 
ATOM   816  O  O   . ASN A 1 101 ? -15.964 -9.962  -2.144  1.00 10.54 ? 101  ASN A O   1 
ATOM   817  C  CB  . ASN A 1 101 ? -17.072 -7.031  -3.390  1.00 13.76 ? 101  ASN A CB  1 
ATOM   818  C  CG  . ASN A 1 101 ? -18.273 -6.168  -3.747  1.00 14.75 ? 101  ASN A CG  1 
ATOM   819  O  OD1 . ASN A 1 101 ? -18.777 -6.223  -4.869  1.00 19.68 ? 101  ASN A OD1 1 
ATOM   820  N  ND2 . ASN A 1 101 ? -18.744 -5.383  -2.789  1.00 19.84 ? 101  ASN A ND2 1 
ATOM   821  N  N   . ASP A 1 102 ? -15.399 -9.525  -4.276  1.00 8.92  ? 102  ASP A N   1 
ATOM   822  C  CA  . ASP A 1 102 ? -14.236 -10.397 -4.230  1.00 8.78  ? 102  ASP A CA  1 
ATOM   823  C  C   . ASP A 1 102 ? -12.896 -9.683  -4.172  1.00 9.07  ? 102  ASP A C   1 
ATOM   824  O  O   . ASP A 1 102 ? -11.915 -10.236 -3.675  1.00 10.13 ? 102  ASP A O   1 
ATOM   825  C  CB  . ASP A 1 102 ? -14.308 -11.353 -5.417  1.00 10.66 ? 102  ASP A CB  1 
ATOM   826  C  CG  . ASP A 1 102 ? -15.663 -12.017 -5.520  1.00 9.71  ? 102  ASP A CG  1 
ATOM   827  O  OD1 . ASP A 1 102 ? -16.069 -12.675 -4.535  1.00 9.73  ? 102  ASP A OD1 1 
ATOM   828  O  OD2 . ASP A 1 102 ? -16.332 -11.866 -6.566  1.00 11.58 ? 102  ASP A OD2 1 
ATOM   829  N  N   . PHE A 1 103 ? -12.843 -8.464  -4.693  1.00 9.86  ? 103  PHE A N   1 
ATOM   830  C  CA  . PHE A 1 103 ? -11.615 -7.684  -4.632  1.00 10.16 ? 103  PHE A CA  1 
ATOM   831  C  C   . PHE A 1 103 ? -11.918 -6.245  -4.286  1.00 10.29 ? 103  PHE A C   1 
ATOM   832  O  O   . PHE A 1 103 ? -12.988 -5.727  -4.615  1.00 10.89 ? 103  PHE A O   1 
ATOM   833  C  CB  . PHE A 1 103 ? -10.859 -7.678  -5.972  1.00 11.27 ? 103  PHE A CB  1 
ATOM   834  C  CG  . PHE A 1 103 ? -10.123 -8.949  -6.267  1.00 11.94 ? 103  PHE A CG  1 
ATOM   835  C  CD1 . PHE A 1 103 ? -10.732 -9.980  -6.976  1.00 15.23 ? 103  PHE A CD1 1 
ATOM   836  C  CD2 . PHE A 1 103 ? -8.812  -9.115  -5.840  1.00 13.10 ? 103  PHE A CD2 1 
ATOM   837  C  CE1 . PHE A 1 103 ? -10.032 -11.165 -7.243  1.00 15.73 ? 103  PHE A CE1 1 
ATOM   838  C  CE2 . PHE A 1 103 ? -8.115  -10.291 -6.103  1.00 15.89 ? 103  PHE A CE2 1 
ATOM   839  C  CZ  . PHE A 1 103 ? -8.725  -11.311 -6.806  1.00 16.44 ? 103  PHE A CZ  1 
ATOM   840  N  N   . ILE A 1 104 ? -10.979 -5.618  -3.588  1.00 10.18 ? 104  ILE A N   1 
ATOM   841  C  CA  . ILE A 1 104 ? -11.064 -4.202  -3.279  1.00 9.65  ? 104  ILE A CA  1 
ATOM   842  C  C   . ILE A 1 104 ? -9.791  -3.636  -3.903  1.00 9.57  ? 104  ILE A C   1 
ATOM   843  O  O   . ILE A 1 104 ? -8.695  -4.149  -3.669  1.00 10.68 ? 104  ILE A O   1 
ATOM   844  C  CB  . ILE A 1 104 ? -11.091 -3.916  -1.764  1.00 10.35 ? 104  ILE A CB  1 
ATOM   845  C  CG1 . ILE A 1 104 ? -12.361 -4.502  -1.142  1.00 14.92 ? 104  ILE A CG1 1 
ATOM   846  C  CG2 . ILE A 1 104 ? -11.027 -2.411  -1.527  1.00 12.92 ? 104  ILE A CG2 1 
ATOM   847  C  CD1 . ILE A 1 104 ? -13.651 -3.924  -1.683  1.00 17.52 ? 104  ILE A CD1 1 
ATOM   848  N  N   . VAL A 1 105 ? -9.951  -2.600  -4.717  1.00 9.55  ? 105  VAL A N   1 
ATOM   849  C  CA  . VAL A 1 105 ? -8.844  -1.969  -5.419  1.00 9.81  ? 105  VAL A CA  1 
ATOM   850  C  C   . VAL A 1 105 ? -8.695  -0.504  -5.031  1.00 10.19 ? 105  VAL A C   1 
ATOM   851  O  O   . VAL A 1 105 ? -9.668  0.249   -5.033  1.00 11.79 ? 105  VAL A O   1 
ATOM   852  C  CB  . VAL A 1 105 ? -9.069  -2.058  -6.945  1.00 10.97 ? 105  VAL A CB  1 
ATOM   853  C  CG1 . VAL A 1 105 ? -7.922  -1.404  -7.691  1.00 13.02 ? 105  VAL A CG1 1 
ATOM   854  C  CG2 . VAL A 1 105 ? -9.218  -3.513  -7.357  1.00 12.41 ? 105  VAL A CG2 1 
ATOM   855  N  N   . MET A 1 106 ? -7.470  -0.104  -4.703  1.00 9.96  ? 106  MET A N   1 
ATOM   856  C  CA  . MET A 1 106 ? -7.180  1.276   -4.330  1.00 10.16 ? 106  MET A CA  1 
ATOM   857  C  C   . MET A 1 106 ? -6.394  1.893   -5.479  1.00 10.40 ? 106  MET A C   1 
ATOM   858  O  O   . MET A 1 106 ? -5.376  1.338   -5.905  1.00 10.75 ? 106  MET A O   1 
ATOM   859  C  CB  . MET A 1 106 ? -6.312  1.325   -3.071  1.00 12.14 ? 106  MET A CB  1 
ATOM   860  C  CG  . MET A 1 106 ? -6.792  0.474   -1.904  1.00 13.23 ? 106  MET A CG  1 
ATOM   861  S  SD  . MET A 1 106 ? -8.318  1.057   -1.148  1.00 15.03 ? 106  MET A SD  1 
ATOM   862  C  CE  . MET A 1 106 ? -7.708  2.304   -0.061  1.00 17.71 ? 106  MET A CE  1 
ATOM   863  N  N   . ALA A 1 107 ? -6.854  3.037   -5.980  1.00 10.10 ? 107  ALA A N   1 
ATOM   864  C  CA  . ALA A 1 107 ? -6.157  3.692   -7.080  1.00 11.01 ? 107  ALA A CA  1 
ATOM   865  C  C   . ALA A 1 107 ? -6.185  5.211   -6.963  1.00 12.15 ? 107  ALA A C   1 
ATOM   866  O  O   . ALA A 1 107 ? -6.978  5.775   -6.203  1.00 12.32 ? 107  ALA A O   1 
ATOM   867  C  CB  . ALA A 1 107 ? -6.759  3.252   -8.411  1.00 11.98 ? 107  ALA A CB  1 
ATOM   868  N  N   . ARG A 1 108 ? -5.300  5.862   -7.716  1.00 12.79 ? 108  ARG A N   1 
ATOM   869  C  CA  . ARG A 1 108 ? -5.183  7.318   -7.717  1.00 13.11 ? 108  ARG A CA  1 
ATOM   870  C  C   . ARG A 1 108 ? -4.954  7.827   -9.138  1.00 13.19 ? 108  ARG A C   1 
ATOM   871  O  O   . ARG A 1 108 ? -4.174  7.244   -9.883  1.00 14.24 ? 108  ARG A O   1 
ATOM   872  C  CB  . ARG A 1 108 ? -3.973  7.774   -6.891  1.00 13.75 ? 108  ARG A CB  1 
ATOM   873  C  CG  . ARG A 1 108 ? -3.838  7.229   -5.483  1.00 14.10 ? 108  ARG A CG  1 
ATOM   874  C  CD  . ARG A 1 108 ? -2.741  8.010   -4.766  1.00 15.70 ? 108  ARG A CD  1 
ATOM   875  N  NE  . ARG A 1 108 ? -2.401  7.490   -3.442  1.00 17.38 ? 108  ARG A NE  1 
ATOM   876  C  CZ  . ARG A 1 108 ? -1.320  6.760   -3.177  1.00 16.95 ? 108  ARG A CZ  1 
ATOM   877  N  NH1 . ARG A 1 108 ? -0.464  6.451   -4.145  1.00 17.93 ? 108  ARG A NH1 1 
ATOM   878  N  NH2 . ARG A 1 108 ? -1.090  6.346   -1.938  1.00 18.93 ? 108  ARG A NH2 1 
ATOM   879  N  N   . TYR A 1 109 ? -5.624  8.917   -9.499  1.00 12.53 ? 109  TYR A N   1 
ATOM   880  C  CA  . TYR A 1 109 ? -5.454  9.538   -10.815 1.00 11.08 ? 109  TYR A CA  1 
ATOM   881  C  C   . TYR A 1 109 ? -5.558  11.045  -10.661 1.00 11.77 ? 109  TYR A C   1 
ATOM   882  O  O   . TYR A 1 109 ? -5.987  11.540  -9.622  1.00 13.13 ? 109  TYR A O   1 
ATOM   883  C  CB  . TYR A 1 109 ? -6.507  9.029   -11.806 1.00 11.81 ? 109  TYR A CB  1 
ATOM   884  C  CG  . TYR A 1 109 ? -6.391  7.543   -12.025 1.00 12.64 ? 109  TYR A CG  1 
ATOM   885  C  CD1 . TYR A 1 109 ? -5.365  7.015   -12.809 1.00 12.51 ? 109  TYR A CD1 1 
ATOM   886  C  CD2 . TYR A 1 109 ? -7.222  6.656   -11.339 1.00 13.07 ? 109  TYR A CD2 1 
ATOM   887  C  CE1 . TYR A 1 109 ? -5.159  5.645   -12.893 1.00 12.31 ? 109  TYR A CE1 1 
ATOM   888  C  CE2 . TYR A 1 109 ? -7.026  5.283   -11.418 1.00 13.03 ? 109  TYR A CE2 1 
ATOM   889  C  CZ  . TYR A 1 109 ? -5.991  4.785   -12.189 1.00 12.40 ? 109  TYR A CZ  1 
ATOM   890  O  OH  . TYR A 1 109 ? -5.757  3.430   -12.220 1.00 13.22 ? 109  TYR A OH  1 
ATOM   891  N  N   . LYS A 1 110 ? -5.157  11.779  -11.693 1.00 14.70 ? 110  LYS A N   1 
ATOM   892  C  CA  . LYS A 1 110 ? -5.216  13.231  -11.627 1.00 16.98 ? 110  LYS A CA  1 
ATOM   893  C  C   . LYS A 1 110 ? -6.603  13.767  -11.933 1.00 18.35 ? 110  LYS A C   1 
ATOM   894  O  O   . LYS A 1 110 ? -7.047  14.738  -11.321 1.00 19.82 ? 110  LYS A O   1 
ATOM   895  C  CB  . LYS A 1 110 ? -4.199  13.849  -12.592 1.00 19.02 ? 110  LYS A CB  1 
ATOM   896  C  CG  . LYS A 1 110 ? -2.757  13.641  -12.167 1.00 23.38 ? 110  LYS A CG  1 
ATOM   897  C  CD  . LYS A 1 110 ? -1.781  14.166  -13.208 1.00 28.22 ? 110  LYS A CD  1 
ATOM   898  C  CE  . LYS A 1 110 ? -0.348  14.065  -12.713 1.00 30.34 ? 110  LYS A CE  1 
ATOM   899  N  NZ  . LYS A 1 110 ? 0.648   14.369  -13.779 1.00 34.61 ? 110  LYS A NZ  1 
ATOM   900  N  N   . THR A 1 111 ? -7.297  13.123  -12.865 1.00 16.91 ? 111  THR A N   1 
ATOM   901  C  CA  . THR A 1 111 ? -8.622  13.583  -13.256 1.00 18.32 ? 111  THR A CA  1 
ATOM   902  C  C   . THR A 1 111 ? -9.596  12.464  -13.576 1.00 17.76 ? 111  THR A C   1 
ATOM   903  O  O   . THR A 1 111 ? -9.223  11.296  -13.694 1.00 16.81 ? 111  THR A O   1 
ATOM   904  C  CB  . THR A 1 111 ? -8.554  14.452  -14.514 1.00 19.67 ? 111  THR A CB  1 
ATOM   905  O  OG1 . THR A 1 111 ? -8.076  13.649  -15.602 1.00 20.04 ? 111  THR A OG1 1 
ATOM   906  C  CG2 . THR A 1 111 ? -7.627  15.644  -14.305 1.00 20.73 ? 111  THR A CG2 1 
ATOM   907  N  N   . ARG A 1 112 ? -10.852 12.858  -13.738 1.00 17.95 ? 112  ARG A N   1 
ATOM   908  C  CA  . ARG A 1 112 ? -11.930 11.948  -14.082 1.00 18.68 ? 112  ARG A CA  1 
ATOM   909  C  C   . ARG A 1 112 ? -11.618 11.259  -15.412 1.00 18.42 ? 112  ARG A C   1 
ATOM   910  O  O   . ARG A 1 112 ? -11.793 10.051  -15.553 1.00 17.19 ? 112  ARG A O   1 
ATOM   911  C  CB  . ARG A 1 112 ? -13.238 12.740  -14.197 1.00 20.28 ? 112  ARG A CB  1 
ATOM   912  C  CG  . ARG A 1 112 ? -14.422 11.943  -14.697 1.00 21.27 ? 112  ARG A CG  1 
ATOM   913  C  CD  . ARG A 1 112 ? -15.681 12.801  -14.763 1.00 23.02 ? 112  ARG A CD  1 
ATOM   914  N  NE  . ARG A 1 112 ? -15.560 13.927  -15.687 1.00 24.84 ? 112  ARG A NE  1 
ATOM   915  C  CZ  . ARG A 1 112 ? -16.584 14.688  -16.066 1.00 26.80 ? 112  ARG A CZ  1 
ATOM   916  N  NH1 . ARG A 1 112 ? -17.802 14.440  -15.601 1.00 27.38 ? 112  ARG A NH1 1 
ATOM   917  N  NH2 . ARG A 1 112 ? -16.396 15.693  -16.910 1.00 29.31 ? 112  ARG A NH2 1 
ATOM   918  N  N   . GLU A 1 113 ? -11.148 12.037  -16.384 1.00 17.91 ? 113  GLU A N   1 
ATOM   919  C  CA  . GLU A 1 113 ? -10.827 11.496  -17.701 1.00 18.02 ? 113  GLU A CA  1 
ATOM   920  C  C   . GLU A 1 113 ? -9.691  10.477  -17.656 1.00 17.08 ? 113  GLU A C   1 
ATOM   921  O  O   . GLU A 1 113 ? -9.749  9.447   -18.329 1.00 17.75 ? 113  GLU A O   1 
ATOM   922  C  CB  . GLU A 1 113 ? -10.462 12.630  -18.665 1.00 19.96 ? 113  GLU A CB  1 
ATOM   923  C  CG  . GLU A 1 113 ? -11.612 13.577  -18.993 1.00 24.36 ? 113  GLU A CG  1 
ATOM   924  C  CD  . GLU A 1 113 ? -12.161 14.288  -17.771 1.00 26.35 ? 113  GLU A CD  1 
ATOM   925  O  OE1 . GLU A 1 113 ? -11.356 14.825  -16.978 1.00 26.70 ? 113  GLU A OE1 1 
ATOM   926  O  OE2 . GLU A 1 113 ? -13.400 14.314  -17.607 1.00 31.30 ? 113  GLU A OE2 1 
ATOM   927  N  N   . GLU A 1 114 ? -8.658  10.765  -16.870 1.00 17.11 ? 114  GLU A N   1 
ATOM   928  C  CA  . GLU A 1 114 ? -7.524  9.854   -16.746 1.00 16.85 ? 114  GLU A CA  1 
ATOM   929  C  C   . GLU A 1 114 ? -8.005  8.556   -16.103 1.00 15.84 ? 114  GLU A C   1 
ATOM   930  O  O   . GLU A 1 114 ? -7.624  7.460   -16.506 1.00 15.45 ? 114  GLU A O   1 
ATOM   931  C  CB  . GLU A 1 114 ? -6.434  10.484  -15.878 1.00 17.50 ? 114  GLU A CB  1 
ATOM   932  C  CG  . GLU A 1 114 ? -5.161  9.663   -15.796 1.00 22.24 ? 114  GLU A CG  1 
ATOM   933  C  CD  . GLU A 1 114 ? -4.173  10.219  -14.789 1.00 24.46 ? 114  GLU A CD  1 
ATOM   934  O  OE1 . GLU A 1 114 ? -4.372  11.361  -14.324 1.00 28.06 ? 114  GLU A OE1 1 
ATOM   935  O  OE2 . GLU A 1 114 ? -3.193  9.519   -14.468 1.00 27.16 ? 114  GLU A OE2 1 
ATOM   936  N  N   . PHE A 1 115 ? -8.847  8.701   -15.091 1.00 14.57 ? 115  PHE A N   1 
ATOM   937  C  CA  . PHE A 1 115 ? -9.414  7.567   -14.384 1.00 13.88 ? 115  PHE A CA  1 
ATOM   938  C  C   . PHE A 1 115 ? -10.231 6.709   -15.357 1.00 13.06 ? 115  PHE A C   1 
ATOM   939  O  O   . PHE A 1 115 ? -10.138 5.482   -15.344 1.00 12.74 ? 115  PHE A O   1 
ATOM   940  C  CB  . PHE A 1 115 ? -10.279 8.110   -13.238 1.00 14.58 ? 115  PHE A CB  1 
ATOM   941  C  CG  . PHE A 1 115 ? -11.284 7.140   -12.699 1.00 15.94 ? 115  PHE A CG  1 
ATOM   942  C  CD1 . PHE A 1 115 ? -10.888 6.006   -11.996 1.00 16.41 ? 115  PHE A CD1 1 
ATOM   943  C  CD2 . PHE A 1 115 ? -12.642 7.390   -12.865 1.00 18.29 ? 115  PHE A CD2 1 
ATOM   944  C  CE1 . PHE A 1 115 ? -11.843 5.133   -11.461 1.00 17.62 ? 115  PHE A CE1 1 
ATOM   945  C  CE2 . PHE A 1 115 ? -13.596 6.531   -12.339 1.00 19.88 ? 115  PHE A CE2 1 
ATOM   946  C  CZ  . PHE A 1 115 ? -13.198 5.403   -11.637 1.00 16.70 ? 115  PHE A CZ  1 
ATOM   947  N  N   . MET A 1 116 ? -11.017 7.350   -16.215 1.00 14.02 ? 116  MET A N   1 
ATOM   948  C  CA  . MET A 1 116 ? -11.821 6.590   -17.162 1.00 15.25 ? 116  MET A CA  1 
ATOM   949  C  C   . MET A 1 116 ? -10.956 5.843   -18.176 1.00 13.34 ? 116  MET A C   1 
ATOM   950  O  O   . MET A 1 116 ? -11.181 4.662   -18.435 1.00 14.56 ? 116  MET A O   1 
ATOM   951  C  CB  . MET A 1 116 ? -12.810 7.499   -17.903 1.00 18.12 ? 116  MET A CB  1 
ATOM   952  C  CG  . MET A 1 116 ? -13.784 6.729   -18.807 1.00 19.94 ? 116  MET A CG  1 
ATOM   953  S  SD  . MET A 1 116 ? -15.029 7.758   -19.625 1.00 26.01 ? 116  MET A SD  1 
ATOM   954  C  CE  . MET A 1 116 ? -14.103 8.344   -21.048 1.00 26.41 ? 116  MET A CE  1 
ATOM   955  N  N   . GLU A 1 117 ? -9.959  6.522   -18.739 1.00 14.98 ? 117  GLU A N   1 
ATOM   956  C  CA  . GLU A 1 117 ? -9.101  5.896   -19.740 1.00 17.00 ? 117  GLU A CA  1 
ATOM   957  C  C   . GLU A 1 117 ? -8.145  4.829   -19.213 1.00 15.65 ? 117  GLU A C   1 
ATOM   958  O  O   . GLU A 1 117 ? -8.039  3.744   -19.793 1.00 17.74 ? 117  GLU A O   1 
ATOM   959  C  CB  . GLU A 1 117 ? -8.290  6.961   -20.488 1.00 20.10 ? 117  GLU A CB  1 
ATOM   960  C  CG  . GLU A 1 117 ? -9.128  8.037   -21.160 1.00 28.07 ? 117  GLU A CG  1 
ATOM   961  C  CD  . GLU A 1 117 ? -10.346 7.477   -21.872 1.00 32.52 ? 117  GLU A CD  1 
ATOM   962  O  OE1 . GLU A 1 117 ? -11.273 7.001   -21.181 1.00 37.53 ? 117  GLU A OE1 1 
ATOM   963  O  OE2 . GLU A 1 117 ? -10.379 7.512   -23.119 1.00 36.29 ? 117  GLU A OE2 1 
ATOM   964  N  N   . LYS A 1 118 ? -7.453  5.127   -18.119 1.00 15.17 ? 118  LYS A N   1 
ATOM   965  C  CA  . LYS A 1 118 ? -6.483  4.184   -17.573 1.00 13.13 ? 118  LYS A CA  1 
ATOM   966  C  C   . LYS A 1 118 ? -7.062  3.058   -16.734 1.00 12.41 ? 118  LYS A C   1 
ATOM   967  O  O   . LYS A 1 118 ? -6.535  1.943   -16.729 1.00 14.10 ? 118  LYS A O   1 
ATOM   968  C  CB  . LYS A 1 118 ? -5.435  4.926   -16.735 1.00 13.52 ? 118  LYS A CB  1 
ATOM   969  C  CG  . LYS A 1 118 ? -4.610  5.931   -17.521 1.00 15.60 ? 118  LYS A CG  1 
ATOM   970  C  CD  . LYS A 1 118 ? -3.542  6.568   -16.649 1.00 16.66 ? 118  LYS A CD  1 
ATOM   971  C  CE  . LYS A 1 118 ? -2.766  7.617   -17.435 1.00 18.92 ? 118  LYS A CE  1 
ATOM   972  N  NZ  . LYS A 1 118 ? -1.756  8.314   -16.596 1.00 21.42 ? 118  LYS A NZ  1 
ATOM   973  N  N   . PHE A 1 119 ? -8.152  3.347   -16.032 1.00 12.63 ? 119  PHE A N   1 
ATOM   974  C  CA  . PHE A 1 119 ? -8.751  2.365   -15.145 1.00 12.10 ? 119  PHE A CA  1 
ATOM   975  C  C   . PHE A 1 119 ? -10.063 1.759   -15.629 1.00 11.95 ? 119  PHE A C   1 
ATOM   976  O  O   . PHE A 1 119 ? -10.121 0.571   -15.920 1.00 12.41 ? 119  PHE A O   1 
ATOM   977  C  CB  . PHE A 1 119 ? -8.947  2.998   -13.763 1.00 13.64 ? 119  PHE A CB  1 
ATOM   978  C  CG  . PHE A 1 119 ? -9.428  2.036   -12.711 1.00 15.30 ? 119  PHE A CG  1 
ATOM   979  C  CD1 . PHE A 1 119 ? -8.546  1.149   -12.101 1.00 15.74 ? 119  PHE A CD1 1 
ATOM   980  C  CD2 . PHE A 1 119 ? -10.764 2.026   -12.322 1.00 16.73 ? 119  PHE A CD2 1 
ATOM   981  C  CE1 . PHE A 1 119 ? -8.985  0.265   -11.117 1.00 17.57 ? 119  PHE A CE1 1 
ATOM   982  C  CE2 . PHE A 1 119 ? -11.214 1.143   -11.338 1.00 17.87 ? 119  PHE A CE2 1 
ATOM   983  C  CZ  . PHE A 1 119 ? -10.323 0.264   -10.734 1.00 16.95 ? 119  PHE A CZ  1 
ATOM   984  N  N   . LEU A 1 120 ? -11.114 2.565   -15.729 1.00 12.26 ? 120  LEU A N   1 
ATOM   985  C  CA  . LEU A 1 120 ? -12.412 2.033   -16.138 1.00 11.77 ? 120  LEU A CA  1 
ATOM   986  C  C   . LEU A 1 120 ? -12.396 1.286   -17.458 1.00 12.75 ? 120  LEU A C   1 
ATOM   987  O  O   . LEU A 1 120 ? -12.926 0.179   -17.556 1.00 13.04 ? 120  LEU A O   1 
ATOM   988  C  CB  . LEU A 1 120 ? -13.457 3.147   -16.210 1.00 12.50 ? 120  LEU A CB  1 
ATOM   989  C  CG  . LEU A 1 120 ? -13.824 3.881   -14.918 1.00 12.60 ? 120  LEU A CG  1 
ATOM   990  C  CD1 . LEU A 1 120 ? -14.893 4.915   -15.247 1.00 13.18 ? 120  LEU A CD1 1 
ATOM   991  C  CD2 . LEU A 1 120 ? -14.335 2.910   -13.858 1.00 13.91 ? 120  LEU A CD2 1 
ATOM   992  N  N   . GLU A 1 121 ? -11.787 1.885   -18.476 1.00 12.62 ? 121  GLU A N   1 
ATOM   993  C  CA  . GLU A 1 121 ? -11.752 1.244   -19.782 1.00 14.70 ? 121  GLU A CA  1 
ATOM   994  C  C   . GLU A 1 121 ? -10.894 -0.017  -19.827 1.00 14.38 ? 121  GLU A C   1 
ATOM   995  O  O   . GLU A 1 121 ? -11.082 -0.867  -20.697 1.00 16.68 ? 121  GLU A O   1 
ATOM   996  C  CB  . GLU A 1 121 ? -11.343 2.267   -20.849 1.00 14.08 ? 121  GLU A CB  1 
ATOM   997  C  CG  . GLU A 1 121 ? -12.499 3.222   -21.154 1.00 17.03 ? 121  GLU A CG  1 
ATOM   998  C  CD  . GLU A 1 121 ? -12.146 4.357   -22.091 1.00 20.48 ? 121  GLU A CD  1 
ATOM   999  O  OE1 . GLU A 1 121 ? -11.050 4.336   -22.687 1.00 22.17 ? 121  GLU A OE1 1 
ATOM   1000 O  OE2 . GLU A 1 121 ? -12.983 5.273   -22.238 1.00 22.73 ? 121  GLU A OE2 1 
ATOM   1001 N  N   . ARG A 1 122 ? -9.961  -0.148  -18.890 1.00 12.80 ? 122  ARG A N   1 
ATOM   1002 C  CA  . ARG A 1 122 ? -9.140  -1.351  -18.832 1.00 13.76 ? 122  ARG A CA  1 
ATOM   1003 C  C   . ARG A 1 122 ? -9.901  -2.450  -18.082 1.00 15.11 ? 122  ARG A C   1 
ATOM   1004 O  O   . ARG A 1 122 ? -9.963  -3.594  -18.531 1.00 15.71 ? 122  ARG A O   1 
ATOM   1005 C  CB  . ARG A 1 122 ? -7.810  -1.082  -18.121 1.00 15.18 ? 122  ARG A CB  1 
ATOM   1006 C  CG  . ARG A 1 122 ? -6.758  -0.395  -18.983 1.00 17.51 ? 122  ARG A CG  1 
ATOM   1007 C  CD  . ARG A 1 122 ? -5.365  -0.698  -18.447 1.00 18.62 ? 122  ARG A CD  1 
ATOM   1008 N  NE  . ARG A 1 122 ? -4.303  -0.219  -19.331 1.00 19.42 ? 122  ARG A NE  1 
ATOM   1009 C  CZ  . ARG A 1 122 ? -3.769  0.997   -19.279 1.00 20.36 ? 122  ARG A CZ  1 
ATOM   1010 N  NH1 . ARG A 1 122 ? -4.189  1.876   -18.381 1.00 19.88 ? 122  ARG A NH1 1 
ATOM   1011 N  NH2 . ARG A 1 122 ? -2.807  1.336   -20.129 1.00 20.79 ? 122  ARG A NH2 1 
ATOM   1012 N  N   . VAL A 1 123 ? -10.491 -2.092  -16.945 1.00 13.67 ? 123  VAL A N   1 
ATOM   1013 C  CA  . VAL A 1 123 ? -11.225 -3.059  -16.134 1.00 14.81 ? 123  VAL A CA  1 
ATOM   1014 C  C   . VAL A 1 123 ? -12.414 -3.677  -16.859 1.00 13.08 ? 123  VAL A C   1 
ATOM   1015 O  O   . VAL A 1 123 ? -12.666 -4.875  -16.732 1.00 13.84 ? 123  VAL A O   1 
ATOM   1016 C  CB  . VAL A 1 123 ? -11.726 -2.413  -14.820 1.00 13.24 ? 123  VAL A CB  1 
ATOM   1017 C  CG1 . VAL A 1 123 ? -12.625 -3.390  -14.057 1.00 16.42 ? 123  VAL A CG1 1 
ATOM   1018 C  CG2 . VAL A 1 123 ? -10.542 -2.022  -13.958 1.00 15.66 ? 123  VAL A CG2 1 
ATOM   1019 N  N   . MET A 1 124 ? -13.145 -2.873  -17.625 1.00 13.32 ? 124  MET A N   1 
ATOM   1020 C  CA  . MET A 1 124 ? -14.309 -3.403  -18.315 1.00 13.98 ? 124  MET A CA  1 
ATOM   1021 C  C   . MET A 1 124 ? -13.983 -4.478  -19.346 1.00 15.23 ? 124  MET A C   1 
ATOM   1022 O  O   . MET A 1 124 ? -14.868 -5.229  -19.747 1.00 16.74 ? 124  MET A O   1 
ATOM   1023 C  CB  . MET A 1 124 ? -15.115 -2.273  -18.969 1.00 14.34 ? 124  MET A CB  1 
ATOM   1024 C  CG  . MET A 1 124 ? -14.390 -1.517  -20.071 1.00 14.56 ? 124  MET A CG  1 
ATOM   1025 S  SD  . MET A 1 124 ? -15.426 -0.249  -20.844 1.00 14.58 ? 124  MET A SD  1 
ATOM   1026 C  CE  . MET A 1 124 ? -15.665 0.912   -19.474 1.00 15.72 ? 124  MET A CE  1 
ATOM   1027 N  N   . SER A 1 125 ? -12.721 -4.567  -19.762 1.00 15.52 ? 125  SER A N   1 
ATOM   1028 C  CA  . SER A 1 125 ? -12.330 -5.572  -20.751 1.00 17.07 ? 125  SER A CA  1 
ATOM   1029 C  C   . SER A 1 125 ? -11.767 -6.856  -20.142 1.00 17.08 ? 125  SER A C   1 
ATOM   1030 O  O   . SER A 1 125 ? -11.505 -7.821  -20.863 1.00 18.28 ? 125  SER A O   1 
ATOM   1031 C  CB  . SER A 1 125 ? -11.301 -4.992  -21.731 1.00 17.81 ? 125  SER A CB  1 
ATOM   1032 O  OG  . SER A 1 125 ? -10.052 -4.778  -21.102 1.00 19.86 ? 125  SER A OG  1 
ATOM   1033 N  N   . ILE A 1 126 ? -11.573 -6.878  -18.826 1.00 16.14 ? 126  ILE A N   1 
ATOM   1034 C  CA  . ILE A 1 126 ? -11.044 -8.074  -18.170 1.00 15.18 ? 126  ILE A CA  1 
ATOM   1035 C  C   . ILE A 1 126 ? -12.160 -9.115  -18.090 1.00 16.27 ? 126  ILE A C   1 
ATOM   1036 O  O   . ILE A 1 126 ? -13.180 -8.896  -17.440 1.00 14.63 ? 126  ILE A O   1 
ATOM   1037 C  CB  . ILE A 1 126 ? -10.525 -7.747  -16.752 1.00 15.15 ? 126  ILE A CB  1 
ATOM   1038 C  CG1 . ILE A 1 126 ? -9.336  -6.785  -16.849 1.00 15.44 ? 126  ILE A CG1 1 
ATOM   1039 C  CG2 . ILE A 1 126 ? -10.108 -9.029  -16.037 1.00 15.23 ? 126  ILE A CG2 1 
ATOM   1040 C  CD1 . ILE A 1 126 ? -8.821  -6.298  -15.515 1.00 17.01 ? 126  ILE A CD1 1 
ATOM   1041 N  N   . PRO A 1 127 ? -11.977 -10.271 -18.748 1.00 16.01 ? 127  PRO A N   1 
ATOM   1042 C  CA  . PRO A 1 127 ? -12.989 -11.334 -18.748 1.00 15.98 ? 127  PRO A CA  1 
ATOM   1043 C  C   . PRO A 1 127 ? -13.421 -11.881 -17.388 1.00 15.08 ? 127  PRO A C   1 
ATOM   1044 O  O   . PRO A 1 127 ? -14.562 -12.328 -17.236 1.00 16.87 ? 127  PRO A O   1 
ATOM   1045 C  CB  . PRO A 1 127 ? -12.361 -12.408 -19.640 1.00 18.12 ? 127  PRO A CB  1 
ATOM   1046 C  CG  . PRO A 1 127 ? -10.896 -12.215 -19.422 1.00 19.79 ? 127  PRO A CG  1 
ATOM   1047 C  CD  . PRO A 1 127 ? -10.757 -10.711 -19.451 1.00 17.27 ? 127  PRO A CD  1 
ATOM   1048 N  N   . GLU A 1 128 ? -12.522 -11.851 -16.409 1.00 15.51 ? 128  GLU A N   1 
ATOM   1049 C  CA  . GLU A 1 128 ? -12.837 -12.354 -15.072 1.00 14.77 ? 128  GLU A CA  1 
ATOM   1050 C  C   . GLU A 1 128 ? -13.712 -11.395 -14.264 1.00 14.23 ? 128  GLU A C   1 
ATOM   1051 O  O   . GLU A 1 128 ? -14.111 -11.715 -13.147 1.00 14.41 ? 128  GLU A O   1 
ATOM   1052 C  CB  . GLU A 1 128 ? -11.557 -12.637 -14.273 1.00 17.47 ? 128  GLU A CB  1 
ATOM   1053 C  CG  . GLU A 1 128 ? -10.754 -13.858 -14.714 1.00 20.26 ? 128  GLU A CG  1 
ATOM   1054 C  CD  . GLU A 1 128 ? -9.816  -13.578 -15.875 1.00 22.24 ? 128  GLU A CD  1 
ATOM   1055 O  OE1 . GLU A 1 128 ? -9.640  -12.398 -16.244 1.00 19.90 ? 128  GLU A OE1 1 
ATOM   1056 O  OE2 . GLU A 1 128 ? -9.243  -14.549 -16.412 1.00 26.68 ? 128  GLU A OE2 1 
ATOM   1057 N  N   . VAL A 1 129 ? -13.998 -10.218 -14.812 1.00 13.02 ? 129  VAL A N   1 
ATOM   1058 C  CA  . VAL A 1 129 ? -14.827 -9.249  -14.102 1.00 11.74 ? 129  VAL A CA  1 
ATOM   1059 C  C   . VAL A 1 129 ? -16.312 -9.398  -14.429 1.00 11.80 ? 129  VAL A C   1 
ATOM   1060 O  O   . VAL A 1 129 ? -16.693 -9.426  -15.605 1.00 13.48 ? 129  VAL A O   1 
ATOM   1061 C  CB  . VAL A 1 129 ? -14.403 -7.786  -14.446 1.00 10.48 ? 129  VAL A CB  1 
ATOM   1062 C  CG1 . VAL A 1 129 ? -15.415 -6.789  -13.885 1.00 11.68 ? 129  VAL A CG1 1 
ATOM   1063 C  CG2 . VAL A 1 129 ? -13.024 -7.501  -13.878 1.00 12.63 ? 129  VAL A CG2 1 
ATOM   1064 N  N   . GLU A 1 130 ? -17.145 -9.517  -13.391 1.00 10.54 ? 130  GLU A N   1 
ATOM   1065 C  CA  . GLU A 1 130 ? -18.597 -9.576  -13.583 1.00 9.86  ? 130  GLU A CA  1 
ATOM   1066 C  C   . GLU A 1 130 ? -19.022 -8.102  -13.632 1.00 9.67  ? 130  GLU A C   1 
ATOM   1067 O  O   . GLU A 1 130 ? -19.679 -7.672  -14.567 1.00 10.87 ? 130  GLU A O   1 
ATOM   1068 C  CB  . GLU A 1 130 ? -19.277 -10.316 -12.427 1.00 10.21 ? 130  GLU A CB  1 
ATOM   1069 C  CG  . GLU A 1 130 ? -20.811 -10.293 -12.454 1.00 10.96 ? 130  GLU A CG  1 
ATOM   1070 C  CD  . GLU A 1 130 ? -21.430 -10.876 -13.717 1.00 13.06 ? 130  GLU A CD  1 
ATOM   1071 O  OE1 . GLU A 1 130 ? -20.906 -11.874 -14.256 1.00 14.67 ? 130  GLU A OE1 1 
ATOM   1072 O  OE2 . GLU A 1 130 ? -22.473 -10.342 -14.161 1.00 16.32 ? 130  GLU A OE2 1 
ATOM   1073 N  N   A ARG A 1 131 ? -18.638 -7.347  -12.607 0.50 10.01 ? 131  ARG A N   1 
ATOM   1074 N  N   B ARG A 1 131 ? -18.639 -7.334  -12.614 0.50 10.18 ? 131  ARG A N   1 
ATOM   1075 C  CA  A ARG A 1 131 ? -18.929 -5.918  -12.545 0.50 9.90  ? 131  ARG A CA  1 
ATOM   1076 C  CA  B ARG A 1 131 ? -18.929 -5.898  -12.575 0.50 10.19 ? 131  ARG A CA  1 
ATOM   1077 C  C   A ARG A 1 131 ? -18.166 -5.284  -11.392 0.50 10.55 ? 131  ARG A C   1 
ATOM   1078 C  C   B ARG A 1 131 ? -18.181 -5.282  -11.401 0.50 10.78 ? 131  ARG A C   1 
ATOM   1079 O  O   A ARG A 1 131 ? -17.568 -5.986  -10.575 0.50 9.93  ? 131  ARG A O   1 
ATOM   1080 O  O   B ARG A 1 131 ? -17.621 -5.996  -10.572 0.50 10.63 ? 131  ARG A O   1 
ATOM   1081 C  CB  A ARG A 1 131 ? -20.438 -5.666  -12.400 0.50 10.38 ? 131  ARG A CB  1 
ATOM   1082 C  CB  B ARG A 1 131 ? -20.439 -5.616  -12.451 0.50 10.69 ? 131  ARG A CB  1 
ATOM   1083 C  CG  A ARG A 1 131 ? -21.062 -6.145  -11.098 0.50 9.40  ? 131  ARG A CG  1 
ATOM   1084 C  CG  B ARG A 1 131 ? -21.095 -6.156  -11.186 0.50 10.57 ? 131  ARG A CG  1 
ATOM   1085 C  CD  A ARG A 1 131 ? -22.586 -6.189  -11.216 0.50 10.29 ? 131  ARG A CD  1 
ATOM   1086 C  CD  B ARG A 1 131 ? -22.404 -5.427  -10.874 0.50 11.43 ? 131  ARG A CD  1 
ATOM   1087 N  NE  A ARG A 1 131 ? -23.008 -7.076  -12.300 0.50 10.12 ? 131  ARG A NE  1 
ATOM   1088 N  NE  B ARG A 1 131 ? -22.171 -4.000  -10.680 0.50 12.46 ? 131  ARG A NE  1 
ATOM   1089 C  CZ  A ARG A 1 131 ? -23.303 -6.682  -13.538 0.50 9.20  ? 131  ARG A CZ  1 
ATOM   1090 C  CZ  B ARG A 1 131 ? -22.509 -3.042  -11.539 0.50 10.75 ? 131  ARG A CZ  1 
ATOM   1091 N  NH1 A ARG A 1 131 ? -23.663 -7.577  -14.447 0.50 11.50 ? 131  ARG A NH1 1 
ATOM   1092 N  NH1 B ARG A 1 131 ? -22.232 -1.780  -11.244 0.50 11.98 ? 131  ARG A NH1 1 
ATOM   1093 N  NH2 A ARG A 1 131 ? -23.267 -5.400  -13.866 0.50 8.99  ? 131  ARG A NH2 1 
ATOM   1094 N  NH2 B ARG A 1 131 ? -23.138 -3.327  -12.670 0.50 8.62  ? 131  ARG A NH2 1 
ATOM   1095 N  N   . THR A 1 132 ? -18.164 -3.957  -11.340 1.00 10.19 ? 132  THR A N   1 
ATOM   1096 C  CA  . THR A 1 132 ? -17.475 -3.251  -10.265 1.00 10.28 ? 132  THR A CA  1 
ATOM   1097 C  C   . THR A 1 132 ? -18.315 -2.088  -9.773  1.00 10.67 ? 132  THR A C   1 
ATOM   1098 O  O   . THR A 1 132 ? -19.265 -1.662  -10.436 1.00 11.72 ? 132  THR A O   1 
ATOM   1099 C  CB  . THR A 1 132 ? -16.091 -2.697  -10.713 1.00 10.82 ? 132  THR A CB  1 
ATOM   1100 O  OG1 . THR A 1 132 ? -16.255 -1.682  -11.715 1.00 11.99 ? 132  THR A OG1 1 
ATOM   1101 C  CG2 . THR A 1 132 ? -15.237 -3.810  -11.277 1.00 11.66 ? 132  THR A CG2 1 
ATOM   1102 N  N   . SER A 1 133 ? -17.971 -1.609  -8.584  1.00 9.64  ? 133  SER A N   1 
ATOM   1103 C  CA  . SER A 1 133 ? -18.641 -0.472  -7.977  1.00 9.71  ? 133  SER A CA  1 
ATOM   1104 C  C   . SER A 1 133 ? -17.541 0.393   -7.389  1.00 9.28  ? 133  SER A C   1 
ATOM   1105 O  O   . SER A 1 133 ? -16.834 -0.019  -6.468  1.00 10.53 ? 133  SER A O   1 
ATOM   1106 C  CB  . SER A 1 133 ? -19.598 -0.927  -6.883  1.00 9.85  ? 133  SER A CB  1 
ATOM   1107 O  OG  . SER A 1 133 ? -20.219 0.201   -6.278  1.00 13.03 ? 133  SER A OG  1 
ATOM   1108 N  N   . THR A 1 134 ? -17.403 1.598   -7.929  1.00 8.81  ? 134  THR A N   1 
ATOM   1109 C  CA  . THR A 1 134 ? -16.362 2.504   -7.488  1.00 9.05  ? 134  THR A CA  1 
ATOM   1110 C  C   . THR A 1 134 ? -16.834 3.551   -6.498  1.00 9.99  ? 134  THR A C   1 
ATOM   1111 O  O   . THR A 1 134 ? -17.826 4.253   -6.731  1.00 11.91 ? 134  THR A O   1 
ATOM   1112 C  CB  . THR A 1 134 ? -15.725 3.220   -8.691  1.00 9.91  ? 134  THR A CB  1 
ATOM   1113 O  OG1 . THR A 1 134 ? -15.115 2.245   -9.550  1.00 10.97 ? 134  THR A OG1 1 
ATOM   1114 C  CG2 . THR A 1 134 ? -14.669 4.216   -8.230  1.00 10.53 ? 134  THR A CG2 1 
ATOM   1115 N  N   A GLN A 1 135 ? -16.132 3.625   -5.374  0.50 10.52 ? 135  GLN A N   1 
ATOM   1116 N  N   B GLN A 1 135 ? -16.110 3.653   -5.391  0.50 10.53 ? 135  GLN A N   1 
ATOM   1117 C  CA  A GLN A 1 135 ? -16.424 4.595   -4.330  0.50 11.48 ? 135  GLN A CA  1 
ATOM   1118 C  CA  B GLN A 1 135 ? -16.426 4.623   -4.361  0.50 11.53 ? 135  GLN A CA  1 
ATOM   1119 C  C   A GLN A 1 135 ? -15.398 5.716   -4.445  0.50 11.43 ? 135  GLN A C   1 
ATOM   1120 C  C   B GLN A 1 135 ? -15.395 5.722   -4.441  0.50 11.47 ? 135  GLN A C   1 
ATOM   1121 O  O   A GLN A 1 135 ? -14.202 5.486   -4.276  0.50 12.41 ? 135  GLN A O   1 
ATOM   1122 O  O   B GLN A 1 135 ? -14.202 5.492   -4.234  0.50 12.47 ? 135  GLN A O   1 
ATOM   1123 C  CB  A GLN A 1 135 ? -16.320 3.942   -2.947  0.50 13.13 ? 135  GLN A CB  1 
ATOM   1124 C  CB  B GLN A 1 135 ? -16.403 3.963   -2.985  0.50 13.32 ? 135  GLN A CB  1 
ATOM   1125 C  CG  A GLN A 1 135 ? -17.453 2.983   -2.625  0.50 17.63 ? 135  GLN A CG  1 
ATOM   1126 C  CG  B GLN A 1 135 ? -17.283 2.732   -2.933  0.50 18.36 ? 135  GLN A CG  1 
ATOM   1127 C  CD  A GLN A 1 135 ? -17.259 2.276   -1.297  0.50 20.04 ? 135  GLN A CD  1 
ATOM   1128 C  CD  B GLN A 1 135 ? -18.634 2.966   -3.590  0.50 22.34 ? 135  GLN A CD  1 
ATOM   1129 O  OE1 A GLN A 1 135 ? -16.739 1.165   -1.240  0.50 23.46 ? 135  GLN A OE1 1 
ATOM   1130 O  OE1 B GLN A 1 135 ? -19.110 2.144   -4.371  0.50 26.05 ? 135  GLN A OE1 1 
ATOM   1131 N  NE2 A GLN A 1 135 ? -17.664 2.931   -0.218  0.50 23.16 ? 135  GLN A NE2 1 
ATOM   1132 N  NE2 B GLN A 1 135 ? -19.254 4.094   -3.276  0.50 25.30 ? 135  GLN A NE2 1 
ATOM   1133 N  N   . VAL A 1 136 ? -15.863 6.921   -4.754  1.00 11.19 ? 136  VAL A N   1 
ATOM   1134 C  CA  . VAL A 1 136 ? -14.982 8.065   -4.881  1.00 11.23 ? 136  VAL A CA  1 
ATOM   1135 C  C   . VAL A 1 136 ? -14.650 8.610   -3.505  1.00 11.11 ? 136  VAL A C   1 
ATOM   1136 O  O   . VAL A 1 136 ? -15.534 8.787   -2.664  1.00 12.23 ? 136  VAL A O   1 
ATOM   1137 C  CB  . VAL A 1 136 ? -15.646 9.166   -5.729  1.00 12.66 ? 136  VAL A CB  1 
ATOM   1138 C  CG1 . VAL A 1 136 ? -14.765 10.398  -5.769  1.00 14.97 ? 136  VAL A CG1 1 
ATOM   1139 C  CG2 . VAL A 1 136 ? -15.891 8.645   -7.139  1.00 15.76 ? 136  VAL A CG2 1 
ATOM   1140 N  N   . VAL A 1 137 ? -13.368 8.853   -3.265  1.00 10.60 ? 137  VAL A N   1 
ATOM   1141 C  CA  . VAL A 1 137 ? -12.944 9.393   -1.981  1.00 10.25 ? 137  VAL A CA  1 
ATOM   1142 C  C   . VAL A 1 137 ? -13.073 10.915  -2.013  1.00 11.27 ? 137  VAL A C   1 
ATOM   1143 O  O   . VAL A 1 137 ? -12.413 11.592  -2.804  1.00 12.57 ? 137  VAL A O   1 
ATOM   1144 C  CB  . VAL A 1 137 ? -11.491 9.000   -1.670  1.00 9.96  ? 137  VAL A CB  1 
ATOM   1145 C  CG1 . VAL A 1 137 ? -11.037 9.683   -0.387  1.00 11.21 ? 137  VAL A CG1 1 
ATOM   1146 C  CG2 . VAL A 1 137 ? -11.381 7.482   -1.533  1.00 11.83 ? 137  VAL A CG2 1 
ATOM   1147 N  N   . VAL A 1 138 ? -13.947 11.441  -1.161  1.00 11.53 ? 138  VAL A N   1 
ATOM   1148 C  CA  . VAL A 1 138 ? -14.186 12.879  -1.075  1.00 13.83 ? 138  VAL A CA  1 
ATOM   1149 C  C   . VAL A 1 138 ? -13.101 13.537  -0.238  1.00 14.20 ? 138  VAL A C   1 
ATOM   1150 O  O   . VAL A 1 138 ? -12.688 14.665  -0.506  1.00 15.91 ? 138  VAL A O   1 
ATOM   1151 C  CB  . VAL A 1 138 ? -15.553 13.178  -0.414  1.00 15.34 ? 138  VAL A CB  1 
ATOM   1152 C  CG1 . VAL A 1 138 ? -15.780 14.682  -0.336  1.00 18.96 ? 138  VAL A CG1 1 
ATOM   1153 C  CG2 . VAL A 1 138 ? -16.665 12.505  -1.190  1.00 19.51 ? 138  VAL A CG2 1 
ATOM   1154 N  N   . LYS A 1 139 ? -12.641 12.824  0.779   1.00 12.69 ? 139  LYS A N   1 
ATOM   1155 C  CA  . LYS A 1 139 ? -11.611 13.346  1.656   1.00 14.66 ? 139  LYS A CA  1 
ATOM   1156 C  C   . LYS A 1 139 ? -10.856 12.213  2.327   1.00 13.57 ? 139  LYS A C   1 
ATOM   1157 O  O   . LYS A 1 139 ? -11.456 11.253  2.812   1.00 12.79 ? 139  LYS A O   1 
ATOM   1158 C  CB  . LYS A 1 139 ? -12.242 14.240  2.727   1.00 18.51 ? 139  LYS A CB  1 
ATOM   1159 C  CG  . LYS A 1 139 ? -11.245 14.898  3.663   1.00 21.69 ? 139  LYS A CG  1 
ATOM   1160 C  CD  . LYS A 1 139 ? -11.957 15.736  4.716   1.00 26.63 ? 139  LYS A CD  1 
ATOM   1161 C  CE  . LYS A 1 139 ? -10.966 16.376  5.676   1.00 30.08 ? 139  LYS A CE  1 
ATOM   1162 N  NZ  . LYS A 1 139 ? -9.994  17.250  4.961   1.00 33.25 ? 139  LYS A NZ  1 
ATOM   1163 N  N   . ILE A 1 140 ? -9.534  12.313  2.329   1.00 12.50 ? 140  ILE A N   1 
ATOM   1164 C  CA  . ILE A 1 140 ? -8.710  11.314  2.988   1.00 12.72 ? 140  ILE A CA  1 
ATOM   1165 C  C   . ILE A 1 140 ? -8.499  11.848  4.400   1.00 14.31 ? 140  ILE A C   1 
ATOM   1166 O  O   . ILE A 1 140 ? -7.854  12.882  4.591   1.00 16.68 ? 140  ILE A O   1 
ATOM   1167 C  CB  . ILE A 1 140 ? -7.339  11.157  2.301   1.00 12.68 ? 140  ILE A CB  1 
ATOM   1168 C  CG1 . ILE A 1 140 ? -7.524  10.631  0.876   1.00 13.30 ? 140  ILE A CG1 1 
ATOM   1169 C  CG2 . ILE A 1 140 ? -6.454  10.225  3.122   1.00 13.87 ? 140  ILE A CG2 1 
ATOM   1170 C  CD1 . ILE A 1 140 ? -6.220  10.501  0.088   1.00 16.36 ? 140  ILE A CD1 1 
ATOM   1171 N  N   . ILE A 1 141 ? -9.064  11.161  5.384   1.00 13.39 ? 141  ILE A N   1 
ATOM   1172 C  CA  . ILE A 1 141 ? -8.931  11.572  6.775   1.00 13.90 ? 141  ILE A CA  1 
ATOM   1173 C  C   . ILE A 1 141 ? -7.573  11.104  7.281   1.00 13.88 ? 141  ILE A C   1 
ATOM   1174 O  O   . ILE A 1 141 ? -6.885  11.808  8.028   1.00 15.53 ? 141  ILE A O   1 
ATOM   1175 C  CB  . ILE A 1 141 ? -10.050 10.940  7.643   1.00 14.08 ? 141  ILE A CB  1 
ATOM   1176 C  CG1 . ILE A 1 141 ? -11.424 11.350  7.105   1.00 19.09 ? 141  ILE A CG1 1 
ATOM   1177 C  CG2 . ILE A 1 141 ? -9.892  11.359  9.098   1.00 16.36 ? 141  ILE A CG2 1 
ATOM   1178 C  CD1 . ILE A 1 141 ? -11.660 12.845  7.053   1.00 21.78 ? 141  ILE A CD1 1 
ATOM   1179 N  N   . LYS A 1 142 ? -7.187  9.908   6.855   1.00 13.36 ? 142  LYS A N   1 
ATOM   1180 C  CA  . LYS A 1 142 ? -5.915  9.336   7.259   1.00 13.36 ? 142  LYS A CA  1 
ATOM   1181 C  C   . LYS A 1 142 ? -5.428  8.313   6.245   1.00 13.06 ? 142  LYS A C   1 
ATOM   1182 O  O   . LYS A 1 142 ? -6.209  7.531   5.720   1.00 12.05 ? 142  LYS A O   1 
ATOM   1183 C  CB  . LYS A 1 142 ? -6.064  8.659   8.624   1.00 13.78 ? 142  LYS A CB  1 
ATOM   1184 C  CG  . LYS A 1 142 ? -4.790  8.033   9.159   1.00 15.25 ? 142  LYS A CG  1 
ATOM   1185 C  CD  . LYS A 1 142 ? -5.059  7.327   10.478  1.00 15.73 ? 142  LYS A CD  1 
ATOM   1186 C  CE  . LYS A 1 142 ? -3.765  6.913   11.149  1.00 16.67 ? 142  LYS A CE  1 
ATOM   1187 N  NZ  . LYS A 1 142 ? -4.025  6.275   12.465  1.00 17.31 ? 142  LYS A NZ  1 
ATOM   1188 N  N   . GLU A 1 143 ? -4.139  8.351   5.941   1.00 13.53 ? 143  GLU A N   1 
ATOM   1189 C  CA  . GLU A 1 143 ? -3.543  7.374   5.041   1.00 13.28 ? 143  GLU A CA  1 
ATOM   1190 C  C   . GLU A 1 143 ? -2.081  7.258   5.432   1.00 14.34 ? 143  GLU A C   1 
ATOM   1191 O  O   . GLU A 1 143 ? -1.211  7.909   4.855   1.00 15.85 ? 143  GLU A O   1 
ATOM   1192 C  CB  . GLU A 1 143 ? -3.676  7.773   3.567   1.00 14.21 ? 143  GLU A CB  1 
ATOM   1193 C  CG  . GLU A 1 143 ? -3.130  6.688   2.633   1.00 15.66 ? 143  GLU A CG  1 
ATOM   1194 C  CD  . GLU A 1 143 ? -3.379  6.962   1.165   1.00 19.07 ? 143  GLU A CD  1 
ATOM   1195 O  OE1 . GLU A 1 143 ? -4.483  6.653   0.667   1.00 15.44 ? 143  GLU A OE1 1 
ATOM   1196 O  OE2 . GLU A 1 143 ? -2.464  7.490   0.499   1.00 21.06 ? 143  GLU A OE2 1 
ATOM   1197 N  N   . SER A 1 144 ? -1.835  6.430   6.441   1.00 13.55 ? 144  SER A N   1 
ATOM   1198 C  CA  . SER A 1 144 ? -0.491  6.213   6.964   1.00 13.95 ? 144  SER A CA  1 
ATOM   1199 C  C   . SER A 1 144 ? -0.189  4.718   7.045   1.00 13.97 ? 144  SER A C   1 
ATOM   1200 O  O   . SER A 1 144 ? 0.037   4.178   8.131   1.00 14.02 ? 144  SER A O   1 
ATOM   1201 C  CB  . SER A 1 144 ? -0.372  6.842   8.355   1.00 15.29 ? 144  SER A CB  1 
ATOM   1202 O  OG  . SER A 1 144 ? -0.610  8.240   8.311   1.00 19.81 ? 144  SER A OG  1 
ATOM   1203 N  N   . PRO A 1 145 ? -0.172  4.032   5.889   1.00 16.02 ? 145  PRO A N   1 
ATOM   1204 C  CA  . PRO A 1 145 ? 0.105   2.591   5.859   1.00 16.49 ? 145  PRO A CA  1 
ATOM   1205 C  C   . PRO A 1 145 ? 1.498   2.229   6.367   1.00 15.48 ? 145  PRO A C   1 
ATOM   1206 O  O   . PRO A 1 145 ? 1.779   1.066   6.657   1.00 16.47 ? 145  PRO A O   1 
ATOM   1207 C  CB  . PRO A 1 145 ? -0.095  2.231   4.389   1.00 17.17 ? 145  PRO A CB  1 
ATOM   1208 C  CG  . PRO A 1 145 ? 0.298   3.487   3.675   1.00 17.16 ? 145  PRO A CG  1 
ATOM   1209 C  CD  . PRO A 1 145 ? -0.347  4.562   4.525   1.00 16.36 ? 145  PRO A CD  1 
ATOM   1210 N  N   . ASN A 1 146 ? 2.362   3.231   6.481   1.00 15.74 ? 146  ASN A N   1 
ATOM   1211 C  CA  . ASN A 1 146 ? 3.722   3.013   6.962   1.00 16.16 ? 146  ASN A CA  1 
ATOM   1212 C  C   . ASN A 1 146 ? 3.762   2.673   8.450   1.00 16.25 ? 146  ASN A C   1 
ATOM   1213 O  O   . ASN A 1 146 ? 4.723   2.065   8.923   1.00 16.28 ? 146  ASN A O   1 
ATOM   1214 C  CB  . ASN A 1 146 ? 4.569   4.260   6.707   1.00 15.70 ? 146  ASN A CB  1 
ATOM   1215 C  CG  . ASN A 1 146 ? 3.947   5.510   7.296   1.00 18.20 ? 146  ASN A CG  1 
ATOM   1216 O  OD1 . ASN A 1 146 ? 2.850   5.911   6.905   1.00 18.63 ? 146  ASN A OD1 1 
ATOM   1217 N  ND2 . ASN A 1 146 ? 4.641   6.131   8.244   1.00 17.93 ? 146  ASN A ND2 1 
ATOM   1218 N  N   . ILE A 1 147 ? 2.731   3.074   9.190   1.00 16.08 ? 147  ILE A N   1 
ATOM   1219 C  CA  . ILE A 1 147 ? 2.674   2.801   10.624  1.00 16.22 ? 147  ILE A CA  1 
ATOM   1220 C  C   . ILE A 1 147 ? 2.190   1.376   10.872  1.00 17.83 ? 147  ILE A C   1 
ATOM   1221 O  O   . ILE A 1 147 ? 1.000   1.081   10.746  1.00 18.70 ? 147  ILE A O   1 
ATOM   1222 C  CB  . ILE A 1 147 ? 1.730   3.788   11.353  1.00 16.28 ? 147  ILE A CB  1 
ATOM   1223 C  CG1 . ILE A 1 147 ? 2.198   5.228   11.120  1.00 17.29 ? 147  ILE A CG1 1 
ATOM   1224 C  CG2 . ILE A 1 147 ? 1.706   3.483   12.851  1.00 16.11 ? 147  ILE A CG2 1 
ATOM   1225 C  CD1 . ILE A 1 147 ? 3.630   5.498   11.568  1.00 19.45 ? 147  ILE A CD1 1 
ATOM   1226 N  N   . VAL A 1 148 ? 3.119   0.493   11.218  1.00 17.17 ? 148  VAL A N   1 
ATOM   1227 C  CA  . VAL A 1 148 ? 2.784   -0.904  11.479  1.00 18.76 ? 148  VAL A CA  1 
ATOM   1228 C  C   . VAL A 1 148 ? 2.789   -1.240  12.967  1.00 19.82 ? 148  VAL A C   1 
ATOM   1229 O  O   . VAL A 1 148 ? 2.205   -2.232  13.385  1.00 19.88 ? 148  VAL A O   1 
ATOM   1230 C  CB  . VAL A 1 148 ? 3.751   -1.851  10.745  1.00 20.21 ? 148  VAL A CB  1 
ATOM   1231 C  CG1 . VAL A 1 148 ? 3.493   -1.803  9.243   1.00 21.43 ? 148  VAL A CG1 1 
ATOM   1232 C  CG2 . VAL A 1 148 ? 5.181   -1.453  11.045  1.00 20.86 ? 148  VAL A CG2 1 
ATOM   1233 N  N   . ILE A 1 149 ? 3.454   -0.400  13.754  1.00 21.38 ? 149  ILE A N   1 
ATOM   1234 C  CA  . ILE A 1 149 ? 3.547   -0.559  15.203  1.00 22.73 ? 149  ILE A CA  1 
ATOM   1235 C  C   . ILE A 1 149 ? 2.876   0.644   15.858  1.00 25.11 ? 149  ILE A C   1 
ATOM   1236 O  O   . ILE A 1 149 ? 3.391   1.759   15.786  1.00 24.06 ? 149  ILE A O   1 
ATOM   1237 C  CB  . ILE A 1 149 ? 5.026   -0.596  15.658  1.00 22.84 ? 149  ILE A CB  1 
ATOM   1238 C  CG1 . ILE A 1 149 ? 5.753   -1.741  14.954  1.00 22.90 ? 149  ILE A CG1 1 
ATOM   1239 C  CG2 . ILE A 1 149 ? 5.107   -0.745  17.166  1.00 24.22 ? 149  ILE A CG2 1 
ATOM   1240 C  CD1 . ILE A 1 149 ? 7.252   -1.707  15.152  1.00 24.30 ? 149  ILE A CD1 1 
ATOM   1241 N  N   A PHE A 1 150 ? 1.774   0.438   16.577  0.50 27.56 ? 150  PHE A N   1 
ATOM   1242 N  N   B PHE A 1 150 ? 1.681   0.394   16.386  0.50 27.43 ? 150  PHE A N   1 
ATOM   1243 C  CA  A PHE A 1 150 ? 1.110   1.559   17.250  0.50 29.24 ? 150  PHE A CA  1 
ATOM   1244 C  CA  B PHE A 1 150 ? 0.881   1.424   17.035  0.50 28.59 ? 150  PHE A CA  1 
ATOM   1245 C  C   A PHE A 1 150 ? 1.594   1.746   18.691  0.50 30.68 ? 150  PHE A C   1 
ATOM   1246 C  C   B PHE A 1 150 ? 1.333   1.681   18.461  0.50 28.95 ? 150  PHE A C   1 
ATOM   1247 O  O   A PHE A 1 150 ? 0.754   1.665   19.609  0.50 32.81 ? 150  PHE A O   1 
ATOM   1248 O  O   B PHE A 1 150 ? 1.127   2.825   18.906  0.50 28.70 ? 150  PHE A O   1 
ATOM   1249 C  CB  A PHE A 1 150 ? -0.404  1.357   17.234  0.50 28.60 ? 150  PHE A CB  1 
ATOM   1250 C  CB  B PHE A 1 150 ? -0.637  1.102   17.042  0.50 29.36 ? 150  PHE A CB  1 
ATOM   1251 C  CG  A PHE A 1 150 ? -1.013  1.539   15.882  0.50 27.73 ? 150  PHE A CG  1 
ATOM   1252 C  CG  B PHE A 1 150 ? -1.022  -0.272  16.524  0.50 30.12 ? 150  PHE A CG  1 
ATOM   1253 C  CD1 A PHE A 1 150 ? -0.742  0.641   14.857  0.50 27.23 ? 150  PHE A CD1 1 
ATOM   1254 C  CD1 B PHE A 1 150 ? -1.868  -1.072  17.281  0.50 29.53 ? 150  PHE A CD1 1 
ATOM   1255 C  CD2 A PHE A 1 150 ? -1.791  2.654   15.609  0.50 26.71 ? 150  PHE A CD2 1 
ATOM   1256 C  CD2 B PHE A 1 150 ? -0.634  -0.728  15.266  0.50 30.35 ? 150  PHE A CD2 1 
ATOM   1257 C  CE1 A PHE A 1 150 ? -1.233  0.860   13.572  0.50 26.64 ? 150  PHE A CE1 1 
ATOM   1258 C  CE1 B PHE A 1 150 ? -2.350  -2.297  16.804  0.50 29.92 ? 150  PHE A CE1 1 
ATOM   1259 C  CE2 A PHE A 1 150 ? -2.281  2.880   14.342  0.50 24.00 ? 150  PHE A CE2 1 
ATOM   1260 C  CE2 B PHE A 1 150 ? -1.112  -1.962  14.770  0.50 31.19 ? 150  PHE A CE2 1 
ATOM   1261 C  CZ  A PHE A 1 150 ? -2.004  1.991   13.320  0.50 27.09 ? 150  PHE A CZ  1 
ATOM   1262 C  CZ  B PHE A 1 150 ? -1.969  -2.750  15.544  0.50 30.04 ? 150  PHE A CZ  1 
ATOM   1263 O  OXT A PHE A 1 150 ? 2.804   1.984   18.877  0.50 32.68 ? 150  PHE A OXT 1 
ATOM   1264 O  OXT B PHE A 1 150 ? 1.878   0.762   19.113  0.50 29.50 ? 150  PHE A OXT 1 
HETATM 1265 MG MG  . MG  B 2 .   ? 6.008   4.607   3.431   0.50 44.94 ? 1001 MG  A MG  1 
HETATM 1266 N  N   . GLN C 3 .   ? -15.950 -12.912 -1.728  1.00 9.67  ? 1002 GLN A N   1 
HETATM 1267 C  CA  . GLN C 3 .   ? -16.271 -14.374 -1.743  1.00 9.23  ? 1002 GLN A CA  1 
HETATM 1268 C  C   . GLN C 3 .   ? -16.666 -14.838 -0.342  1.00 11.14 ? 1002 GLN A C   1 
HETATM 1269 O  O   . GLN C 3 .   ? -17.077 -16.008 -0.194  1.00 10.77 ? 1002 GLN A O   1 
HETATM 1270 C  CB  . GLN C 3 .   ? -15.071 -15.185 -2.263  1.00 11.89 ? 1002 GLN A CB  1 
HETATM 1271 C  CG  . GLN C 3 .   ? -15.404 -16.671 -2.458  1.00 11.87 ? 1002 GLN A CG  1 
HETATM 1272 C  CD  . GLN C 3 .   ? -14.380 -17.469 -3.265  1.00 12.37 ? 1002 GLN A CD  1 
HETATM 1273 O  OE1 . GLN C 3 .   ? -14.371 -18.702 -3.207  1.00 15.87 ? 1002 GLN A OE1 1 
HETATM 1274 N  NE2 . GLN C 3 .   ? -13.541 -16.788 -4.027  1.00 10.63 ? 1002 GLN A NE2 1 
HETATM 1275 O  OXT . GLN C 3 .   ? -16.574 -14.015 0.594   1.00 10.42 ? 1002 GLN A OXT 1 
HETATM 1276 O  O   . HOH D 4 .   ? -11.366 11.897  -5.431  1.00 13.52 ? 1003 HOH A O   1 
HETATM 1277 O  O   . HOH D 4 .   ? -20.597 -8.515  -16.861 1.00 13.52 ? 1004 HOH A O   1 
HETATM 1278 O  O   . HOH D 4 .   ? -23.039 -9.929  -16.744 1.00 14.32 ? 1005 HOH A O   1 
HETATM 1279 O  O   . HOH D 4 .   ? 23.241  14.088  17.233  1.00 16.97 ? 1006 HOH A O   1 
HETATM 1280 O  O   . HOH D 4 .   ? -13.977 -0.563  -12.855 1.00 14.50 ? 1007 HOH A O   1 
HETATM 1281 O  O   . HOH D 4 .   ? -15.978 13.609  -10.996 1.00 19.50 ? 1008 HOH A O   1 
HETATM 1282 O  O   . HOH D 4 .   ? -22.434 -13.357 -15.955 1.00 17.43 ? 1009 HOH A O   1 
HETATM 1283 O  O   . HOH D 4 .   ? 0.239   -0.634  -11.350 1.00 23.00 ? 1010 HOH A O   1 
HETATM 1284 O  O   . HOH D 4 .   ? 5.695   7.930   -1.727  1.00 20.50 ? 1011 HOH A O   1 
HETATM 1285 O  O   . HOH D 4 .   ? 17.525  11.329  20.074  1.00 22.04 ? 1012 HOH A O   1 
HETATM 1286 O  O   . HOH D 4 .   ? -2.337  10.148  7.225   1.00 22.72 ? 1013 HOH A O   1 
HETATM 1287 O  O   . HOH D 4 .   ? -7.222  4.968   -3.287  1.00 24.89 ? 1014 HOH A O   1 
HETATM 1288 O  O   . HOH D 4 .   ? -4.880  -5.286  -16.732 1.00 22.49 ? 1015 HOH A O   1 
HETATM 1289 O  O   . HOH D 4 .   ? 10.634  3.677   19.599  1.00 24.63 ? 1016 HOH A O   1 
HETATM 1290 O  O   . HOH D 4 .   ? 18.794  13.773  19.746  1.00 22.61 ? 1017 HOH A O   1 
HETATM 1291 O  O   . HOH D 4 .   ? 24.320  9.126   20.294  1.00 23.59 ? 1018 HOH A O   1 
HETATM 1292 O  O   . HOH D 4 .   ? -12.563 -1.002  -23.009 1.00 20.24 ? 1019 HOH A O   1 
HETATM 1293 O  O   . HOH D 4 .   ? -4.998  6.830   -2.099  1.00 24.54 ? 1020 HOH A O   1 
HETATM 1294 O  O   . HOH D 4 .   ? -11.631 15.471  -12.516 1.00 24.00 ? 1021 HOH A O   1 
HETATM 1295 O  O   . HOH D 4 .   ? -6.087  17.080  -10.481 1.00 26.72 ? 1022 HOH A O   1 
HETATM 1296 O  O   . HOH D 4 .   ? -2.170  4.022   -19.152 1.00 24.99 ? 1023 HOH A O   1 
HETATM 1297 O  O   . HOH D 4 .   ? 18.102  -6.966  14.786  1.00 23.52 ? 1024 HOH A O   1 
HETATM 1298 O  O   . HOH D 4 .   ? -21.633 -11.305 -18.872 1.00 23.24 ? 1025 HOH A O   1 
HETATM 1299 O  O   . HOH D 4 .   ? 24.819  9.460   13.124  1.00 27.48 ? 1026 HOH A O   1 
HETATM 1300 O  O   . HOH D 4 .   ? -1.208  6.282   12.695  1.00 26.90 ? 1027 HOH A O   1 
HETATM 1301 O  O   . HOH D 4 .   ? 2.047   -3.640  15.571  1.00 23.37 ? 1028 HOH A O   1 
HETATM 1302 O  O   . HOH D 4 .   ? -5.131  12.953  -2.828  1.00 24.87 ? 1029 HOH A O   1 
HETATM 1303 O  O   . HOH D 4 .   ? -15.174 -7.981  -19.457 1.00 26.62 ? 1030 HOH A O   1 
HETATM 1304 O  O   . HOH D 4 .   ? -1.576  4.446   10.812  1.00 20.50 ? 1031 HOH A O   1 
HETATM 1305 O  O   . HOH D 4 .   ? -1.713  -10.590 -15.101 1.00 28.97 ? 1032 HOH A O   1 
HETATM 1306 O  O   . HOH D 4 .   ? -16.059 0.232   -3.434  1.00 26.25 ? 1033 HOH A O   1 
HETATM 1307 O  O   . HOH D 4 .   ? -19.603 15.796  -17.456 1.00 28.34 ? 1034 HOH A O   1 
HETATM 1308 O  O   . HOH D 4 .   ? 2.370   4.129   16.417  1.00 37.58 ? 1035 HOH A O   1 
HETATM 1309 O  O   . HOH D 4 .   ? -13.221 -23.022 -13.937 1.00 27.97 ? 1036 HOH A O   1 
HETATM 1310 O  O   . HOH D 4 .   ? -20.012 -7.797  2.303   1.00 24.73 ? 1037 HOH A O   1 
HETATM 1311 O  O   . HOH D 4 .   ? -24.922 -7.743  -8.611  1.00 26.51 ? 1038 HOH A O   1 
HETATM 1312 O  O   . HOH D 4 .   ? 27.898  -2.411  13.436  1.00 27.72 ? 1039 HOH A O   1 
HETATM 1313 O  O   . HOH D 4 .   ? -19.020 -9.608  -18.773 1.00 26.28 ? 1040 HOH A O   1 
HETATM 1314 O  O   . HOH D 4 .   ? -1.415  5.099   -7.297  1.00 25.04 ? 1041 HOH A O   1 
HETATM 1315 O  O   . HOH D 4 .   ? -0.452  8.587   11.159  1.00 28.66 ? 1042 HOH A O   1 
HETATM 1316 O  O   . HOH D 4 .   ? 1.009   -2.200  17.312  1.00 34.14 ? 1043 HOH A O   1 
HETATM 1317 O  O   . HOH D 4 .   ? 29.164  2.123   19.264  1.00 29.68 ? 1044 HOH A O   1 
HETATM 1318 O  O   . HOH D 4 .   ? 3.709   8.754   9.517   1.00 26.93 ? 1045 HOH A O   1 
HETATM 1319 O  O   . HOH D 4 .   ? -7.443  14.431  8.633   1.00 29.44 ? 1046 HOH A O   1 
HETATM 1320 O  O   . HOH D 4 .   ? -3.261  -12.872 -14.739 1.00 27.02 ? 1047 HOH A O   1 
HETATM 1321 O  O   . HOH D 4 .   ? -2.419  -9.542  -17.567 1.00 32.03 ? 1048 HOH A O   1 
HETATM 1322 O  O   . HOH D 4 .   ? -18.911 -4.553  -6.883  1.00 24.99 ? 1049 HOH A O   1 
HETATM 1323 O  O   . HOH D 4 .   ? -13.398 -16.657 -14.452 1.00 29.69 ? 1050 HOH A O   1 
HETATM 1324 O  O   . HOH D 4 .   ? -19.481 1.237   0.010   1.00 28.57 ? 1051 HOH A O   1 
HETATM 1325 O  O   . HOH D 4 .   ? -16.321 -11.962 -19.587 1.00 30.80 ? 1052 HOH A O   1 
HETATM 1326 O  O   . HOH D 4 .   ? 16.384  -9.156  14.706  1.00 31.81 ? 1053 HOH A O   1 
HETATM 1327 O  O   . HOH D 4 .   ? 0.762   -9.212  -9.198  1.00 33.44 ? 1054 HOH A O   1 
HETATM 1328 O  O   . HOH D 4 .   ? -9.896  15.744  -10.438 1.00 30.72 ? 1055 HOH A O   1 
HETATM 1329 O  O   . HOH D 4 .   ? -1.539  -14.483 -13.299 1.00 29.85 ? 1056 HOH A O   1 
HETATM 1330 O  O   . HOH D 4 .   ? 0.376   -8.286  -11.797 1.00 26.03 ? 1057 HOH A O   1 
HETATM 1331 O  O   . HOH D 4 .   ? -10.868 -18.588 -13.729 1.00 34.97 ? 1058 HOH A O   1 
HETATM 1332 O  O   . HOH D 4 .   ? 13.971  0.618   -0.849  1.00 33.28 ? 1059 HOH A O   1 
HETATM 1333 O  O   . HOH D 4 .   ? 26.580  -10.344 9.132   1.00 38.11 ? 1060 HOH A O   1 
HETATM 1334 O  O   . HOH D 4 .   ? -9.278  -2.193  -22.318 1.00 34.63 ? 1061 HOH A O   1 
HETATM 1335 O  O   . HOH D 4 .   ? 9.412   -2.503  22.341  1.00 34.88 ? 1062 HOH A O   1 
HETATM 1336 O  O   . HOH D 4 .   ? 15.136  -9.989  12.265  1.00 34.98 ? 1063 HOH A O   1 
HETATM 1337 O  O   . HOH D 4 .   ? -3.944  18.456  -5.520  1.00 35.14 ? 1064 HOH A O   1 
HETATM 1338 O  O   . HOH D 4 .   ? 21.292  -4.809  21.942  1.00 31.71 ? 1065 HOH A O   1 
HETATM 1339 O  O   . HOH D 4 .   ? -16.366 -9.681  -18.160 1.00 35.13 ? 1066 HOH A O   1 
HETATM 1340 O  O   . HOH D 4 .   ? -0.027  8.003   1.422   1.00 45.18 ? 1067 HOH A O   1 
HETATM 1341 O  O   . HOH D 4 .   ? -24.870 -11.875 0.267   1.00 34.42 ? 1068 HOH A O   1 
HETATM 1342 O  O   . HOH D 4 .   ? -5.887  11.345  10.716  1.00 27.94 ? 1069 HOH A O   1 
HETATM 1343 O  O   . HOH D 4 .   ? -23.355 -6.022  -3.776  1.00 37.47 ? 1070 HOH A O   1 
HETATM 1344 O  O   . HOH D 4 .   ? 14.754  11.365  19.816  1.00 35.72 ? 1071 HOH A O   1 
HETATM 1345 O  O   . HOH D 4 .   ? 2.074   8.674   7.176   1.00 35.35 ? 1072 HOH A O   1 
HETATM 1346 O  O   . HOH D 4 .   ? -3.751  9.269   -1.921  1.00 38.91 ? 1073 HOH A O   1 
HETATM 1347 O  O   . HOH D 4 .   ? -18.643 -0.153  -3.876  1.00 30.48 ? 1074 HOH A O   1 
HETATM 1348 O  O   . HOH D 4 .   ? 24.036  -7.295  10.772  1.00 31.99 ? 1075 HOH A O   1 
HETATM 1349 O  O   . HOH D 4 .   ? 28.319  -3.512  19.676  1.00 35.24 ? 1076 HOH A O   1 
HETATM 1350 O  O   . HOH D 4 .   ? -16.958 -3.114  -0.811  1.00 36.68 ? 1077 HOH A O   1 
HETATM 1351 O  O   . HOH D 4 .   ? -7.153  14.635  -17.815 1.00 36.96 ? 1078 HOH A O   1 
HETATM 1352 O  O   . HOH D 4 .   ? 1.903   -4.722  -16.405 1.00 53.50 ? 1079 HOH A O   1 
HETATM 1353 O  O   . HOH D 4 .   ? -4.006  8.950   13.962  1.00 29.23 ? 1080 HOH A O   1 
HETATM 1354 O  O   . HOH D 4 .   ? 28.232  -5.244  7.587   1.00 36.86 ? 1081 HOH A O   1 
HETATM 1355 O  O   . HOH D 4 .   ? 5.034   6.027   14.753  1.00 42.97 ? 1082 HOH A O   1 
HETATM 1356 O  O   . HOH D 4 .   ? 1.684   -0.657  -13.540 1.00 40.13 ? 1083 HOH A O   1 
HETATM 1357 O  O   . HOH D 4 .   ? 17.557  -9.408  17.953  1.00 34.50 ? 1084 HOH A O   1 
HETATM 1358 O  O   . HOH D 4 .   ? -1.760  10.290  -12.450 1.00 39.68 ? 1085 HOH A O   1 
HETATM 1359 O  O   . HOH D 4 .   ? 18.575  13.429  11.707  1.00 39.34 ? 1086 HOH A O   1 
HETATM 1360 O  O   . HOH D 4 .   ? 27.729  2.374   13.298  1.00 37.07 ? 1087 HOH A O   1 
HETATM 1361 O  O   . HOH D 4 .   ? -19.301 -2.118  -2.718  1.00 32.89 ? 1088 HOH A O   1 
HETATM 1362 O  O   . HOH D 4 .   ? 23.552  8.375   10.571  1.00 37.41 ? 1089 HOH A O   1 
HETATM 1363 O  O   . HOH D 4 .   ? -14.369 -15.263 -17.204 1.00 34.87 ? 1090 HOH A O   1 
HETATM 1364 O  O   . HOH D 4 .   ? -7.381  19.967  -5.596  1.00 48.21 ? 1091 HOH A O   1 
HETATM 1365 O  O   . HOH D 4 .   ? 12.792  10.725  14.071  1.00 44.77 ? 1092 HOH A O   1 
HETATM 1366 O  O   . HOH D 4 .   ? 20.492  7.034   25.881  1.00 31.17 ? 1093 HOH A O   1 
HETATM 1367 O  O   . HOH D 4 .   ? 11.798  5.277   21.448  1.00 32.03 ? 1094 HOH A O   1 
HETATM 1368 O  O   . HOH D 4 .   ? -11.315 9.830   -20.700 1.00 36.37 ? 1095 HOH A O   1 
HETATM 1369 O  O   . HOH D 4 .   ? 24.606  -11.752 11.760  1.00 39.69 ? 1096 HOH A O   1 
HETATM 1370 O  O   . HOH D 4 .   ? 0.316   6.111   -16.398 1.00 39.16 ? 1097 HOH A O   1 
HETATM 1371 O  O   . HOH D 4 .   ? -14.491 15.738  -12.181 1.00 24.24 ? 1098 HOH A O   1 
HETATM 1372 O  O   . HOH D 4 .   ? 16.815  11.572  22.899  1.00 24.06 ? 1099 HOH A O   1 
HETATM 1373 O  O   . HOH D 4 .   ? -1.237  1.844   10.661  1.00 80.94 ? 1100 HOH A O   1 
HETATM 1374 O  O   . HOH D 4 .   ? -21.737 -3.856  -8.058  1.00 24.43 ? 1101 HOH A O   1 
HETATM 1375 O  O   . HOH D 4 .   ? -16.516 -8.316  0.110   1.00 26.07 ? 1102 HOH A O   1 
HETATM 1376 O  O   . HOH D 4 .   ? 26.785  -3.589  11.348  1.00 27.12 ? 1103 HOH A O   1 
HETATM 1377 O  O   . HOH D 4 .   ? 0.147   -1.284  19.583  1.00 47.22 ? 1104 HOH A O   1 
HETATM 1378 O  O   . HOH D 4 .   ? -5.726  10.404  15.401  1.00 35.95 ? 1105 HOH A O   1 
HETATM 1379 O  O   . HOH D 4 .   ? 24.043  7.936   22.659  1.00 32.86 ? 1106 HOH A O   1 
HETATM 1380 O  O   . HOH D 4 .   ? 0.180   4.673   -18.502 1.00 35.47 ? 1107 HOH A O   1 
HETATM 1381 O  O   . HOH D 4 .   ? 2.253   9.287   11.700  1.00 34.79 ? 1108 HOH A O   1 
HETATM 1382 O  O   . HOH D 4 .   ? -23.427 -9.422  -10.472 1.00 32.20 ? 1109 HOH A O   1 
HETATM 1383 O  O   . HOH D 4 .   ? 13.266  4.275   23.413  1.00 36.13 ? 1110 HOH A O   1 
HETATM 1384 O  O   . HOH D 4 .   ? -20.996 -14.889 -17.667 1.00 34.68 ? 1111 HOH A O   1 
HETATM 1385 O  O   . HOH D 4 .   ? 26.099  7.428   18.805  1.00 35.72 ? 1112 HOH A O   1 
HETATM 1386 O  O   . HOH D 4 .   ? 2.472   5.991   1.594   1.00 49.30 ? 1113 HOH A O   1 
HETATM 1387 O  O   . HOH D 4 .   ? 2.222   7.868   -0.786  1.00 41.16 ? 1114 HOH A O   1 
HETATM 1388 O  O   . HOH D 4 .   ? -4.944  -19.338 -13.437 1.00 39.61 ? 1115 HOH A O   1 
HETATM 1389 O  O   . HOH D 4 .   ? 4.131   -4.875  16.944  1.00 32.66 ? 1116 HOH A O   1 
HETATM 1390 O  O   . HOH D 4 .   ? -3.606  -20.689 -6.426  1.00 47.23 ? 1117 HOH A O   1 
HETATM 1391 O  O   . HOH D 4 .   ? 0.692   -15.198 -9.064  1.00 36.97 ? 1118 HOH A O   1 
HETATM 1392 O  O   . HOH D 4 .   ? -15.715 -23.745 -13.244 1.00 37.42 ? 1119 HOH A O   1 
HETATM 1393 O  O   . HOH D 4 .   ? -0.264  6.483   15.212  1.00 34.52 ? 1120 HOH A O   1 
HETATM 1394 O  O   . HOH D 4 .   ? -2.167  10.421  12.316  1.00 41.58 ? 1121 HOH A O   1 
HETATM 1395 O  O   . HOH D 4 .   ? -8.615  18.155  -10.555 1.00 44.75 ? 1122 HOH A O   1 
HETATM 1396 O  O   . HOH D 4 .   ? 8.873   5.683   18.859  1.00 35.00 ? 1123 HOH A O   1 
HETATM 1397 O  O   . HOH D 4 .   ? -0.909  -2.276  -17.552 1.00 35.71 ? 1124 HOH A O   1 
HETATM 1398 O  O   . HOH D 4 .   ? -6.142  15.810  -3.510  1.00 40.31 ? 1125 HOH A O   1 
HETATM 1399 O  O   . HOH D 4 .   ? 10.328  -9.617  3.486   1.00 45.23 ? 1126 HOH A O   1 
HETATM 1400 O  O   . HOH D 4 .   ? 22.200  -1.039  6.667   1.00 40.42 ? 1127 HOH A O   1 
HETATM 1401 O  O   . HOH D 4 .   ? 15.065  -6.762  3.031   1.00 44.61 ? 1128 HOH A O   1 
HETATM 1402 O  O   . HOH D 4 .   ? 3.296   20.935  -3.675  1.00 41.33 ? 1129 HOH A O   1 
HETATM 1403 O  O   . HOH D 4 .   ? 23.656  13.272  14.268  1.00 41.16 ? 1130 HOH A O   1 
HETATM 1404 O  O   . HOH D 4 .   ? -2.512  11.273  1.576   1.00 42.23 ? 1131 HOH A O   1 
HETATM 1405 O  O   . HOH D 4 .   ? -8.833  -16.970 -14.984 1.00 35.91 ? 1132 HOH A O   1 
HETATM 1406 O  O   . HOH D 4 .   ? 17.005  4.381   31.630  1.00 39.93 ? 1133 HOH A O   1 
HETATM 1407 O  O   . HOH D 4 .   ? 26.389  10.877  19.931  1.00 35.39 ? 1134 HOH A O   1 
HETATM 1408 O  O   . HOH D 4 .   ? 29.103  -0.111  12.499  1.00 38.93 ? 1135 HOH A O   1 
HETATM 1409 O  O   . HOH D 4 .   ? -16.392 -21.029 -14.857 1.00 39.78 ? 1136 HOH A O   1 
HETATM 1410 O  O   . HOH D 4 .   ? 15.029  -11.460 2.614   1.00 47.54 ? 1137 HOH A O   1 
HETATM 1411 O  O   . HOH D 4 .   ? 9.164   2.537   21.620  1.00 40.49 ? 1138 HOH A O   1 
HETATM 1412 O  O   . HOH D 4 .   ? -19.993 -10.199 -21.110 1.00 49.65 ? 1139 HOH A O   1 
HETATM 1413 O  O   . HOH D 4 .   ? 12.873  -8.545  24.230  1.00 42.34 ? 1140 HOH A O   1 
HETATM 1414 O  O   . HOH D 4 .   ? 8.159   -0.511  20.536  1.00 43.03 ? 1141 HOH A O   1 
HETATM 1415 O  O   . HOH D 4 .   ? -11.727 16.851  -14.814 1.00 40.01 ? 1142 HOH A O   1 
HETATM 1416 O  O   . HOH D 4 .   ? -11.354 17.024  -0.517  1.00 45.12 ? 1143 HOH A O   1 
HETATM 1417 O  O   . HOH D 4 .   ? -9.383  16.153  -18.162 1.00 49.97 ? 1144 HOH A O   1 
HETATM 1418 O  O   . HOH D 4 .   ? -0.297  17.561  -13.266 1.00 44.80 ? 1145 HOH A O   1 
HETATM 1419 O  O   . HOH D 4 .   ? -20.498 4.652   -5.736  1.00 43.33 ? 1146 HOH A O   1 
HETATM 1420 O  O   . HOH D 4 .   ? -18.438 6.871   -6.185  1.00 23.07 ? 1147 HOH A O   1 
HETATM 1421 O  O   . HOH D 4 .   ? -1.688  9.708   -0.308  1.00 36.88 ? 1148 HOH A O   1 
HETATM 1422 O  O   . HOH D 4 .   ? -20.680 0.058   -1.963  1.00 37.59 ? 1149 HOH A O   1 
HETATM 1423 O  O   . HOH D 4 .   ? -5.993  17.716  -1.679  1.00 35.77 ? 1150 HOH A O   1 
HETATM 1424 O  O   . HOH D 4 .   ? 7.981   -10.544 2.227   1.00 41.66 ? 1151 HOH A O   1 
HETATM 1425 O  O   . HOH D 4 .   ? -7.846  -18.928 -16.371 1.00 40.66 ? 1152 HOH A O   1 
HETATM 1426 O  O   . HOH D 4 .   ? -25.154 -8.681  2.082   1.00 41.49 ? 1153 HOH A O   1 
HETATM 1427 O  O   . HOH D 4 .   ? 3.168   -3.474  19.032  1.00 45.14 ? 1154 HOH A O   1 
HETATM 1428 O  O   . HOH D 4 .   ? 16.770  12.131  -0.352  1.00 44.76 ? 1155 HOH A O   1 
HETATM 1429 O  O   . HOH D 4 .   ? 0.082   11.910  -11.115 1.00 50.47 ? 1156 HOH A O   1 
HETATM 1430 O  O   . HOH D 4 .   ? 19.214  6.929   28.283  1.00 41.65 ? 1157 HOH A O   1 
HETATM 1431 O  O   . HOH D 4 .   ? -2.928  11.560  9.889   1.00 43.46 ? 1158 HOH A O   1 
HETATM 1432 O  O   . HOH D 4 .   ? 29.972  2.435   14.691  1.00 45.20 ? 1159 HOH A O   1 
HETATM 1433 O  O   . HOH D 4 .   ? 20.316  12.528  9.150   1.00 46.67 ? 1160 HOH A O   1 
HETATM 1434 O  O   . HOH D 4 .   ? 0.911   -0.048  -18.419 1.00 46.59 ? 1161 HOH A O   1 
HETATM 1435 O  O   . HOH D 4 .   ? 31.313  7.249   15.122  1.00 47.69 ? 1162 HOH A O   1 
HETATM 1436 O  O   . HOH D 4 .   ? -3.564  -12.588 -7.740  1.00 35.68 ? 1163 HOH A O   1 
HETATM 1437 O  O   . HOH D 4 .   ? 9.779   8.354   18.904  1.00 52.91 ? 1164 HOH A O   1 
HETATM 1438 O  O   . HOH D 4 .   ? -9.970  15.013  9.663   1.00 41.07 ? 1165 HOH A O   1 
HETATM 1439 O  O   . HOH D 4 .   ? 2.512   -12.841 -9.623  1.00 46.66 ? 1166 HOH A O   1 
HETATM 1440 O  O   . HOH D 4 .   ? 0.540   -17.656 -10.837 1.00 45.47 ? 1167 HOH A O   1 
HETATM 1441 O  O   . HOH D 4 .   ? -9.671  18.595  -15.697 1.00 51.00 ? 1168 HOH A O   1 
HETATM 1442 O  O   . HOH D 4 .   ? -24.857 -4.791  -8.010  1.00 41.88 ? 1169 HOH A O   1 
HETATM 1443 O  O   . HOH D 4 .   ? 19.002  6.601   9.362   1.00 46.24 ? 1170 HOH A O   1 
HETATM 1444 O  O   . HOH D 4 .   ? 0.701   9.733   -15.281 1.00 38.47 ? 1171 HOH A O   1 
HETATM 1445 O  O   . HOH D 4 .   ? -27.463 -11.335 0.708   1.00 49.45 ? 1172 HOH A O   1 
HETATM 1446 O  O   . HOH D 4 .   ? -0.608  9.970   -18.703 1.00 46.38 ? 1173 HOH A O   1 
HETATM 1447 O  O   . HOH D 4 .   ? 12.795  -6.143  -0.293  1.00 49.80 ? 1174 HOH A O   1 
HETATM 1448 O  O   . HOH D 4 .   ? 8.375   -5.175  22.635  1.00 47.94 ? 1175 HOH A O   1 
HETATM 1449 O  O   . HOH D 4 .   ? 20.379  0.904   5.560   1.00 49.01 ? 1176 HOH A O   1 
HETATM 1450 O  O   . HOH D 4 .   ? -19.467 14.398  -19.858 1.00 25.81 ? 1177 HOH A O   1 
HETATM 1451 O  O   . HOH D 4 .   ? 20.341  -0.647  3.380   1.00 46.99 ? 1178 HOH A O   1 
HETATM 1452 O  O   . HOH D 4 .   ? 7.051   6.702   17.241  1.00 63.71 ? 1179 HOH A O   1 
HETATM 1453 O  O   . HOH D 4 .   ? 7.202   6.211   21.532  1.00 45.45 ? 1180 HOH A O   1 
HETATM 1454 O  O   . HOH D 4 .   ? -9.119  17.013  0.836   1.00 44.69 ? 1181 HOH A O   1 
HETATM 1455 O  O   . HOH D 4 .   ? 22.345  15.610  14.156  1.00 58.50 ? 1182 HOH A O   1 
HETATM 1456 O  O   . HOH D 4 .   ? -0.976  -19.885 -9.337  1.00 47.27 ? 1183 HOH A O   1 
HETATM 1457 O  O   . HOH D 4 .   ? 13.119  -11.656 11.852  1.00 41.25 ? 1184 HOH A O   1 
HETATM 1458 O  O   . HOH D 4 .   ? 25.676  11.914  13.129  1.00 55.62 ? 1185 HOH A O   1 
HETATM 1459 O  O   . HOH D 4 .   ? 4.708   6.685   0.419   1.00 57.96 ? 1186 HOH A O   1 
HETATM 1460 O  O   . HOH D 4 .   ? -0.962  9.768   3.088   1.00 61.78 ? 1187 HOH A O   1 
HETATM 1461 O  O   . HOH D 4 .   ? -7.960  15.435  6.052   1.00 54.42 ? 1188 HOH A O   1 
HETATM 1462 O  O   . HOH D 4 .   ? -4.571  19.623  -7.784  1.00 50.84 ? 1189 HOH A O   1 
HETATM 1463 O  O   . HOH D 4 .   ? 23.406  -0.475  9.448   1.00 55.31 ? 1190 HOH A O   1 
HETATM 1464 O  O   . HOH D 4 .   ? -25.122 -6.069  -1.753  1.00 62.95 ? 1191 HOH A O   1 
HETATM 1465 O  O   . HOH D 4 .   ? 21.702  -4.223  4.355   1.00 48.00 ? 1192 HOH A O   1 
HETATM 1466 O  O   . HOH D 4 .   ? 16.193  13.789  10.400  1.00 48.74 ? 1193 HOH A O   1 
HETATM 1467 O  O   . HOH D 4 .   ? 6.995   1.238   22.266  1.00 47.45 ? 1194 HOH A O   1 
HETATM 1468 O  O   . HOH D 4 .   ? -7.336  19.256  -8.416  1.00 58.77 ? 1195 HOH A O   1 
HETATM 1469 O  O   . HOH D 4 .   ? 16.748  5.472   28.621  1.00 52.05 ? 1196 HOH A O   1 
HETATM 1470 O  O   . HOH D 4 .   ? 1.173   19.840  -13.533 1.00 54.29 ? 1197 HOH A O   1 
# 
loop_
_pdbx_poly_seq_scheme.asym_id 
_pdbx_poly_seq_scheme.entity_id 
_pdbx_poly_seq_scheme.seq_id 
_pdbx_poly_seq_scheme.mon_id 
_pdbx_poly_seq_scheme.ndb_seq_num 
_pdbx_poly_seq_scheme.pdb_seq_num 
_pdbx_poly_seq_scheme.auth_seq_num 
_pdbx_poly_seq_scheme.pdb_mon_id 
_pdbx_poly_seq_scheme.auth_mon_id 
_pdbx_poly_seq_scheme.pdb_strand_id 
_pdbx_poly_seq_scheme.pdb_ins_code 
_pdbx_poly_seq_scheme.hetero 
A 1 1   MET 1   1   1   MET MET A . n 
A 1 2   ASP 2   2   2   ASP ASP A . n 
A 1 3   GLU 3   3   3   GLU GLU A . n 
A 1 4   ILE 4   4   4   ILE ILE A . n 
A 1 5   ASP 5   5   5   ASP ASP A . n 
A 1 6   LEU 6   6   6   LEU LEU A . n 
A 1 7   ARG 7   7   7   ARG ARG A . n 
A 1 8   ILE 8   8   8   ILE ILE A . n 
A 1 9   LEU 9   9   9   LEU LEU A . n 
A 1 10  LYS 10  10  10  LYS LYS A . n 
A 1 11  ILE 11  11  11  ILE ILE A . n 
A 1 12  LEU 12  12  12  LEU LEU A . n 
A 1 13  GLN 13  13  13  GLN GLN A . n 
A 1 14  TYR 14  14  14  TYR TYR A . n 
A 1 15  ASN 15  15  15  ASN ASN A . n 
A 1 16  ALA 16  16  16  ALA ALA A . n 
A 1 17  LYS 17  17  17  LYS LYS A . n 
A 1 18  TYR 18  18  18  TYR TYR A . n 
A 1 19  SER 19  19  19  SER SER A . n 
A 1 20  LEU 20  20  20  LEU LEU A . n 
A 1 21  ASP 21  21  21  ASP ASP A . n 
A 1 22  GLU 22  22  22  GLU GLU A . n 
A 1 23  ILE 23  23  23  ILE ILE A . n 
A 1 24  ALA 24  24  24  ALA ALA A . n 
A 1 25  ARG 25  25  25  ARG ARG A . n 
A 1 26  GLU 26  26  26  GLU GLU A . n 
A 1 27  ILE 27  27  27  ILE ILE A . n 
A 1 28  ARG 28  28  28  ARG ARG A . n 
A 1 29  ILE 29  29  29  ILE ILE A . n 
A 1 30  PRO 30  30  30  PRO PRO A . n 
A 1 31  LYS 31  31  31  LYS LYS A . n 
A 1 32  ALA 32  32  32  ALA ALA A . n 
A 1 33  THR 33  33  33  THR THR A . n 
A 1 34  LEU 34  34  34  LEU LEU A . n 
A 1 35  SER 35  35  35  SER SER A . n 
A 1 36  TYR 36  36  36  TYR TYR A . n 
A 1 37  ARG 37  37  37  ARG ARG A . n 
A 1 38  ILE 38  38  38  ILE ILE A . n 
A 1 39  LYS 39  39  39  LYS LYS A . n 
A 1 40  LYS 40  40  40  LYS LYS A . n 
A 1 41  LEU 41  41  41  LEU LEU A . n 
A 1 42  GLU 42  42  42  GLU GLU A . n 
A 1 43  LYS 43  43  43  LYS LYS A . n 
A 1 44  ASP 44  44  44  ASP ASP A . n 
A 1 45  GLY 45  45  45  GLY GLY A . n 
A 1 46  VAL 46  46  46  VAL VAL A . n 
A 1 47  ILE 47  47  47  ILE ILE A . n 
A 1 48  LYS 48  48  48  LYS LYS A . n 
A 1 49  GLY 49  49  49  GLY GLY A . n 
A 1 50  TYR 50  50  50  TYR TYR A . n 
A 1 51  TYR 51  51  51  TYR TYR A . n 
A 1 52  ALA 52  52  52  ALA ALA A . n 
A 1 53  TYR 53  53  53  TYR TYR A . n 
A 1 54  ILE 54  54  54  ILE ILE A . n 
A 1 55  ASN 55  55  55  ASN ASN A . n 
A 1 56  PRO 56  56  56  PRO PRO A . n 
A 1 57  ALA 57  57  57  ALA ALA A . n 
A 1 58  SER 58  58  58  SER SER A . n 
A 1 59  LEU 59  59  59  LEU LEU A . n 
A 1 60  ASN 60  60  60  ASN ASN A . n 
A 1 61  LEU 61  61  61  LEU LEU A . n 
A 1 62  ASP 62  62  62  ASP ASP A . n 
A 1 63  TYR 63  63  63  TYR TYR A . n 
A 1 64  ILE 64  64  64  ILE ILE A . n 
A 1 65  VAL 65  65  65  VAL VAL A . n 
A 1 66  ILE 66  66  66  ILE ILE A . n 
A 1 67  THR 67  67  67  THR THR A . n 
A 1 68  SER 68  68  68  SER SER A . n 
A 1 69  VAL 69  69  69  VAL VAL A . n 
A 1 70  LYS 70  70  70  LYS LYS A . n 
A 1 71  ALA 71  71  71  ALA ALA A . n 
A 1 72  LYS 72  72  72  LYS LYS A . n 
A 1 73  TYR 73  73  73  TYR TYR A . n 
A 1 74  GLY 74  74  74  GLY GLY A . n 
A 1 75  LYS 75  75  75  LYS LYS A . n 
A 1 76  ASN 76  76  76  ASN ASN A . n 
A 1 77  TYR 77  77  77  TYR TYR A . n 
A 1 78  HIS 78  78  78  HIS HIS A . n 
A 1 79  VAL 79  79  79  VAL VAL A . n 
A 1 80  GLU 80  80  80  GLU GLU A . n 
A 1 81  LEU 81  81  81  LEU LEU A . n 
A 1 82  GLY 82  82  82  GLY GLY A . n 
A 1 83  ASN 83  83  83  ASN ASN A . n 
A 1 84  LYS 84  84  84  LYS LYS A . n 
A 1 85  LEU 85  85  85  LEU LEU A . n 
A 1 86  ALA 86  86  86  ALA ALA A . n 
A 1 87  GLN 87  87  87  GLN GLN A . n 
A 1 88  ILE 88  88  88  ILE ILE A . n 
A 1 89  PRO 89  89  89  PRO PRO A . n 
A 1 90  GLY 90  90  90  GLY GLY A . n 
A 1 91  VAL 91  91  91  VAL VAL A . n 
A 1 92  TRP 92  92  92  TRP TRP A . n 
A 1 93  GLY 93  93  93  GLY GLY A . n 
A 1 94  VAL 94  94  94  VAL VAL A . n 
A 1 95  TYR 95  95  95  TYR TYR A . n 
A 1 96  PHE 96  96  96  PHE PHE A . n 
A 1 97  VAL 97  97  97  VAL VAL A . n 
A 1 98  LEU 98  98  98  LEU LEU A . n 
A 1 99  GLY 99  99  99  GLY GLY A . n 
A 1 100 ASP 100 100 100 ASP ASP A . n 
A 1 101 ASN 101 101 101 ASN ASN A . n 
A 1 102 ASP 102 102 102 ASP ASP A . n 
A 1 103 PHE 103 103 103 PHE PHE A . n 
A 1 104 ILE 104 104 104 ILE ILE A . n 
A 1 105 VAL 105 105 105 VAL VAL A . n 
A 1 106 MET 106 106 106 MET MET A . n 
A 1 107 ALA 107 107 107 ALA ALA A . n 
A 1 108 ARG 108 108 108 ARG ARG A . n 
A 1 109 TYR 109 109 109 TYR TYR A . n 
A 1 110 LYS 110 110 110 LYS LYS A . n 
A 1 111 THR 111 111 111 THR THR A . n 
A 1 112 ARG 112 112 112 ARG ARG A . n 
A 1 113 GLU 113 113 113 GLU GLU A . n 
A 1 114 GLU 114 114 114 GLU GLU A . n 
A 1 115 PHE 115 115 115 PHE PHE A . n 
A 1 116 MET 116 116 116 MET MET A . n 
A 1 117 GLU 117 117 117 GLU GLU A . n 
A 1 118 LYS 118 118 118 LYS LYS A . n 
A 1 119 PHE 119 119 119 PHE PHE A . n 
A 1 120 LEU 120 120 120 LEU LEU A . n 
A 1 121 GLU 121 121 121 GLU GLU A . n 
A 1 122 ARG 122 122 122 ARG ARG A . n 
A 1 123 VAL 123 123 123 VAL VAL A . n 
A 1 124 MET 124 124 124 MET MET A . n 
A 1 125 SER 125 125 125 SER SER A . n 
A 1 126 ILE 126 126 126 ILE ILE A . n 
A 1 127 PRO 127 127 127 PRO PRO A . n 
A 1 128 GLU 128 128 128 GLU GLU A . n 
A 1 129 VAL 129 129 129 VAL VAL A . n 
A 1 130 GLU 130 130 130 GLU GLU A . n 
A 1 131 ARG 131 131 131 ARG ARG A . n 
A 1 132 THR 132 132 132 THR THR A . n 
A 1 133 SER 133 133 133 SER SER A . n 
A 1 134 THR 134 134 134 THR THR A . n 
A 1 135 GLN 135 135 135 GLN GLN A . n 
A 1 136 VAL 136 136 136 VAL VAL A . n 
A 1 137 VAL 137 137 137 VAL VAL A . n 
A 1 138 VAL 138 138 138 VAL VAL A . n 
A 1 139 LYS 139 139 139 LYS LYS A . n 
A 1 140 ILE 140 140 140 ILE ILE A . n 
A 1 141 ILE 141 141 141 ILE ILE A . n 
A 1 142 LYS 142 142 142 LYS LYS A . n 
A 1 143 GLU 143 143 143 GLU GLU A . n 
A 1 144 SER 144 144 144 SER SER A . n 
A 1 145 PRO 145 145 145 PRO PRO A . n 
A 1 146 ASN 146 146 146 ASN ASN A . n 
A 1 147 ILE 147 147 147 ILE ILE A . n 
A 1 148 VAL 148 148 148 VAL VAL A . n 
A 1 149 ILE 149 149 149 ILE ILE A . n 
A 1 150 PHE 150 150 150 PHE PHE A . n 
# 
_pdbx_SG_project.id                    1 
_pdbx_SG_project.project_name          'NPPSFA, National Project on Protein Structural and Functional Analyses' 
_pdbx_SG_project.full_name_of_center   'RIKEN Structural Genomics/Proteomics Initiative' 
_pdbx_SG_project.initial_of_center     RSGI 
# 
loop_
_pdbx_nonpoly_scheme.asym_id 
_pdbx_nonpoly_scheme.entity_id 
_pdbx_nonpoly_scheme.mon_id 
_pdbx_nonpoly_scheme.ndb_seq_num 
_pdbx_nonpoly_scheme.pdb_seq_num 
_pdbx_nonpoly_scheme.auth_seq_num 
_pdbx_nonpoly_scheme.pdb_mon_id 
_pdbx_nonpoly_scheme.auth_mon_id 
_pdbx_nonpoly_scheme.pdb_strand_id 
_pdbx_nonpoly_scheme.pdb_ins_code 
B 2 MG  1   1001 1   MG  MG  A . 
C 3 GLN 1   1002 2   GLN GLN A . 
D 4 HOH 1   1003 1   HOH HOH A . 
D 4 HOH 2   1004 2   HOH HOH A . 
D 4 HOH 3   1005 3   HOH HOH A . 
D 4 HOH 4   1006 4   HOH HOH A . 
D 4 HOH 5   1007 7   HOH HOH A . 
D 4 HOH 6   1008 8   HOH HOH A . 
D 4 HOH 7   1009 9   HOH HOH A . 
D 4 HOH 8   1010 10  HOH HOH A . 
D 4 HOH 9   1011 12  HOH HOH A . 
D 4 HOH 10  1012 13  HOH HOH A . 
D 4 HOH 11  1013 15  HOH HOH A . 
D 4 HOH 12  1014 16  HOH HOH A . 
D 4 HOH 13  1015 18  HOH HOH A . 
D 4 HOH 14  1016 19  HOH HOH A . 
D 4 HOH 15  1017 20  HOH HOH A . 
D 4 HOH 16  1018 21  HOH HOH A . 
D 4 HOH 17  1019 22  HOH HOH A . 
D 4 HOH 18  1020 23  HOH HOH A . 
D 4 HOH 19  1021 24  HOH HOH A . 
D 4 HOH 20  1022 25  HOH HOH A . 
D 4 HOH 21  1023 26  HOH HOH A . 
D 4 HOH 22  1024 27  HOH HOH A . 
D 4 HOH 23  1025 28  HOH HOH A . 
D 4 HOH 24  1026 29  HOH HOH A . 
D 4 HOH 25  1027 30  HOH HOH A . 
D 4 HOH 26  1028 31  HOH HOH A . 
D 4 HOH 27  1029 32  HOH HOH A . 
D 4 HOH 28  1030 33  HOH HOH A . 
D 4 HOH 29  1031 34  HOH HOH A . 
D 4 HOH 30  1032 35  HOH HOH A . 
D 4 HOH 31  1033 36  HOH HOH A . 
D 4 HOH 32  1034 37  HOH HOH A . 
D 4 HOH 33  1035 39  HOH HOH A . 
D 4 HOH 34  1036 40  HOH HOH A . 
D 4 HOH 35  1037 41  HOH HOH A . 
D 4 HOH 36  1038 42  HOH HOH A . 
D 4 HOH 37  1039 43  HOH HOH A . 
D 4 HOH 38  1040 44  HOH HOH A . 
D 4 HOH 39  1041 45  HOH HOH A . 
D 4 HOH 40  1042 46  HOH HOH A . 
D 4 HOH 41  1043 47  HOH HOH A . 
D 4 HOH 42  1044 48  HOH HOH A . 
D 4 HOH 43  1045 49  HOH HOH A . 
D 4 HOH 44  1046 50  HOH HOH A . 
D 4 HOH 45  1047 51  HOH HOH A . 
D 4 HOH 46  1048 53  HOH HOH A . 
D 4 HOH 47  1049 54  HOH HOH A . 
D 4 HOH 48  1050 55  HOH HOH A . 
D 4 HOH 49  1051 56  HOH HOH A . 
D 4 HOH 50  1052 57  HOH HOH A . 
D 4 HOH 51  1053 58  HOH HOH A . 
D 4 HOH 52  1054 59  HOH HOH A . 
D 4 HOH 53  1055 60  HOH HOH A . 
D 4 HOH 54  1056 61  HOH HOH A . 
D 4 HOH 55  1057 62  HOH HOH A . 
D 4 HOH 56  1058 63  HOH HOH A . 
D 4 HOH 57  1059 64  HOH HOH A . 
D 4 HOH 58  1060 65  HOH HOH A . 
D 4 HOH 59  1061 66  HOH HOH A . 
D 4 HOH 60  1062 67  HOH HOH A . 
D 4 HOH 61  1063 68  HOH HOH A . 
D 4 HOH 62  1064 69  HOH HOH A . 
D 4 HOH 63  1065 70  HOH HOH A . 
D 4 HOH 64  1066 71  HOH HOH A . 
D 4 HOH 65  1067 72  HOH HOH A . 
D 4 HOH 66  1068 74  HOH HOH A . 
D 4 HOH 67  1069 75  HOH HOH A . 
D 4 HOH 68  1070 76  HOH HOH A . 
D 4 HOH 69  1071 78  HOH HOH A . 
D 4 HOH 70  1072 79  HOH HOH A . 
D 4 HOH 71  1073 80  HOH HOH A . 
D 4 HOH 72  1074 81  HOH HOH A . 
D 4 HOH 73  1075 82  HOH HOH A . 
D 4 HOH 74  1076 83  HOH HOH A . 
D 4 HOH 75  1077 84  HOH HOH A . 
D 4 HOH 76  1078 85  HOH HOH A . 
D 4 HOH 77  1079 86  HOH HOH A . 
D 4 HOH 78  1080 87  HOH HOH A . 
D 4 HOH 79  1081 88  HOH HOH A . 
D 4 HOH 80  1082 89  HOH HOH A . 
D 4 HOH 81  1083 90  HOH HOH A . 
D 4 HOH 82  1084 91  HOH HOH A . 
D 4 HOH 83  1085 92  HOH HOH A . 
D 4 HOH 84  1086 93  HOH HOH A . 
D 4 HOH 85  1087 94  HOH HOH A . 
D 4 HOH 86  1088 95  HOH HOH A . 
D 4 HOH 87  1089 96  HOH HOH A . 
D 4 HOH 88  1090 98  HOH HOH A . 
D 4 HOH 89  1091 99  HOH HOH A . 
D 4 HOH 90  1092 100 HOH HOH A . 
D 4 HOH 91  1093 101 HOH HOH A . 
D 4 HOH 92  1094 102 HOH HOH A . 
D 4 HOH 93  1095 103 HOH HOH A . 
D 4 HOH 94  1096 104 HOH HOH A . 
D 4 HOH 95  1097 105 HOH HOH A . 
D 4 HOH 96  1098 107 HOH HOH A . 
D 4 HOH 97  1099 108 HOH HOH A . 
D 4 HOH 98  1100 109 HOH HOH A . 
D 4 HOH 99  1101 110 HOH HOH A . 
D 4 HOH 100 1102 111 HOH HOH A . 
D 4 HOH 101 1103 112 HOH HOH A . 
D 4 HOH 102 1104 114 HOH HOH A . 
D 4 HOH 103 1105 115 HOH HOH A . 
D 4 HOH 104 1106 116 HOH HOH A . 
D 4 HOH 105 1107 117 HOH HOH A . 
D 4 HOH 106 1108 118 HOH HOH A . 
D 4 HOH 107 1109 119 HOH HOH A . 
D 4 HOH 108 1110 120 HOH HOH A . 
D 4 HOH 109 1111 121 HOH HOH A . 
D 4 HOH 110 1112 122 HOH HOH A . 
D 4 HOH 111 1113 123 HOH HOH A . 
D 4 HOH 112 1114 124 HOH HOH A . 
D 4 HOH 113 1115 125 HOH HOH A . 
D 4 HOH 114 1116 126 HOH HOH A . 
D 4 HOH 115 1117 127 HOH HOH A . 
D 4 HOH 116 1118 128 HOH HOH A . 
D 4 HOH 117 1119 129 HOH HOH A . 
D 4 HOH 118 1120 130 HOH HOH A . 
D 4 HOH 119 1121 131 HOH HOH A . 
D 4 HOH 120 1122 133 HOH HOH A . 
D 4 HOH 121 1123 134 HOH HOH A . 
D 4 HOH 122 1124 135 HOH HOH A . 
D 4 HOH 123 1125 136 HOH HOH A . 
D 4 HOH 124 1126 137 HOH HOH A . 
D 4 HOH 125 1127 138 HOH HOH A . 
D 4 HOH 126 1128 139 HOH HOH A . 
D 4 HOH 127 1129 140 HOH HOH A . 
D 4 HOH 128 1130 142 HOH HOH A . 
D 4 HOH 129 1131 143 HOH HOH A . 
D 4 HOH 130 1132 144 HOH HOH A . 
D 4 HOH 131 1133 145 HOH HOH A . 
D 4 HOH 132 1134 146 HOH HOH A . 
D 4 HOH 133 1135 147 HOH HOH A . 
D 4 HOH 134 1136 148 HOH HOH A . 
D 4 HOH 135 1137 149 HOH HOH A . 
D 4 HOH 136 1138 150 HOH HOH A . 
D 4 HOH 137 1139 151 HOH HOH A . 
D 4 HOH 138 1140 152 HOH HOH A . 
D 4 HOH 139 1141 154 HOH HOH A . 
D 4 HOH 140 1142 155 HOH HOH A . 
D 4 HOH 141 1143 156 HOH HOH A . 
D 4 HOH 142 1144 157 HOH HOH A . 
D 4 HOH 143 1145 158 HOH HOH A . 
D 4 HOH 144 1146 159 HOH HOH A . 
D 4 HOH 145 1147 160 HOH HOH A . 
D 4 HOH 146 1148 161 HOH HOH A . 
D 4 HOH 147 1149 162 HOH HOH A . 
D 4 HOH 148 1150 163 HOH HOH A . 
D 4 HOH 149 1151 164 HOH HOH A . 
D 4 HOH 150 1152 165 HOH HOH A . 
D 4 HOH 151 1153 166 HOH HOH A . 
D 4 HOH 152 1154 167 HOH HOH A . 
D 4 HOH 153 1155 168 HOH HOH A . 
D 4 HOH 154 1156 169 HOH HOH A . 
D 4 HOH 155 1157 170 HOH HOH A . 
D 4 HOH 156 1158 171 HOH HOH A . 
D 4 HOH 157 1159 172 HOH HOH A . 
D 4 HOH 158 1160 173 HOH HOH A . 
D 4 HOH 159 1161 174 HOH HOH A . 
D 4 HOH 160 1162 176 HOH HOH A . 
D 4 HOH 161 1163 177 HOH HOH A . 
D 4 HOH 162 1164 178 HOH HOH A . 
D 4 HOH 163 1165 179 HOH HOH A . 
D 4 HOH 164 1166 180 HOH HOH A . 
D 4 HOH 165 1167 181 HOH HOH A . 
D 4 HOH 166 1168 182 HOH HOH A . 
D 4 HOH 167 1169 183 HOH HOH A . 
D 4 HOH 168 1170 185 HOH HOH A . 
D 4 HOH 169 1171 186 HOH HOH A . 
D 4 HOH 170 1172 187 HOH HOH A . 
D 4 HOH 171 1173 188 HOH HOH A . 
D 4 HOH 172 1174 189 HOH HOH A . 
D 4 HOH 173 1175 190 HOH HOH A . 
D 4 HOH 174 1176 191 HOH HOH A . 
D 4 HOH 175 1177 192 HOH HOH A . 
D 4 HOH 176 1178 193 HOH HOH A . 
D 4 HOH 177 1179 194 HOH HOH A . 
D 4 HOH 178 1180 195 HOH HOH A . 
D 4 HOH 179 1181 196 HOH HOH A . 
D 4 HOH 180 1182 197 HOH HOH A . 
D 4 HOH 181 1183 198 HOH HOH A . 
D 4 HOH 182 1184 199 HOH HOH A . 
D 4 HOH 183 1185 200 HOH HOH A . 
D 4 HOH 184 1186 201 HOH HOH A . 
D 4 HOH 185 1187 202 HOH HOH A . 
D 4 HOH 186 1188 203 HOH HOH A . 
D 4 HOH 187 1189 204 HOH HOH A . 
D 4 HOH 188 1190 205 HOH HOH A . 
D 4 HOH 189 1191 206 HOH HOH A . 
D 4 HOH 190 1192 207 HOH HOH A . 
D 4 HOH 191 1193 208 HOH HOH A . 
D 4 HOH 192 1194 209 HOH HOH A . 
D 4 HOH 193 1195 210 HOH HOH A . 
D 4 HOH 194 1196 211 HOH HOH A . 
D 4 HOH 195 1197 212 HOH HOH A . 
# 
_pdbx_struct_assembly.id                   1 
_pdbx_struct_assembly.details              author_and_software_defined_assembly 
_pdbx_struct_assembly.method_details       PISA 
_pdbx_struct_assembly.oligomeric_details   octameric 
_pdbx_struct_assembly.oligomeric_count     8 
# 
_pdbx_struct_assembly_gen.assembly_id       1 
_pdbx_struct_assembly_gen.oper_expression   1,2,3,4,5,6,7,8 
_pdbx_struct_assembly_gen.asym_id_list      A,B,C,D 
# 
loop_
_pdbx_struct_assembly_prop.biol_id 
_pdbx_struct_assembly_prop.type 
_pdbx_struct_assembly_prop.value 
_pdbx_struct_assembly_prop.details 
1 'ABSA (A^2)' 37310 ? 
1 MORE         -369  ? 
1 'SSA (A^2)'  48230 ? 
# 
loop_
_pdbx_struct_oper_list.id 
_pdbx_struct_oper_list.type 
_pdbx_struct_oper_list.name 
_pdbx_struct_oper_list.symmetry_operation 
_pdbx_struct_oper_list.matrix[1][1] 
_pdbx_struct_oper_list.matrix[1][2] 
_pdbx_struct_oper_list.matrix[1][3] 
_pdbx_struct_oper_list.vector[1] 
_pdbx_struct_oper_list.matrix[2][1] 
_pdbx_struct_oper_list.matrix[2][2] 
_pdbx_struct_oper_list.matrix[2][3] 
_pdbx_struct_oper_list.vector[2] 
_pdbx_struct_oper_list.matrix[3][1] 
_pdbx_struct_oper_list.matrix[3][2] 
_pdbx_struct_oper_list.matrix[3][3] 
_pdbx_struct_oper_list.vector[3] 
1 'identity operation'         1_555 x,y,z    1.0000000000  0.0000000000  0.0000000000  0.0000000000   0.0000000000  1.0000000000  0.0000000000  0.0000000000   0.0000000000  0.0000000000  1.0000000000  0.0000000000   
2 'crystal symmetry operation' 2_555 -x,-y,z  -0.8872036959 -0.2503837859 -0.3875274981 -55.6578074909 -0.2503837859 -0.4442012906 0.8602285587  -12.8999902222 -0.3875274981 0.8602285587  0.3314049865  -7.8653685367  
3 'crystal symmetry operation' 3_555 -y,x,z   0.0563981521  -0.9410978270 0.3333978530  -31.0183328921 0.6907140411  0.2778993547  0.6675972304  17.1897180594  -0.7209253511 0.1926313282  0.6657024933  -20.1347776238 
4 'crystal symmetry operation' 4_555 y,-x,z   0.0563981521  0.6907140411  -0.7209253511 -24.6394745989 -0.9410978270 0.2778993547  0.1926313282  -30.0897082816 0.3333978530  0.6675972304  0.6657024933  12.2694090871  
5 'crystal symmetry operation' 5_555 -x,y,-z  -0.3342080907 0.8680768425  -0.3670797565 -34.4455133755 0.8680768425  0.1318212102  -0.4786081529 19.9419633229  -0.3670797565 -0.4786081529 -0.7976131195 -15.3165285276 
6 'crystal symmetry operation' 6_555 x,-y,-z  0.2214117866  -0.6176930566 0.7546072545  -24.1551890138 -0.6176930566 -0.6876199196 -0.3816204057 -26.3093532799 0.7546072545  -0.3816204057 -0.5337918670 17.5618875183  
7 'crystal symmetry operation' 7_555 y,x,-z   0.8453812475  0.4850494413  0.2237355269  -1.7658701193  0.4850494413  -0.8725071251 0.0588077897  4.9183050117   0.2237355269  0.0588077897  -0.9728741223 3.9022971368   
8 'crystal symmetry operation' 8_555 -y,-x,-z -0.9581775516 -0.2346656553 0.1637919712  -56.8348322700 -0.2346656553 0.3167084158  -0.9190363484 -11.2856949687 0.1637919712  -0.9190363484 -0.3585308642 -1.6569381462 
# 
loop_
_pdbx_audit_revision_history.ordinal 
_pdbx_audit_revision_history.data_content_type 
_pdbx_audit_revision_history.major_revision 
_pdbx_audit_revision_history.minor_revision 
_pdbx_audit_revision_history.revision_date 
1 'Structure model' 1 0 2008-04-29 
2 'Structure model' 1 1 2011-07-13 
3 'Structure model' 1 2 2017-10-18 
4 'Structure model' 1 3 2021-11-10 
5 'Structure model' 1 4 2023-10-25 
# 
_pdbx_audit_revision_details.ordinal             1 
_pdbx_audit_revision_details.revision_ordinal    1 
_pdbx_audit_revision_details.data_content_type   'Structure model' 
_pdbx_audit_revision_details.provider            repository 
_pdbx_audit_revision_details.type                'Initial release' 
_pdbx_audit_revision_details.description         ? 
_pdbx_audit_revision_details.details             ? 
# 
loop_
_pdbx_audit_revision_group.ordinal 
_pdbx_audit_revision_group.revision_ordinal 
_pdbx_audit_revision_group.data_content_type 
_pdbx_audit_revision_group.group 
1 2 'Structure model' 'Version format compliance' 
2 3 'Structure model' 'Refinement description'    
3 4 'Structure model' 'Database references'       
4 4 'Structure model' 'Derived calculations'      
5 5 'Structure model' 'Data collection'           
6 5 'Structure model' 'Refinement description'    
# 
loop_
_pdbx_audit_revision_category.ordinal 
_pdbx_audit_revision_category.revision_ordinal 
_pdbx_audit_revision_category.data_content_type 
_pdbx_audit_revision_category.category 
1 3 'Structure model' software                      
2 4 'Structure model' database_2                    
3 4 'Structure model' struct_ref_seq_dif            
4 4 'Structure model' struct_site                   
5 5 'Structure model' chem_comp_atom                
6 5 'Structure model' chem_comp_bond                
7 5 'Structure model' pdbx_initial_refinement_model 
# 
loop_
_pdbx_audit_revision_item.ordinal 
_pdbx_audit_revision_item.revision_ordinal 
_pdbx_audit_revision_item.data_content_type 
_pdbx_audit_revision_item.item 
1 3 'Structure model' '_software.name'                      
2 4 'Structure model' '_database_2.pdbx_DOI'                
3 4 'Structure model' '_database_2.pdbx_database_accession' 
4 4 'Structure model' '_struct_ref_seq_dif.details'         
5 4 'Structure model' '_struct_site.pdbx_auth_asym_id'      
6 4 'Structure model' '_struct_site.pdbx_auth_comp_id'      
7 4 'Structure model' '_struct_site.pdbx_auth_seq_id'       
# 
loop_
_software.name 
_software.classification 
_software.version 
_software.citation_id 
_software.pdbx_ordinal 
CNS      refinement        1.1 ? 1 
BSS      'data collection' .   ? 2 
HKL-2000 'data reduction'  .   ? 3 
HKL-2000 'data scaling'    .   ? 4 
MOLREP   phasing           .   ? 5 
# 
loop_
_pdbx_validate_symm_contact.id 
_pdbx_validate_symm_contact.PDB_model_num 
_pdbx_validate_symm_contact.auth_atom_id_1 
_pdbx_validate_symm_contact.auth_asym_id_1 
_pdbx_validate_symm_contact.auth_comp_id_1 
_pdbx_validate_symm_contact.auth_seq_id_1 
_pdbx_validate_symm_contact.PDB_ins_code_1 
_pdbx_validate_symm_contact.label_alt_id_1 
_pdbx_validate_symm_contact.site_symmetry_1 
_pdbx_validate_symm_contact.auth_atom_id_2 
_pdbx_validate_symm_contact.auth_asym_id_2 
_pdbx_validate_symm_contact.auth_comp_id_2 
_pdbx_validate_symm_contact.auth_seq_id_2 
_pdbx_validate_symm_contact.PDB_ins_code_2 
_pdbx_validate_symm_contact.label_alt_id_2 
_pdbx_validate_symm_contact.site_symmetry_2 
_pdbx_validate_symm_contact.dist 
1 1 O A HOH 1146 ? ? 1_555 O A HOH 1146 ? ? 5_555 1.31 
2 1 O A HOH 1147 ? ? 1_555 O A HOH 1147 ? ? 5_555 1.99 
# 
loop_
_pdbx_validate_torsion.id 
_pdbx_validate_torsion.PDB_model_num 
_pdbx_validate_torsion.auth_comp_id 
_pdbx_validate_torsion.auth_asym_id 
_pdbx_validate_torsion.auth_seq_id 
_pdbx_validate_torsion.PDB_ins_code 
_pdbx_validate_torsion.label_alt_id 
_pdbx_validate_torsion.phi 
_pdbx_validate_torsion.psi 
1 1 ASN A 15  ? ? -151.26 87.08  
2 1 ARG A 28  ? ? 76.85   65.11  
3 1 PHE A 119 ? ? -107.41 -65.67 
4 1 GLU A 143 ? ? -152.69 83.72  
# 
loop_
_chem_comp_atom.comp_id 
_chem_comp_atom.atom_id 
_chem_comp_atom.type_symbol 
_chem_comp_atom.pdbx_aromatic_flag 
_chem_comp_atom.pdbx_stereo_config 
_chem_comp_atom.pdbx_ordinal 
ALA N    N  N N 1   
ALA CA   C  N S 2   
ALA C    C  N N 3   
ALA O    O  N N 4   
ALA CB   C  N N 5   
ALA OXT  O  N N 6   
ALA H    H  N N 7   
ALA H2   H  N N 8   
ALA HA   H  N N 9   
ALA HB1  H  N N 10  
ALA HB2  H  N N 11  
ALA HB3  H  N N 12  
ALA HXT  H  N N 13  
ARG N    N  N N 14  
ARG CA   C  N S 15  
ARG C    C  N N 16  
ARG O    O  N N 17  
ARG CB   C  N N 18  
ARG CG   C  N N 19  
ARG CD   C  N N 20  
ARG NE   N  N N 21  
ARG CZ   C  N N 22  
ARG NH1  N  N N 23  
ARG NH2  N  N N 24  
ARG OXT  O  N N 25  
ARG H    H  N N 26  
ARG H2   H  N N 27  
ARG HA   H  N N 28  
ARG HB2  H  N N 29  
ARG HB3  H  N N 30  
ARG HG2  H  N N 31  
ARG HG3  H  N N 32  
ARG HD2  H  N N 33  
ARG HD3  H  N N 34  
ARG HE   H  N N 35  
ARG HH11 H  N N 36  
ARG HH12 H  N N 37  
ARG HH21 H  N N 38  
ARG HH22 H  N N 39  
ARG HXT  H  N N 40  
ASN N    N  N N 41  
ASN CA   C  N S 42  
ASN C    C  N N 43  
ASN O    O  N N 44  
ASN CB   C  N N 45  
ASN CG   C  N N 46  
ASN OD1  O  N N 47  
ASN ND2  N  N N 48  
ASN OXT  O  N N 49  
ASN H    H  N N 50  
ASN H2   H  N N 51  
ASN HA   H  N N 52  
ASN HB2  H  N N 53  
ASN HB3  H  N N 54  
ASN HD21 H  N N 55  
ASN HD22 H  N N 56  
ASN HXT  H  N N 57  
ASP N    N  N N 58  
ASP CA   C  N S 59  
ASP C    C  N N 60  
ASP O    O  N N 61  
ASP CB   C  N N 62  
ASP CG   C  N N 63  
ASP OD1  O  N N 64  
ASP OD2  O  N N 65  
ASP OXT  O  N N 66  
ASP H    H  N N 67  
ASP H2   H  N N 68  
ASP HA   H  N N 69  
ASP HB2  H  N N 70  
ASP HB3  H  N N 71  
ASP HD2  H  N N 72  
ASP HXT  H  N N 73  
GLN N    N  N N 74  
GLN CA   C  N S 75  
GLN C    C  N N 76  
GLN O    O  N N 77  
GLN CB   C  N N 78  
GLN CG   C  N N 79  
GLN CD   C  N N 80  
GLN OE1  O  N N 81  
GLN NE2  N  N N 82  
GLN OXT  O  N N 83  
GLN H    H  N N 84  
GLN H2   H  N N 85  
GLN HA   H  N N 86  
GLN HB2  H  N N 87  
GLN HB3  H  N N 88  
GLN HG2  H  N N 89  
GLN HG3  H  N N 90  
GLN HE21 H  N N 91  
GLN HE22 H  N N 92  
GLN HXT  H  N N 93  
GLU N    N  N N 94  
GLU CA   C  N S 95  
GLU C    C  N N 96  
GLU O    O  N N 97  
GLU CB   C  N N 98  
GLU CG   C  N N 99  
GLU CD   C  N N 100 
GLU OE1  O  N N 101 
GLU OE2  O  N N 102 
GLU OXT  O  N N 103 
GLU H    H  N N 104 
GLU H2   H  N N 105 
GLU HA   H  N N 106 
GLU HB2  H  N N 107 
GLU HB3  H  N N 108 
GLU HG2  H  N N 109 
GLU HG3  H  N N 110 
GLU HE2  H  N N 111 
GLU HXT  H  N N 112 
GLY N    N  N N 113 
GLY CA   C  N N 114 
GLY C    C  N N 115 
GLY O    O  N N 116 
GLY OXT  O  N N 117 
GLY H    H  N N 118 
GLY H2   H  N N 119 
GLY HA2  H  N N 120 
GLY HA3  H  N N 121 
GLY HXT  H  N N 122 
HIS N    N  N N 123 
HIS CA   C  N S 124 
HIS C    C  N N 125 
HIS O    O  N N 126 
HIS CB   C  N N 127 
HIS CG   C  Y N 128 
HIS ND1  N  Y N 129 
HIS CD2  C  Y N 130 
HIS CE1  C  Y N 131 
HIS NE2  N  Y N 132 
HIS OXT  O  N N 133 
HIS H    H  N N 134 
HIS H2   H  N N 135 
HIS HA   H  N N 136 
HIS HB2  H  N N 137 
HIS HB3  H  N N 138 
HIS HD1  H  N N 139 
HIS HD2  H  N N 140 
HIS HE1  H  N N 141 
HIS HE2  H  N N 142 
HIS HXT  H  N N 143 
HOH O    O  N N 144 
HOH H1   H  N N 145 
HOH H2   H  N N 146 
ILE N    N  N N 147 
ILE CA   C  N S 148 
ILE C    C  N N 149 
ILE O    O  N N 150 
ILE CB   C  N S 151 
ILE CG1  C  N N 152 
ILE CG2  C  N N 153 
ILE CD1  C  N N 154 
ILE OXT  O  N N 155 
ILE H    H  N N 156 
ILE H2   H  N N 157 
ILE HA   H  N N 158 
ILE HB   H  N N 159 
ILE HG12 H  N N 160 
ILE HG13 H  N N 161 
ILE HG21 H  N N 162 
ILE HG22 H  N N 163 
ILE HG23 H  N N 164 
ILE HD11 H  N N 165 
ILE HD12 H  N N 166 
ILE HD13 H  N N 167 
ILE HXT  H  N N 168 
LEU N    N  N N 169 
LEU CA   C  N S 170 
LEU C    C  N N 171 
LEU O    O  N N 172 
LEU CB   C  N N 173 
LEU CG   C  N N 174 
LEU CD1  C  N N 175 
LEU CD2  C  N N 176 
LEU OXT  O  N N 177 
LEU H    H  N N 178 
LEU H2   H  N N 179 
LEU HA   H  N N 180 
LEU HB2  H  N N 181 
LEU HB3  H  N N 182 
LEU HG   H  N N 183 
LEU HD11 H  N N 184 
LEU HD12 H  N N 185 
LEU HD13 H  N N 186 
LEU HD21 H  N N 187 
LEU HD22 H  N N 188 
LEU HD23 H  N N 189 
LEU HXT  H  N N 190 
LYS N    N  N N 191 
LYS CA   C  N S 192 
LYS C    C  N N 193 
LYS O    O  N N 194 
LYS CB   C  N N 195 
LYS CG   C  N N 196 
LYS CD   C  N N 197 
LYS CE   C  N N 198 
LYS NZ   N  N N 199 
LYS OXT  O  N N 200 
LYS H    H  N N 201 
LYS H2   H  N N 202 
LYS HA   H  N N 203 
LYS HB2  H  N N 204 
LYS HB3  H  N N 205 
LYS HG2  H  N N 206 
LYS HG3  H  N N 207 
LYS HD2  H  N N 208 
LYS HD3  H  N N 209 
LYS HE2  H  N N 210 
LYS HE3  H  N N 211 
LYS HZ1  H  N N 212 
LYS HZ2  H  N N 213 
LYS HZ3  H  N N 214 
LYS HXT  H  N N 215 
MET N    N  N N 216 
MET CA   C  N S 217 
MET C    C  N N 218 
MET O    O  N N 219 
MET CB   C  N N 220 
MET CG   C  N N 221 
MET SD   S  N N 222 
MET CE   C  N N 223 
MET OXT  O  N N 224 
MET H    H  N N 225 
MET H2   H  N N 226 
MET HA   H  N N 227 
MET HB2  H  N N 228 
MET HB3  H  N N 229 
MET HG2  H  N N 230 
MET HG3  H  N N 231 
MET HE1  H  N N 232 
MET HE2  H  N N 233 
MET HE3  H  N N 234 
MET HXT  H  N N 235 
MG  MG   MG N N 236 
PHE N    N  N N 237 
PHE CA   C  N S 238 
PHE C    C  N N 239 
PHE O    O  N N 240 
PHE CB   C  N N 241 
PHE CG   C  Y N 242 
PHE CD1  C  Y N 243 
PHE CD2  C  Y N 244 
PHE CE1  C  Y N 245 
PHE CE2  C  Y N 246 
PHE CZ   C  Y N 247 
PHE OXT  O  N N 248 
PHE H    H  N N 249 
PHE H2   H  N N 250 
PHE HA   H  N N 251 
PHE HB2  H  N N 252 
PHE HB3  H  N N 253 
PHE HD1  H  N N 254 
PHE HD2  H  N N 255 
PHE HE1  H  N N 256 
PHE HE2  H  N N 257 
PHE HZ   H  N N 258 
PHE HXT  H  N N 259 
PRO N    N  N N 260 
PRO CA   C  N S 261 
PRO C    C  N N 262 
PRO O    O  N N 263 
PRO CB   C  N N 264 
PRO CG   C  N N 265 
PRO CD   C  N N 266 
PRO OXT  O  N N 267 
PRO H    H  N N 268 
PRO HA   H  N N 269 
PRO HB2  H  N N 270 
PRO HB3  H  N N 271 
PRO HG2  H  N N 272 
PRO HG3  H  N N 273 
PRO HD2  H  N N 274 
PRO HD3  H  N N 275 
PRO HXT  H  N N 276 
SER N    N  N N 277 
SER CA   C  N S 278 
SER C    C  N N 279 
SER O    O  N N 280 
SER CB   C  N N 281 
SER OG   O  N N 282 
SER OXT  O  N N 283 
SER H    H  N N 284 
SER H2   H  N N 285 
SER HA   H  N N 286 
SER HB2  H  N N 287 
SER HB3  H  N N 288 
SER HG   H  N N 289 
SER HXT  H  N N 290 
THR N    N  N N 291 
THR CA   C  N S 292 
THR C    C  N N 293 
THR O    O  N N 294 
THR CB   C  N R 295 
THR OG1  O  N N 296 
THR CG2  C  N N 297 
THR OXT  O  N N 298 
THR H    H  N N 299 
THR H2   H  N N 300 
THR HA   H  N N 301 
THR HB   H  N N 302 
THR HG1  H  N N 303 
THR HG21 H  N N 304 
THR HG22 H  N N 305 
THR HG23 H  N N 306 
THR HXT  H  N N 307 
TRP N    N  N N 308 
TRP CA   C  N S 309 
TRP C    C  N N 310 
TRP O    O  N N 311 
TRP CB   C  N N 312 
TRP CG   C  Y N 313 
TRP CD1  C  Y N 314 
TRP CD2  C  Y N 315 
TRP NE1  N  Y N 316 
TRP CE2  C  Y N 317 
TRP CE3  C  Y N 318 
TRP CZ2  C  Y N 319 
TRP CZ3  C  Y N 320 
TRP CH2  C  Y N 321 
TRP OXT  O  N N 322 
TRP H    H  N N 323 
TRP H2   H  N N 324 
TRP HA   H  N N 325 
TRP HB2  H  N N 326 
TRP HB3  H  N N 327 
TRP HD1  H  N N 328 
TRP HE1  H  N N 329 
TRP HE3  H  N N 330 
TRP HZ2  H  N N 331 
TRP HZ3  H  N N 332 
TRP HH2  H  N N 333 
TRP HXT  H  N N 334 
TYR N    N  N N 335 
TYR CA   C  N S 336 
TYR C    C  N N 337 
TYR O    O  N N 338 
TYR CB   C  N N 339 
TYR CG   C  Y N 340 
TYR CD1  C  Y N 341 
TYR CD2  C  Y N 342 
TYR CE1  C  Y N 343 
TYR CE2  C  Y N 344 
TYR CZ   C  Y N 345 
TYR OH   O  N N 346 
TYR OXT  O  N N 347 
TYR H    H  N N 348 
TYR H2   H  N N 349 
TYR HA   H  N N 350 
TYR HB2  H  N N 351 
TYR HB3  H  N N 352 
TYR HD1  H  N N 353 
TYR HD2  H  N N 354 
TYR HE1  H  N N 355 
TYR HE2  H  N N 356 
TYR HH   H  N N 357 
TYR HXT  H  N N 358 
VAL N    N  N N 359 
VAL CA   C  N S 360 
VAL C    C  N N 361 
VAL O    O  N N 362 
VAL CB   C  N N 363 
VAL CG1  C  N N 364 
VAL CG2  C  N N 365 
VAL OXT  O  N N 366 
VAL H    H  N N 367 
VAL H2   H  N N 368 
VAL HA   H  N N 369 
VAL HB   H  N N 370 
VAL HG11 H  N N 371 
VAL HG12 H  N N 372 
VAL HG13 H  N N 373 
VAL HG21 H  N N 374 
VAL HG22 H  N N 375 
VAL HG23 H  N N 376 
VAL HXT  H  N N 377 
# 
loop_
_chem_comp_bond.comp_id 
_chem_comp_bond.atom_id_1 
_chem_comp_bond.atom_id_2 
_chem_comp_bond.value_order 
_chem_comp_bond.pdbx_aromatic_flag 
_chem_comp_bond.pdbx_stereo_config 
_chem_comp_bond.pdbx_ordinal 
ALA N   CA   sing N N 1   
ALA N   H    sing N N 2   
ALA N   H2   sing N N 3   
ALA CA  C    sing N N 4   
ALA CA  CB   sing N N 5   
ALA CA  HA   sing N N 6   
ALA C   O    doub N N 7   
ALA C   OXT  sing N N 8   
ALA CB  HB1  sing N N 9   
ALA CB  HB2  sing N N 10  
ALA CB  HB3  sing N N 11  
ALA OXT HXT  sing N N 12  
ARG N   CA   sing N N 13  
ARG N   H    sing N N 14  
ARG N   H2   sing N N 15  
ARG CA  C    sing N N 16  
ARG CA  CB   sing N N 17  
ARG CA  HA   sing N N 18  
ARG C   O    doub N N 19  
ARG C   OXT  sing N N 20  
ARG CB  CG   sing N N 21  
ARG CB  HB2  sing N N 22  
ARG CB  HB3  sing N N 23  
ARG CG  CD   sing N N 24  
ARG CG  HG2  sing N N 25  
ARG CG  HG3  sing N N 26  
ARG CD  NE   sing N N 27  
ARG CD  HD2  sing N N 28  
ARG CD  HD3  sing N N 29  
ARG NE  CZ   sing N N 30  
ARG NE  HE   sing N N 31  
ARG CZ  NH1  sing N N 32  
ARG CZ  NH2  doub N N 33  
ARG NH1 HH11 sing N N 34  
ARG NH1 HH12 sing N N 35  
ARG NH2 HH21 sing N N 36  
ARG NH2 HH22 sing N N 37  
ARG OXT HXT  sing N N 38  
ASN N   CA   sing N N 39  
ASN N   H    sing N N 40  
ASN N   H2   sing N N 41  
ASN CA  C    sing N N 42  
ASN CA  CB   sing N N 43  
ASN CA  HA   sing N N 44  
ASN C   O    doub N N 45  
ASN C   OXT  sing N N 46  
ASN CB  CG   sing N N 47  
ASN CB  HB2  sing N N 48  
ASN CB  HB3  sing N N 49  
ASN CG  OD1  doub N N 50  
ASN CG  ND2  sing N N 51  
ASN ND2 HD21 sing N N 52  
ASN ND2 HD22 sing N N 53  
ASN OXT HXT  sing N N 54  
ASP N   CA   sing N N 55  
ASP N   H    sing N N 56  
ASP N   H2   sing N N 57  
ASP CA  C    sing N N 58  
ASP CA  CB   sing N N 59  
ASP CA  HA   sing N N 60  
ASP C   O    doub N N 61  
ASP C   OXT  sing N N 62  
ASP CB  CG   sing N N 63  
ASP CB  HB2  sing N N 64  
ASP CB  HB3  sing N N 65  
ASP CG  OD1  doub N N 66  
ASP CG  OD2  sing N N 67  
ASP OD2 HD2  sing N N 68  
ASP OXT HXT  sing N N 69  
GLN N   CA   sing N N 70  
GLN N   H    sing N N 71  
GLN N   H2   sing N N 72  
GLN CA  C    sing N N 73  
GLN CA  CB   sing N N 74  
GLN CA  HA   sing N N 75  
GLN C   O    doub N N 76  
GLN C   OXT  sing N N 77  
GLN CB  CG   sing N N 78  
GLN CB  HB2  sing N N 79  
GLN CB  HB3  sing N N 80  
GLN CG  CD   sing N N 81  
GLN CG  HG2  sing N N 82  
GLN CG  HG3  sing N N 83  
GLN CD  OE1  doub N N 84  
GLN CD  NE2  sing N N 85  
GLN NE2 HE21 sing N N 86  
GLN NE2 HE22 sing N N 87  
GLN OXT HXT  sing N N 88  
GLU N   CA   sing N N 89  
GLU N   H    sing N N 90  
GLU N   H2   sing N N 91  
GLU CA  C    sing N N 92  
GLU CA  CB   sing N N 93  
GLU CA  HA   sing N N 94  
GLU C   O    doub N N 95  
GLU C   OXT  sing N N 96  
GLU CB  CG   sing N N 97  
GLU CB  HB2  sing N N 98  
GLU CB  HB3  sing N N 99  
GLU CG  CD   sing N N 100 
GLU CG  HG2  sing N N 101 
GLU CG  HG3  sing N N 102 
GLU CD  OE1  doub N N 103 
GLU CD  OE2  sing N N 104 
GLU OE2 HE2  sing N N 105 
GLU OXT HXT  sing N N 106 
GLY N   CA   sing N N 107 
GLY N   H    sing N N 108 
GLY N   H2   sing N N 109 
GLY CA  C    sing N N 110 
GLY CA  HA2  sing N N 111 
GLY CA  HA3  sing N N 112 
GLY C   O    doub N N 113 
GLY C   OXT  sing N N 114 
GLY OXT HXT  sing N N 115 
HIS N   CA   sing N N 116 
HIS N   H    sing N N 117 
HIS N   H2   sing N N 118 
HIS CA  C    sing N N 119 
HIS CA  CB   sing N N 120 
HIS CA  HA   sing N N 121 
HIS C   O    doub N N 122 
HIS C   OXT  sing N N 123 
HIS CB  CG   sing N N 124 
HIS CB  HB2  sing N N 125 
HIS CB  HB3  sing N N 126 
HIS CG  ND1  sing Y N 127 
HIS CG  CD2  doub Y N 128 
HIS ND1 CE1  doub Y N 129 
HIS ND1 HD1  sing N N 130 
HIS CD2 NE2  sing Y N 131 
HIS CD2 HD2  sing N N 132 
HIS CE1 NE2  sing Y N 133 
HIS CE1 HE1  sing N N 134 
HIS NE2 HE2  sing N N 135 
HIS OXT HXT  sing N N 136 
HOH O   H1   sing N N 137 
HOH O   H2   sing N N 138 
ILE N   CA   sing N N 139 
ILE N   H    sing N N 140 
ILE N   H2   sing N N 141 
ILE CA  C    sing N N 142 
ILE CA  CB   sing N N 143 
ILE CA  HA   sing N N 144 
ILE C   O    doub N N 145 
ILE C   OXT  sing N N 146 
ILE CB  CG1  sing N N 147 
ILE CB  CG2  sing N N 148 
ILE CB  HB   sing N N 149 
ILE CG1 CD1  sing N N 150 
ILE CG1 HG12 sing N N 151 
ILE CG1 HG13 sing N N 152 
ILE CG2 HG21 sing N N 153 
ILE CG2 HG22 sing N N 154 
ILE CG2 HG23 sing N N 155 
ILE CD1 HD11 sing N N 156 
ILE CD1 HD12 sing N N 157 
ILE CD1 HD13 sing N N 158 
ILE OXT HXT  sing N N 159 
LEU N   CA   sing N N 160 
LEU N   H    sing N N 161 
LEU N   H2   sing N N 162 
LEU CA  C    sing N N 163 
LEU CA  CB   sing N N 164 
LEU CA  HA   sing N N 165 
LEU C   O    doub N N 166 
LEU C   OXT  sing N N 167 
LEU CB  CG   sing N N 168 
LEU CB  HB2  sing N N 169 
LEU CB  HB3  sing N N 170 
LEU CG  CD1  sing N N 171 
LEU CG  CD2  sing N N 172 
LEU CG  HG   sing N N 173 
LEU CD1 HD11 sing N N 174 
LEU CD1 HD12 sing N N 175 
LEU CD1 HD13 sing N N 176 
LEU CD2 HD21 sing N N 177 
LEU CD2 HD22 sing N N 178 
LEU CD2 HD23 sing N N 179 
LEU OXT HXT  sing N N 180 
LYS N   CA   sing N N 181 
LYS N   H    sing N N 182 
LYS N   H2   sing N N 183 
LYS CA  C    sing N N 184 
LYS CA  CB   sing N N 185 
LYS CA  HA   sing N N 186 
LYS C   O    doub N N 187 
LYS C   OXT  sing N N 188 
LYS CB  CG   sing N N 189 
LYS CB  HB2  sing N N 190 
LYS CB  HB3  sing N N 191 
LYS CG  CD   sing N N 192 
LYS CG  HG2  sing N N 193 
LYS CG  HG3  sing N N 194 
LYS CD  CE   sing N N 195 
LYS CD  HD2  sing N N 196 
LYS CD  HD3  sing N N 197 
LYS CE  NZ   sing N N 198 
LYS CE  HE2  sing N N 199 
LYS CE  HE3  sing N N 200 
LYS NZ  HZ1  sing N N 201 
LYS NZ  HZ2  sing N N 202 
LYS NZ  HZ3  sing N N 203 
LYS OXT HXT  sing N N 204 
MET N   CA   sing N N 205 
MET N   H    sing N N 206 
MET N   H2   sing N N 207 
MET CA  C    sing N N 208 
MET CA  CB   sing N N 209 
MET CA  HA   sing N N 210 
MET C   O    doub N N 211 
MET C   OXT  sing N N 212 
MET CB  CG   sing N N 213 
MET CB  HB2  sing N N 214 
MET CB  HB3  sing N N 215 
MET CG  SD   sing N N 216 
MET CG  HG2  sing N N 217 
MET CG  HG3  sing N N 218 
MET SD  CE   sing N N 219 
MET CE  HE1  sing N N 220 
MET CE  HE2  sing N N 221 
MET CE  HE3  sing N N 222 
MET OXT HXT  sing N N 223 
PHE N   CA   sing N N 224 
PHE N   H    sing N N 225 
PHE N   H2   sing N N 226 
PHE CA  C    sing N N 227 
PHE CA  CB   sing N N 228 
PHE CA  HA   sing N N 229 
PHE C   O    doub N N 230 
PHE C   OXT  sing N N 231 
PHE CB  CG   sing N N 232 
PHE CB  HB2  sing N N 233 
PHE CB  HB3  sing N N 234 
PHE CG  CD1  doub Y N 235 
PHE CG  CD2  sing Y N 236 
PHE CD1 CE1  sing Y N 237 
PHE CD1 HD1  sing N N 238 
PHE CD2 CE2  doub Y N 239 
PHE CD2 HD2  sing N N 240 
PHE CE1 CZ   doub Y N 241 
PHE CE1 HE1  sing N N 242 
PHE CE2 CZ   sing Y N 243 
PHE CE2 HE2  sing N N 244 
PHE CZ  HZ   sing N N 245 
PHE OXT HXT  sing N N 246 
PRO N   CA   sing N N 247 
PRO N   CD   sing N N 248 
PRO N   H    sing N N 249 
PRO CA  C    sing N N 250 
PRO CA  CB   sing N N 251 
PRO CA  HA   sing N N 252 
PRO C   O    doub N N 253 
PRO C   OXT  sing N N 254 
PRO CB  CG   sing N N 255 
PRO CB  HB2  sing N N 256 
PRO CB  HB3  sing N N 257 
PRO CG  CD   sing N N 258 
PRO CG  HG2  sing N N 259 
PRO CG  HG3  sing N N 260 
PRO CD  HD2  sing N N 261 
PRO CD  HD3  sing N N 262 
PRO OXT HXT  sing N N 263 
SER N   CA   sing N N 264 
SER N   H    sing N N 265 
SER N   H2   sing N N 266 
SER CA  C    sing N N 267 
SER CA  CB   sing N N 268 
SER CA  HA   sing N N 269 
SER C   O    doub N N 270 
SER C   OXT  sing N N 271 
SER CB  OG   sing N N 272 
SER CB  HB2  sing N N 273 
SER CB  HB3  sing N N 274 
SER OG  HG   sing N N 275 
SER OXT HXT  sing N N 276 
THR N   CA   sing N N 277 
THR N   H    sing N N 278 
THR N   H2   sing N N 279 
THR CA  C    sing N N 280 
THR CA  CB   sing N N 281 
THR CA  HA   sing N N 282 
THR C   O    doub N N 283 
THR C   OXT  sing N N 284 
THR CB  OG1  sing N N 285 
THR CB  CG2  sing N N 286 
THR CB  HB   sing N N 287 
THR OG1 HG1  sing N N 288 
THR CG2 HG21 sing N N 289 
THR CG2 HG22 sing N N 290 
THR CG2 HG23 sing N N 291 
THR OXT HXT  sing N N 292 
TRP N   CA   sing N N 293 
TRP N   H    sing N N 294 
TRP N   H2   sing N N 295 
TRP CA  C    sing N N 296 
TRP CA  CB   sing N N 297 
TRP CA  HA   sing N N 298 
TRP C   O    doub N N 299 
TRP C   OXT  sing N N 300 
TRP CB  CG   sing N N 301 
TRP CB  HB2  sing N N 302 
TRP CB  HB3  sing N N 303 
TRP CG  CD1  doub Y N 304 
TRP CG  CD2  sing Y N 305 
TRP CD1 NE1  sing Y N 306 
TRP CD1 HD1  sing N N 307 
TRP CD2 CE2  doub Y N 308 
TRP CD2 CE3  sing Y N 309 
TRP NE1 CE2  sing Y N 310 
TRP NE1 HE1  sing N N 311 
TRP CE2 CZ2  sing Y N 312 
TRP CE3 CZ3  doub Y N 313 
TRP CE3 HE3  sing N N 314 
TRP CZ2 CH2  doub Y N 315 
TRP CZ2 HZ2  sing N N 316 
TRP CZ3 CH2  sing Y N 317 
TRP CZ3 HZ3  sing N N 318 
TRP CH2 HH2  sing N N 319 
TRP OXT HXT  sing N N 320 
TYR N   CA   sing N N 321 
TYR N   H    sing N N 322 
TYR N   H2   sing N N 323 
TYR CA  C    sing N N 324 
TYR CA  CB   sing N N 325 
TYR CA  HA   sing N N 326 
TYR C   O    doub N N 327 
TYR C   OXT  sing N N 328 
TYR CB  CG   sing N N 329 
TYR CB  HB2  sing N N 330 
TYR CB  HB3  sing N N 331 
TYR CG  CD1  doub Y N 332 
TYR CG  CD2  sing Y N 333 
TYR CD1 CE1  sing Y N 334 
TYR CD1 HD1  sing N N 335 
TYR CD2 CE2  doub Y N 336 
TYR CD2 HD2  sing N N 337 
TYR CE1 CZ   doub Y N 338 
TYR CE1 HE1  sing N N 339 
TYR CE2 CZ   sing Y N 340 
TYR CE2 HE2  sing N N 341 
TYR CZ  OH   sing N N 342 
TYR OH  HH   sing N N 343 
TYR OXT HXT  sing N N 344 
VAL N   CA   sing N N 345 
VAL N   H    sing N N 346 
VAL N   H2   sing N N 347 
VAL CA  C    sing N N 348 
VAL CA  CB   sing N N 349 
VAL CA  HA   sing N N 350 
VAL C   O    doub N N 351 
VAL C   OXT  sing N N 352 
VAL CB  CG1  sing N N 353 
VAL CB  CG2  sing N N 354 
VAL CB  HB   sing N N 355 
VAL CG1 HG11 sing N N 356 
VAL CG1 HG12 sing N N 357 
VAL CG1 HG13 sing N N 358 
VAL CG2 HG21 sing N N 359 
VAL CG2 HG22 sing N N 360 
VAL CG2 HG23 sing N N 361 
VAL OXT HXT  sing N N 362 
# 
loop_
_pdbx_entity_nonpoly.entity_id 
_pdbx_entity_nonpoly.name 
_pdbx_entity_nonpoly.comp_id 
2 'MAGNESIUM ION' MG  
3 GLUTAMINE       GLN 
4 water           HOH 
# 
_pdbx_initial_refinement_model.id               1 
_pdbx_initial_refinement_model.entity_id_list   ? 
_pdbx_initial_refinement_model.type             'experimental model' 
_pdbx_initial_refinement_model.source_name      PDB 
_pdbx_initial_refinement_model.accession_code   2E7W 
_pdbx_initial_refinement_model.details          ? 
# 
